data_6C8N
# 
_entry.id   6C8N 
# 
_audit_conform.dict_name       mmcif_pdbx.dic 
_audit_conform.dict_version    5.391 
_audit_conform.dict_location   http://mmcif.pdb.org/dictionaries/ascii/mmcif_pdbx.dic 
# 
loop_
_database_2.database_id 
_database_2.database_code 
_database_2.pdbx_database_accession 
_database_2.pdbx_DOI 
PDB   6C8N         pdb_00006c8n 10.2210/pdb6c8n/pdb 
WWPDB D_1000232284 ?            ?                   
# 
loop_
_pdbx_audit_revision_history.ordinal 
_pdbx_audit_revision_history.data_content_type 
_pdbx_audit_revision_history.major_revision 
_pdbx_audit_revision_history.minor_revision 
_pdbx_audit_revision_history.revision_date 
1 'Structure model' 1 0 2018-05-30 
2 'Structure model' 1 1 2018-10-31 
3 'Structure model' 1 2 2019-11-20 
4 'Structure model' 1 3 2023-10-04 
5 'Structure model' 2 0 2024-05-01 
# 
_pdbx_audit_revision_details.ordinal             1 
_pdbx_audit_revision_details.revision_ordinal    1 
_pdbx_audit_revision_details.data_content_type   'Structure model' 
_pdbx_audit_revision_details.provider            repository 
_pdbx_audit_revision_details.type                'Initial release' 
_pdbx_audit_revision_details.description         ? 
_pdbx_audit_revision_details.details             ? 
# 
loop_
_pdbx_audit_revision_group.ordinal 
_pdbx_audit_revision_group.revision_ordinal 
_pdbx_audit_revision_group.data_content_type 
_pdbx_audit_revision_group.group 
1  2 'Structure model' 'Data collection'            
2  2 'Structure model' 'Database references'        
3  3 'Structure model' 'Author supporting evidence' 
4  4 'Structure model' 'Data collection'            
5  4 'Structure model' 'Database references'        
6  4 'Structure model' 'Derived calculations'       
7  4 'Structure model' 'Refinement description'     
8  5 'Structure model' 'Derived calculations'       
9  5 'Structure model' 'Non-polymer description'    
10 5 'Structure model' 'Structure summary'          
# 
loop_
_pdbx_audit_revision_category.ordinal 
_pdbx_audit_revision_category.revision_ordinal 
_pdbx_audit_revision_category.data_content_type 
_pdbx_audit_revision_category.category 
1  2 'Structure model' citation                      
2  2 'Structure model' citation_author               
3  3 'Structure model' pdbx_audit_support            
4  4 'Structure model' chem_comp_atom                
5  4 'Structure model' chem_comp_bond                
6  4 'Structure model' database_2                    
7  4 'Structure model' pdbx_initial_refinement_model 
8  4 'Structure model' pdbx_struct_conn_angle        
9  4 'Structure model' struct_conn                   
10 5 'Structure model' chem_comp                     
11 5 'Structure model' entity                        
12 5 'Structure model' pdbx_entity_nonpoly           
# 
loop_
_pdbx_audit_revision_item.ordinal 
_pdbx_audit_revision_item.revision_ordinal 
_pdbx_audit_revision_item.data_content_type 
_pdbx_audit_revision_item.item 
1  2 'Structure model' '_citation.page_first'                        
2  2 'Structure model' '_citation.pdbx_database_id_PubMed'           
3  2 'Structure model' '_citation.title'                             
4  2 'Structure model' '_citation_author.identifier_ORCID'           
5  3 'Structure model' '_pdbx_audit_support.funding_organization'    
6  4 'Structure model' '_database_2.pdbx_DOI'                        
7  4 'Structure model' '_database_2.pdbx_database_accession'         
8  4 'Structure model' '_pdbx_struct_conn_angle.ptnr1_auth_asym_id'  
9  4 'Structure model' '_pdbx_struct_conn_angle.ptnr1_auth_comp_id'  
10 4 'Structure model' '_pdbx_struct_conn_angle.ptnr1_auth_seq_id'   
11 4 'Structure model' '_pdbx_struct_conn_angle.ptnr1_label_alt_id'  
12 4 'Structure model' '_pdbx_struct_conn_angle.ptnr1_label_asym_id' 
13 4 'Structure model' '_pdbx_struct_conn_angle.ptnr1_label_atom_id' 
14 4 'Structure model' '_pdbx_struct_conn_angle.ptnr1_label_comp_id' 
15 4 'Structure model' '_pdbx_struct_conn_angle.ptnr1_label_seq_id'  
16 4 'Structure model' '_pdbx_struct_conn_angle.ptnr1_symmetry'      
17 4 'Structure model' '_pdbx_struct_conn_angle.ptnr2_auth_asym_id'  
18 4 'Structure model' '_pdbx_struct_conn_angle.ptnr2_auth_seq_id'   
19 4 'Structure model' '_pdbx_struct_conn_angle.ptnr2_label_asym_id' 
20 4 'Structure model' '_pdbx_struct_conn_angle.ptnr3_auth_asym_id'  
21 4 'Structure model' '_pdbx_struct_conn_angle.ptnr3_auth_comp_id'  
22 4 'Structure model' '_pdbx_struct_conn_angle.ptnr3_auth_seq_id'   
23 4 'Structure model' '_pdbx_struct_conn_angle.ptnr3_label_alt_id'  
24 4 'Structure model' '_pdbx_struct_conn_angle.ptnr3_label_asym_id' 
25 4 'Structure model' '_pdbx_struct_conn_angle.ptnr3_label_atom_id' 
26 4 'Structure model' '_pdbx_struct_conn_angle.ptnr3_label_comp_id' 
27 4 'Structure model' '_pdbx_struct_conn_angle.ptnr3_label_seq_id'  
28 4 'Structure model' '_pdbx_struct_conn_angle.ptnr3_symmetry'      
29 4 'Structure model' '_pdbx_struct_conn_angle.value'               
30 4 'Structure model' '_struct_conn.conn_type_id'                   
31 4 'Structure model' '_struct_conn.id'                             
32 4 'Structure model' '_struct_conn.pdbx_dist_value'                
33 4 'Structure model' '_struct_conn.pdbx_leaving_atom_flag'         
34 4 'Structure model' '_struct_conn.pdbx_ptnr1_label_alt_id'        
35 4 'Structure model' '_struct_conn.pdbx_ptnr2_label_alt_id'        
36 4 'Structure model' '_struct_conn.ptnr1_auth_asym_id'             
37 4 'Structure model' '_struct_conn.ptnr1_auth_comp_id'             
38 4 'Structure model' '_struct_conn.ptnr1_auth_seq_id'              
39 4 'Structure model' '_struct_conn.ptnr1_label_asym_id'            
40 4 'Structure model' '_struct_conn.ptnr1_label_atom_id'            
41 4 'Structure model' '_struct_conn.ptnr1_label_comp_id'            
42 4 'Structure model' '_struct_conn.ptnr1_label_seq_id'             
43 4 'Structure model' '_struct_conn.ptnr2_auth_asym_id'             
44 4 'Structure model' '_struct_conn.ptnr2_auth_comp_id'             
45 4 'Structure model' '_struct_conn.ptnr2_auth_seq_id'              
46 4 'Structure model' '_struct_conn.ptnr2_label_asym_id'            
47 4 'Structure model' '_struct_conn.ptnr2_label_atom_id'            
48 4 'Structure model' '_struct_conn.ptnr2_label_comp_id'            
49 4 'Structure model' '_struct_conn.ptnr2_label_seq_id'             
50 4 'Structure model' '_struct_conn.ptnr2_symmetry'                 
51 5 'Structure model' '_chem_comp.formula'                          
52 5 'Structure model' '_chem_comp.name'                             
53 5 'Structure model' '_entity.pdbx_description'                    
54 5 'Structure model' '_pdbx_entity_nonpoly.name'                   
# 
_pdbx_database_status.status_code                     REL 
_pdbx_database_status.status_code_sf                  REL 
_pdbx_database_status.status_code_mr                  ? 
_pdbx_database_status.entry_id                        6C8N 
_pdbx_database_status.recvd_initial_deposition_date   2018-01-25 
_pdbx_database_status.SG_entry                        N 
_pdbx_database_status.deposit_site                    RCSB 
_pdbx_database_status.process_site                    RCSB 
_pdbx_database_status.status_code_cs                  ? 
_pdbx_database_status.methods_development_category    ? 
_pdbx_database_status.pdb_format_compatible           Y 
_pdbx_database_status.status_code_nmr_data            ? 
# 
loop_
_audit_author.name 
_audit_author.pdbx_ordinal 
_audit_author.identifier_ORCID 
'Zhang, W.'     1 ? 
'Szostak, J.W.' 2 ? 
# 
_citation.abstract                  ? 
_citation.abstract_id_CAS           ? 
_citation.book_id_ISBN              ? 
_citation.book_publisher            ? 
_citation.book_publisher_city       ? 
_citation.book_title                ? 
_citation.coordinate_linkage        ? 
_citation.country                   US 
_citation.database_id_Medline       ? 
_citation.details                   ? 
_citation.id                        primary 
_citation.journal_abbrev            Elife 
_citation.journal_id_ASTM           ? 
_citation.journal_id_CSD            ? 
_citation.journal_id_ISSN           2050-084X 
_citation.journal_full              ? 
_citation.journal_issue             ? 
_citation.journal_volume            7 
_citation.language                  ? 
_citation.page_first                ? 
_citation.page_last                 ? 
_citation.title                     'Crystallographic observation of nonenzymatic RNA primer extension.' 
_citation.year                      2018 
_citation.database_id_CSD           ? 
_citation.pdbx_database_id_DOI      10.7554/eLife.36422 
_citation.pdbx_database_id_PubMed   29851379 
_citation.unpublished_flag          ? 
# 
loop_
_citation_author.citation_id 
_citation_author.name 
_citation_author.ordinal 
_citation_author.identifier_ORCID 
primary 'Zhang, W.'     1 0000-0003-4811-4384 
primary 'Walton, T.'    2 0000-0001-6812-1579 
primary 'Li, L.'        3 0000-0003-4766-5782 
primary 'Szostak, J.W.' 4 0000-0003-4131-1203 
# 
loop_
_entity.id 
_entity.type 
_entity.src_method 
_entity.pdbx_description 
_entity.formula_weight 
_entity.pdbx_number_of_molecules 
_entity.pdbx_ec 
_entity.pdbx_mutation 
_entity.pdbx_fragment 
_entity.details 
1 polymer     syn 
;RNA (5'-R(*(LCC)P*(LCC)P*(LCC)P*(LCG)P*AP*CP*UP*UP*AP*AP*GP*UP*CP*GP*G)-3')
;
4858.010 2  ? ? ? ? 
2 non-polymer syn "5'-O-[(R)-(2-amino-1H-imidazol-1-yl)(hydroxy)phosphoryl]guanosine" 428.297  2  ? ? ? ? 
3 non-polymer syn 
;2-amino-1-[(R)-{[(2R,3S,4R,5R)-5-(2-amino-6-oxo-1,6-dihydro-9H-purin-9-yl)-3,4-dihydroxyoxolan-2-yl]methoxy}(hydroxy)phosphoryl]-3-[(S)-{[(2R,3S,4R,5R)-5-(2-amino-6-oxo-1,6-dihydro-9H-purin-9-yl)-3,4-dihydroxyoxolan-2-yl]methoxy}(hydroxy)phosphoryl]-1H-imidazol-3-ium
;
774.511  2  ? ? ? ? 
4 non-polymer syn 'MAGNESIUM ION' 24.305   4  ? ? ? ? 
5 water       nat water 18.015   30 ? ? ? ? 
# 
_entity_poly.entity_id                      1 
_entity_poly.type                           polyribonucleotide 
_entity_poly.nstd_linkage                   no 
_entity_poly.nstd_monomer                   yes 
_entity_poly.pdbx_seq_one_letter_code       '(LCC)(LCC)(LCC)(LCG)ACUUAAGUCGG' 
_entity_poly.pdbx_seq_one_letter_code_can   NNNGACUUAAGUCGG 
_entity_poly.pdbx_strand_id                 A,B 
_entity_poly.pdbx_target_identifier         ? 
# 
loop_
_pdbx_entity_nonpoly.entity_id 
_pdbx_entity_nonpoly.name 
_pdbx_entity_nonpoly.comp_id 
2 "5'-O-[(R)-(2-amino-1H-imidazol-1-yl)(hydroxy)phosphoryl]guanosine" EQ4 
3 
;2-amino-1-[(R)-{[(2R,3S,4R,5R)-5-(2-amino-6-oxo-1,6-dihydro-9H-purin-9-yl)-3,4-dihydroxyoxolan-2-yl]methoxy}(hydroxy)phosphoryl]-3-[(S)-{[(2R,3S,4R,5R)-5-(2-amino-6-oxo-1,6-dihydro-9H-purin-9-yl)-3,4-dihydroxyoxolan-2-yl]methoxy}(hydroxy)phosphoryl]-1H-imidazol-3-ium
;
EQ1 
4 'MAGNESIUM ION' MG  
5 water HOH 
# 
loop_
_entity_poly_seq.entity_id 
_entity_poly_seq.num 
_entity_poly_seq.mon_id 
_entity_poly_seq.hetero 
1 1  LCC n 
1 2  LCC n 
1 3  LCC n 
1 4  LCG n 
1 5  A   n 
1 6  C   n 
1 7  U   n 
1 8  U   n 
1 9  A   n 
1 10 A   n 
1 11 G   n 
1 12 U   n 
1 13 C   n 
1 14 G   n 
1 15 G   n 
# 
_pdbx_entity_src_syn.entity_id              1 
_pdbx_entity_src_syn.pdbx_src_id            1 
_pdbx_entity_src_syn.pdbx_alt_source_flag   sample 
_pdbx_entity_src_syn.pdbx_beg_seq_num       1 
_pdbx_entity_src_syn.pdbx_end_seq_num       15 
_pdbx_entity_src_syn.organism_scientific    'synthetic construct' 
_pdbx_entity_src_syn.organism_common_name   ? 
_pdbx_entity_src_syn.ncbi_taxonomy_id       32630 
_pdbx_entity_src_syn.details                ? 
# 
loop_
_chem_comp.id 
_chem_comp.type 
_chem_comp.mon_nstd_flag 
_chem_comp.name 
_chem_comp.pdbx_synonyms 
_chem_comp.formula 
_chem_comp.formula_weight 
A   'RNA linking' y "ADENOSINE-5'-MONOPHOSPHATE" ? 'C10 H14 N5 O7 P'      347.221 
C   'RNA linking' y "CYTIDINE-5'-MONOPHOSPHATE" ? 'C9 H14 N3 O8 P'       323.197 
EQ1 non-polymer   . 
;2-amino-1-[(R)-{[(2R,3S,4R,5R)-5-(2-amino-6-oxo-1,6-dihydro-9H-purin-9-yl)-3,4-dihydroxyoxolan-2-yl]methoxy}(hydroxy)phosphoryl]-3-[(S)-{[(2R,3S,4R,5R)-5-(2-amino-6-oxo-1,6-dihydro-9H-purin-9-yl)-3,4-dihydroxyoxolan-2-yl]methoxy}(hydroxy)phosphoryl]-1H-imidazol-3-ium
;
? 'C23 H30 N13 O14 P2 1' 774.511 
EQ4 'RNA linking' n "5'-O-[(R)-(2-amino-1H-imidazol-1-yl)(hydroxy)phosphoryl]guanosine" ? 'C13 H17 N8 O7 P'      428.297 
G   'RNA linking' y "GUANOSINE-5'-MONOPHOSPHATE" ? 'C10 H14 N5 O8 P'      363.221 
HOH non-polymer   . WATER ? 'H2 O'                 18.015  
LCC 'RNA linking' . 
'[(1R,3R,4R,7S)-7-HYDROXY-3-(5-METHYLCYTOSIN-1-YL)-2,5-DIOXABICYCLO[2.2.1]HEPT-1-YL]METHYL DIHYDROGEN PHOSPHATE' ? 
'C11 H16 N3 O8 P'      349.234 
LCG 'RNA linking' n '[(1R,3R,4R,7S)-7-HYDROXY-3-(GUANIN-9-YL)-2,5-DIOXABICYCLO[2.2.1]HEPT-1-YL]METHYL DIHYDROGEN PHOSPHATE' ? 
'C11 H14 N5 O8 P'      375.231 
MG  non-polymer   . 'MAGNESIUM ION' ? 'Mg 2'                 24.305  
U   'RNA linking' y "URIDINE-5'-MONOPHOSPHATE" ? 'C9 H13 N2 O9 P'       324.181 
# 
loop_
_pdbx_poly_seq_scheme.asym_id 
_pdbx_poly_seq_scheme.entity_id 
_pdbx_poly_seq_scheme.seq_id 
_pdbx_poly_seq_scheme.mon_id 
_pdbx_poly_seq_scheme.ndb_seq_num 
_pdbx_poly_seq_scheme.pdb_seq_num 
_pdbx_poly_seq_scheme.auth_seq_num 
_pdbx_poly_seq_scheme.pdb_mon_id 
_pdbx_poly_seq_scheme.auth_mon_id 
_pdbx_poly_seq_scheme.pdb_strand_id 
_pdbx_poly_seq_scheme.pdb_ins_code 
_pdbx_poly_seq_scheme.hetero 
A 1 1  LCC 1  1  1  LCC LCC A . n 
A 1 2  LCC 2  2  2  LCC LCC A . n 
A 1 3  LCC 3  3  3  LCC LCC A . n 
A 1 4  LCG 4  4  4  LCG LCG A . n 
A 1 5  A   5  5  5  A   A   A . n 
A 1 6  C   6  6  6  C   C   A . n 
A 1 7  U   7  7  7  U   U   A . n 
A 1 8  U   8  8  8  U   U   A . n 
A 1 9  A   9  9  9  A   A   A . n 
A 1 10 A   10 10 10 A   A   A . n 
A 1 11 G   11 11 11 G   G   A . n 
A 1 12 U   12 12 12 U   U   A . n 
A 1 13 C   13 13 13 C   C   A . n 
A 1 14 G   14 14 14 G   G   A . n 
A 1 15 G   15 15 15 G   G   A . n 
B 1 1  LCC 1  1  1  LCC LCC B . n 
B 1 2  LCC 2  2  2  LCC LCC B . n 
B 1 3  LCC 3  3  3  LCC LCC B . n 
B 1 4  LCG 4  4  4  LCG LCG B . n 
B 1 5  A   5  5  5  A   A   B . n 
B 1 6  C   6  6  6  C   C   B . n 
B 1 7  U   7  7  7  U   U   B . n 
B 1 8  U   8  8  8  U   U   B . n 
B 1 9  A   9  9  9  A   A   B . n 
B 1 10 A   10 10 10 A   A   B . n 
B 1 11 G   11 11 11 G   G   B . n 
B 1 12 U   12 12 12 U   U   B . n 
B 1 13 C   13 13 13 C   C   B . n 
B 1 14 G   14 14 14 G   G   B . n 
B 1 15 G   15 15 15 G   G   B . n 
# 
loop_
_pdbx_nonpoly_scheme.asym_id 
_pdbx_nonpoly_scheme.entity_id 
_pdbx_nonpoly_scheme.mon_id 
_pdbx_nonpoly_scheme.ndb_seq_num 
_pdbx_nonpoly_scheme.pdb_seq_num 
_pdbx_nonpoly_scheme.auth_seq_num 
_pdbx_nonpoly_scheme.pdb_mon_id 
_pdbx_nonpoly_scheme.auth_mon_id 
_pdbx_nonpoly_scheme.pdb_strand_id 
_pdbx_nonpoly_scheme.pdb_ins_code 
C 2 EQ4 1  101 16 EQ4 NG  A . 
D 3 EQ1 1  102 1  EQ1 GIM A . 
E 4 MG  1  103 1  MG  MG  A . 
F 4 MG  1  104 2  MG  MG  A . 
G 4 MG  1  105 3  MG  MG  A . 
H 2 EQ4 1  101 16 EQ4 NG  B . 
I 3 EQ1 1  102 2  EQ1 GIM B . 
J 4 MG  1  103 4  MG  MG  B . 
K 5 HOH 1  201 12 HOH HOH A . 
K 5 HOH 2  202 18 HOH HOH A . 
K 5 HOH 3  203 25 HOH HOH A . 
K 5 HOH 4  204 4  HOH HOH A . 
K 5 HOH 5  205 19 HOH HOH A . 
K 5 HOH 6  206 15 HOH HOH A . 
K 5 HOH 7  207 13 HOH HOH A . 
K 5 HOH 8  208 6  HOH HOH A . 
K 5 HOH 9  209 8  HOH HOH A . 
K 5 HOH 10 210 30 HOH HOH A . 
K 5 HOH 11 211 24 HOH HOH A . 
K 5 HOH 12 212 1  HOH HOH A . 
K 5 HOH 13 213 28 HOH HOH A . 
K 5 HOH 14 214 22 HOH HOH A . 
K 5 HOH 15 215 10 HOH HOH A . 
K 5 HOH 16 216 20 HOH HOH A . 
K 5 HOH 17 217 21 HOH HOH A . 
L 5 HOH 1  201 11 HOH HOH B . 
L 5 HOH 2  202 27 HOH HOH B . 
L 5 HOH 3  203 5  HOH HOH B . 
L 5 HOH 4  204 7  HOH HOH B . 
L 5 HOH 5  205 9  HOH HOH B . 
L 5 HOH 6  206 17 HOH HOH B . 
L 5 HOH 7  207 23 HOH HOH B . 
L 5 HOH 8  208 14 HOH HOH B . 
L 5 HOH 9  209 29 HOH HOH B . 
L 5 HOH 10 210 3  HOH HOH B . 
L 5 HOH 11 211 2  HOH HOH B . 
L 5 HOH 12 212 16 HOH HOH B . 
L 5 HOH 13 213 26 HOH HOH B . 
# 
loop_
_software.citation_id 
_software.classification 
_software.compiler_name 
_software.compiler_version 
_software.contact_author 
_software.contact_author_email 
_software.date 
_software.description 
_software.dependencies 
_software.hardware 
_software.language 
_software.location 
_software.mods 
_software.name 
_software.os 
_software.os_version 
_software.type 
_software.version 
_software.pdbx_ordinal 
? refinement       ? ? ? ? ? ? ? ? ? ? ? REFMAC   ? ? ? 5.8.0158 1 
? 'data reduction' ? ? ? ? ? ? ? ? ? ? ? HKL-2000 ? ? ? .        2 
? 'data scaling'   ? ? ? ? ? ? ? ? ? ? ? HKL-2000 ? ? ? .        3 
? phasing          ? ? ? ? ? ? ? ? ? ? ? PHASER   ? ? ? .        4 
# 
_cell.angle_alpha                  90.00 
_cell.angle_alpha_esd              ? 
_cell.angle_beta                   90.00 
_cell.angle_beta_esd               ? 
_cell.angle_gamma                  120.00 
_cell.angle_gamma_esd              ? 
_cell.entry_id                     6C8N 
_cell.details                      ? 
_cell.formula_units_Z              ? 
_cell.length_a                     46.975 
_cell.length_a_esd                 ? 
_cell.length_b                     46.975 
_cell.length_b_esd                 ? 
_cell.length_c                     83.097 
_cell.length_c_esd                 ? 
_cell.volume                       ? 
_cell.volume_esd                   ? 
_cell.Z_PDB                        12 
_cell.reciprocal_angle_alpha       ? 
_cell.reciprocal_angle_beta        ? 
_cell.reciprocal_angle_gamma       ? 
_cell.reciprocal_angle_alpha_esd   ? 
_cell.reciprocal_angle_beta_esd    ? 
_cell.reciprocal_angle_gamma_esd   ? 
_cell.reciprocal_length_a          ? 
_cell.reciprocal_length_b          ? 
_cell.reciprocal_length_c          ? 
_cell.reciprocal_length_a_esd      ? 
_cell.reciprocal_length_b_esd      ? 
_cell.reciprocal_length_c_esd      ? 
_cell.pdbx_unique_axis             ? 
# 
_symmetry.entry_id                         6C8N 
_symmetry.cell_setting                     ? 
_symmetry.Int_Tables_number                150 
_symmetry.space_group_name_Hall            ? 
_symmetry.space_group_name_H-M             'P 3 2 1' 
_symmetry.pdbx_full_space_group_name_H-M   ? 
# 
_exptl.absorpt_coefficient_mu     ? 
_exptl.absorpt_correction_T_max   ? 
_exptl.absorpt_correction_T_min   ? 
_exptl.absorpt_correction_type    ? 
_exptl.absorpt_process_details    ? 
_exptl.entry_id                   6C8N 
_exptl.crystals_number            1 
_exptl.details                    ? 
_exptl.method                     'X-RAY DIFFRACTION' 
_exptl.method_details             ? 
# 
_exptl_crystal.colour                      ? 
_exptl_crystal.density_diffrn              ? 
_exptl_crystal.density_Matthews            2.73 
_exptl_crystal.density_method              ? 
_exptl_crystal.density_percent_sol         55.01 
_exptl_crystal.description                 ? 
_exptl_crystal.F_000                       ? 
_exptl_crystal.id                          1 
_exptl_crystal.preparation                 ? 
_exptl_crystal.size_max                    ? 
_exptl_crystal.size_mid                    ? 
_exptl_crystal.size_min                    ? 
_exptl_crystal.size_rad                    ? 
_exptl_crystal.colour_lustre               ? 
_exptl_crystal.colour_modifier             ? 
_exptl_crystal.colour_primary              ? 
_exptl_crystal.density_meas                ? 
_exptl_crystal.density_meas_esd            ? 
_exptl_crystal.density_meas_gt             ? 
_exptl_crystal.density_meas_lt             ? 
_exptl_crystal.density_meas_temp           ? 
_exptl_crystal.density_meas_temp_esd       ? 
_exptl_crystal.density_meas_temp_gt        ? 
_exptl_crystal.density_meas_temp_lt        ? 
_exptl_crystal.pdbx_crystal_image_url      ? 
_exptl_crystal.pdbx_crystal_image_format   ? 
_exptl_crystal.pdbx_mosaicity              ? 
_exptl_crystal.pdbx_mosaicity_esd          ? 
# 
_exptl_crystal_grow.apparatus       ? 
_exptl_crystal_grow.atmosphere      ? 
_exptl_crystal_grow.crystal_id      1 
_exptl_crystal_grow.details         ? 
_exptl_crystal_grow.method          'VAPOR DIFFUSION, HANGING DROP' 
_exptl_crystal_grow.method_ref      ? 
_exptl_crystal_grow.pH              7.0 
_exptl_crystal_grow.pressure        ? 
_exptl_crystal_grow.pressure_esd    ? 
_exptl_crystal_grow.seeding         ? 
_exptl_crystal_grow.seeding_ref     ? 
_exptl_crystal_grow.temp            291 
_exptl_crystal_grow.temp_details    ? 
_exptl_crystal_grow.temp_esd        ? 
_exptl_crystal_grow.time            ? 
_exptl_crystal_grow.pdbx_details    
;10% v/v (+/-)-2-Methyl-2,4-pentanediol, 0.040 M Sodium cacodylate trihydrate pH 7.0, 0.012 M Spermine tetrahydrochloride, 0.080 M Sodium chloride, 0.020 M Magnesium chloride
;
_exptl_crystal_grow.pdbx_pH_range   ? 
# 
_diffrn.ambient_environment    ? 
_diffrn.ambient_temp           99 
_diffrn.ambient_temp_details   ? 
_diffrn.ambient_temp_esd       ? 
_diffrn.crystal_id             1 
_diffrn.crystal_support        ? 
_diffrn.crystal_treatment      ? 
_diffrn.details                ? 
_diffrn.id                     1 
_diffrn.ambient_pressure       ? 
_diffrn.ambient_pressure_esd   ? 
_diffrn.ambient_pressure_gt    ? 
_diffrn.ambient_pressure_lt    ? 
_diffrn.ambient_temp_gt        ? 
_diffrn.ambient_temp_lt        ? 
# 
_diffrn_detector.details                      ? 
_diffrn_detector.detector                     CCD 
_diffrn_detector.diffrn_id                    1 
_diffrn_detector.type                         'MAR CCD 130 mm' 
_diffrn_detector.area_resol_mean              ? 
_diffrn_detector.dtime                        ? 
_diffrn_detector.pdbx_frames_total            ? 
_diffrn_detector.pdbx_collection_time_total   ? 
_diffrn_detector.pdbx_collection_date         2016-05-19 
# 
_diffrn_radiation.collimation                      ? 
_diffrn_radiation.diffrn_id                        1 
_diffrn_radiation.filter_edge                      ? 
_diffrn_radiation.inhomogeneity                    ? 
_diffrn_radiation.monochromator                    ? 
_diffrn_radiation.polarisn_norm                    ? 
_diffrn_radiation.polarisn_ratio                   ? 
_diffrn_radiation.probe                            ? 
_diffrn_radiation.type                             ? 
_diffrn_radiation.xray_symbol                      ? 
_diffrn_radiation.wavelength_id                    1 
_diffrn_radiation.pdbx_monochromatic_or_laue_m_l   M 
_diffrn_radiation.pdbx_wavelength_list             ? 
_diffrn_radiation.pdbx_wavelength                  ? 
_diffrn_radiation.pdbx_diffrn_protocol             'SINGLE WAVELENGTH' 
_diffrn_radiation.pdbx_analyzer                    ? 
_diffrn_radiation.pdbx_scattering_type             x-ray 
# 
_diffrn_radiation_wavelength.id           1 
_diffrn_radiation_wavelength.wavelength   1 
_diffrn_radiation_wavelength.wt           1.0 
# 
_diffrn_source.current                     ? 
_diffrn_source.details                     ? 
_diffrn_source.diffrn_id                   1 
_diffrn_source.power                       ? 
_diffrn_source.size                        ? 
_diffrn_source.source                      SYNCHROTRON 
_diffrn_source.target                      ? 
_diffrn_source.type                        'ALS BEAMLINE 8.2.2' 
_diffrn_source.voltage                     ? 
_diffrn_source.take-off_angle              ? 
_diffrn_source.pdbx_wavelength_list        1 
_diffrn_source.pdbx_wavelength             ? 
_diffrn_source.pdbx_synchrotron_beamline   8.2.2 
_diffrn_source.pdbx_synchrotron_site       ALS 
# 
_reflns.B_iso_Wilson_estimate            ? 
_reflns.entry_id                         6C8N 
_reflns.data_reduction_details           ? 
_reflns.data_reduction_method            ? 
_reflns.d_resolution_high                1.90 
_reflns.d_resolution_low                 50 
_reflns.details                          ? 
_reflns.limit_h_max                      ? 
_reflns.limit_h_min                      ? 
_reflns.limit_k_max                      ? 
_reflns.limit_k_min                      ? 
_reflns.limit_l_max                      ? 
_reflns.limit_l_min                      ? 
_reflns.number_all                       ? 
_reflns.number_obs                       8006 
_reflns.observed_criterion               ? 
_reflns.observed_criterion_F_max         ? 
_reflns.observed_criterion_F_min         ? 
_reflns.observed_criterion_I_max         ? 
_reflns.observed_criterion_I_min         ? 
_reflns.observed_criterion_sigma_F       ? 
_reflns.observed_criterion_sigma_I       ? 
_reflns.percent_possible_obs             91.6 
_reflns.R_free_details                   ? 
_reflns.Rmerge_F_all                     ? 
_reflns.Rmerge_F_obs                     ? 
_reflns.Friedel_coverage                 ? 
_reflns.number_gt                        ? 
_reflns.threshold_expression             ? 
_reflns.pdbx_redundancy                  9.0 
_reflns.pdbx_Rmerge_I_obs                0.079 
_reflns.pdbx_Rmerge_I_all                ? 
_reflns.pdbx_Rsym_value                  ? 
_reflns.pdbx_netI_over_av_sigmaI         ? 
_reflns.pdbx_netI_over_sigmaI            24.5 
_reflns.pdbx_res_netI_over_av_sigmaI_2   ? 
_reflns.pdbx_res_netI_over_sigmaI_2      ? 
_reflns.pdbx_chi_squared                 0.776 
_reflns.pdbx_scaling_rejects             ? 
_reflns.pdbx_d_res_high_opt              ? 
_reflns.pdbx_d_res_low_opt               ? 
_reflns.pdbx_d_res_opt_method            ? 
_reflns.phase_calculation_details        ? 
_reflns.pdbx_Rrim_I_all                  0.083 
_reflns.pdbx_Rpim_I_all                  0.027 
_reflns.pdbx_d_opt                       ? 
_reflns.pdbx_number_measured_all         ? 
_reflns.pdbx_diffrn_id                   1 
_reflns.pdbx_ordinal                     1 
_reflns.pdbx_CC_half                     0.966 
_reflns.pdbx_R_split                     ? 
# 
_reflns_shell.d_res_high                  1.90 
_reflns_shell.d_res_low                   1.97 
_reflns_shell.meanI_over_sigI_all         ? 
_reflns_shell.meanI_over_sigI_obs         1.35 
_reflns_shell.number_measured_all         ? 
_reflns_shell.number_measured_obs         ? 
_reflns_shell.number_possible             ? 
_reflns_shell.number_unique_all           ? 
_reflns_shell.number_unique_obs           402 
_reflns_shell.percent_possible_all        47.2 
_reflns_shell.percent_possible_obs        ? 
_reflns_shell.Rmerge_F_all                ? 
_reflns_shell.Rmerge_F_obs                ? 
_reflns_shell.Rmerge_I_all                ? 
_reflns_shell.Rmerge_I_obs                0.567 
_reflns_shell.meanI_over_sigI_gt          ? 
_reflns_shell.meanI_over_uI_all           ? 
_reflns_shell.meanI_over_uI_gt            ? 
_reflns_shell.number_measured_gt          ? 
_reflns_shell.number_unique_gt            ? 
_reflns_shell.percent_possible_gt         ? 
_reflns_shell.Rmerge_F_gt                 ? 
_reflns_shell.Rmerge_I_gt                 ? 
_reflns_shell.pdbx_redundancy             5.1 
_reflns_shell.pdbx_Rsym_value             ? 
_reflns_shell.pdbx_chi_squared            0.783 
_reflns_shell.pdbx_netI_over_sigmaI_all   ? 
_reflns_shell.pdbx_netI_over_sigmaI_obs   ? 
_reflns_shell.pdbx_Rrim_I_all             0.617 
_reflns_shell.pdbx_Rpim_I_all             0.236 
_reflns_shell.pdbx_rejects                ? 
_reflns_shell.pdbx_ordinal                1 
_reflns_shell.pdbx_diffrn_id              1 
_reflns_shell.pdbx_CC_half                0.868 
_reflns_shell.pdbx_R_split                ? 
# 
_refine.aniso_B[1][1]                            0.00 
_refine.aniso_B[1][2]                            0.00 
_refine.aniso_B[1][3]                            0.00 
_refine.aniso_B[2][2]                            0.00 
_refine.aniso_B[2][3]                            0.00 
_refine.aniso_B[3][3]                            -0.02 
_refine.B_iso_max                                ? 
_refine.B_iso_mean                               38.258 
_refine.B_iso_min                                ? 
_refine.correlation_coeff_Fo_to_Fc               0.949 
_refine.correlation_coeff_Fo_to_Fc_free          0.930 
_refine.details                                  'HYDROGENS HAVE BEEN ADDED IN THE RIDING POSITIONS' 
_refine.diff_density_max                         ? 
_refine.diff_density_max_esd                     ? 
_refine.diff_density_min                         ? 
_refine.diff_density_min_esd                     ? 
_refine.diff_density_rms                         ? 
_refine.diff_density_rms_esd                     ? 
_refine.entry_id                                 6C8N 
_refine.pdbx_refine_id                           'X-RAY DIFFRACTION' 
_refine.ls_abs_structure_details                 ? 
_refine.ls_abs_structure_Flack                   ? 
_refine.ls_abs_structure_Flack_esd               ? 
_refine.ls_abs_structure_Rogers                  ? 
_refine.ls_abs_structure_Rogers_esd              ? 
_refine.ls_d_res_high                            1.90 
_refine.ls_d_res_low                             50 
_refine.ls_extinction_coef                       ? 
_refine.ls_extinction_coef_esd                   ? 
_refine.ls_extinction_expression                 ? 
_refine.ls_extinction_method                     ? 
_refine.ls_goodness_of_fit_all                   ? 
_refine.ls_goodness_of_fit_all_esd               ? 
_refine.ls_goodness_of_fit_obs                   ? 
_refine.ls_goodness_of_fit_obs_esd               ? 
_refine.ls_hydrogen_treatment                    ? 
_refine.ls_matrix_type                           ? 
_refine.ls_number_constraints                    ? 
_refine.ls_number_parameters                     ? 
_refine.ls_number_reflns_all                     ? 
_refine.ls_number_reflns_obs                     7516 
_refine.ls_number_reflns_R_free                  405 
_refine.ls_number_reflns_R_work                  ? 
_refine.ls_number_restraints                     ? 
_refine.ls_percent_reflns_obs                    90.26 
_refine.ls_percent_reflns_R_free                 5.1 
_refine.ls_R_factor_all                          ? 
_refine.ls_R_factor_obs                          0.24923 
_refine.ls_R_factor_R_free                       0.30635 
_refine.ls_R_factor_R_free_error                 ? 
_refine.ls_R_factor_R_free_error_details         ? 
_refine.ls_R_factor_R_work                       0.24586 
_refine.ls_R_Fsqd_factor_obs                     ? 
_refine.ls_R_I_factor_obs                        ? 
_refine.ls_redundancy_reflns_all                 ? 
_refine.ls_redundancy_reflns_obs                 ? 
_refine.ls_restrained_S_all                      ? 
_refine.ls_restrained_S_obs                      ? 
_refine.ls_shift_over_esd_max                    ? 
_refine.ls_shift_over_esd_mean                   ? 
_refine.ls_structure_factor_coef                 ? 
_refine.ls_weighting_details                     ? 
_refine.ls_weighting_scheme                      ? 
_refine.ls_wR_factor_all                         ? 
_refine.ls_wR_factor_obs                         ? 
_refine.ls_wR_factor_R_free                      ? 
_refine.ls_wR_factor_R_work                      ? 
_refine.occupancy_max                            ? 
_refine.occupancy_min                            ? 
_refine.solvent_model_details                    ? 
_refine.solvent_model_param_bsol                 ? 
_refine.solvent_model_param_ksol                 ? 
_refine.ls_R_factor_gt                           ? 
_refine.ls_goodness_of_fit_gt                    ? 
_refine.ls_goodness_of_fit_ref                   ? 
_refine.ls_shift_over_su_max                     ? 
_refine.ls_shift_over_su_max_lt                  ? 
_refine.ls_shift_over_su_mean                    ? 
_refine.ls_shift_over_su_mean_lt                 ? 
_refine.pdbx_ls_sigma_I                          ? 
_refine.pdbx_ls_sigma_F                          ? 
_refine.pdbx_ls_sigma_Fsqd                       ? 
_refine.pdbx_data_cutoff_high_absF               ? 
_refine.pdbx_data_cutoff_high_rms_absF           ? 
_refine.pdbx_data_cutoff_low_absF                ? 
_refine.pdbx_isotropic_thermal_model             ? 
_refine.pdbx_ls_cross_valid_method               THROUGHOUT 
_refine.pdbx_method_to_determine_struct          'MOLECULAR REPLACEMENT' 
_refine.pdbx_starting_model                      5dhc 
_refine.pdbx_stereochemistry_target_values       ? 
_refine.pdbx_R_Free_selection_details            RANDOM 
_refine.pdbx_stereochem_target_val_spec_case     ? 
_refine.pdbx_overall_ESU_R                       0.222 
_refine.pdbx_overall_ESU_R_Free                  0.205 
_refine.pdbx_solvent_vdw_probe_radii             1.20 
_refine.pdbx_solvent_ion_probe_radii             0.80 
_refine.pdbx_solvent_shrinkage_radii             0.80 
_refine.pdbx_real_space_R                        ? 
_refine.pdbx_density_correlation                 ? 
_refine.pdbx_pd_number_of_powder_patterns        ? 
_refine.pdbx_pd_number_of_points                 ? 
_refine.pdbx_pd_meas_number_of_points            ? 
_refine.pdbx_pd_proc_ls_prof_R_factor            ? 
_refine.pdbx_pd_proc_ls_prof_wR_factor           ? 
_refine.pdbx_pd_Marquardt_correlation_coeff      ? 
_refine.pdbx_pd_Fsqrd_R_factor                   ? 
_refine.pdbx_pd_ls_matrix_band_width             ? 
_refine.pdbx_overall_phase_error                 ? 
_refine.pdbx_overall_SU_R_free_Cruickshank_DPI   ? 
_refine.pdbx_overall_SU_R_free_Blow_DPI          ? 
_refine.pdbx_overall_SU_R_Blow_DPI               ? 
_refine.pdbx_TLS_residual_ADP_flag               ? 
_refine.pdbx_diffrn_id                           1 
_refine.overall_SU_B                             6.213 
_refine.overall_SU_ML                            0.168 
_refine.overall_SU_R_Cruickshank_DPI             ? 
_refine.overall_SU_R_free                        ? 
_refine.overall_FOM_free_R_set                   ? 
_refine.overall_FOM_work_R_set                   ? 
_refine.pdbx_average_fsc_overall                 ? 
_refine.pdbx_average_fsc_work                    ? 
_refine.pdbx_average_fsc_free                    ? 
# 
_refine_hist.pdbx_refine_id                   'X-RAY DIFFRACTION' 
_refine_hist.cycle_id                         1 
_refine_hist.pdbx_number_atoms_protein        0 
_refine_hist.pdbx_number_atoms_nucleic_acid   644 
_refine_hist.pdbx_number_atoms_ligand         166 
_refine_hist.number_atoms_solvent             30 
_refine_hist.number_atoms_total               840 
_refine_hist.d_res_high                       1.90 
_refine_hist.d_res_low                        50 
# 
loop_
_refine_ls_restr.pdbx_refine_id 
_refine_ls_restr.criterion 
_refine_ls_restr.dev_ideal 
_refine_ls_restr.dev_ideal_target 
_refine_ls_restr.number 
_refine_ls_restr.rejects 
_refine_ls_restr.type 
_refine_ls_restr.weight 
_refine_ls_restr.pdbx_restraint_function 
'X-RAY DIFFRACTION' ? 0.025 0.017  896  ? r_bond_refined_d             ? ? 
'X-RAY DIFFRACTION' ? 0.066 0.024  360  ? r_bond_other_d               ? ? 
'X-RAY DIFFRACTION' ? 2.660 2.035  1390 ? r_angle_refined_deg          ? ? 
'X-RAY DIFFRACTION' ? 4.100 3.235  890  ? r_angle_other_deg            ? ? 
'X-RAY DIFFRACTION' ? ?     ?      ?    ? r_dihedral_angle_1_deg       ? ? 
'X-RAY DIFFRACTION' ? ?     ?      ?    ? r_dihedral_angle_2_deg       ? ? 
'X-RAY DIFFRACTION' ? ?     ?      ?    ? r_dihedral_angle_3_deg       ? ? 
'X-RAY DIFFRACTION' ? ?     ?      ?    ? r_dihedral_angle_4_deg       ? ? 
'X-RAY DIFFRACTION' ? 0.181 0.200  156  ? r_chiral_restr               ? ? 
'X-RAY DIFFRACTION' ? 0.012 0.020  446  ? r_gen_planes_refined         ? ? 
'X-RAY DIFFRACTION' ? 0.002 0.020  144  ? r_gen_planes_other           ? ? 
'X-RAY DIFFRACTION' ? ?     ?      ?    ? r_nbd_refined                ? ? 
'X-RAY DIFFRACTION' ? ?     ?      ?    ? r_nbd_other                  ? ? 
'X-RAY DIFFRACTION' ? ?     ?      ?    ? r_nbtor_refined              ? ? 
'X-RAY DIFFRACTION' ? ?     ?      ?    ? r_nbtor_other                ? ? 
'X-RAY DIFFRACTION' ? ?     ?      ?    ? r_xyhbond_nbd_refined        ? ? 
'X-RAY DIFFRACTION' ? ?     ?      ?    ? r_xyhbond_nbd_other          ? ? 
'X-RAY DIFFRACTION' ? ?     ?      ?    ? r_metal_ion_refined          ? ? 
'X-RAY DIFFRACTION' ? ?     ?      ?    ? r_metal_ion_other            ? ? 
'X-RAY DIFFRACTION' ? ?     ?      ?    ? r_symmetry_vdw_refined       ? ? 
'X-RAY DIFFRACTION' ? ?     ?      ?    ? r_symmetry_vdw_other         ? ? 
'X-RAY DIFFRACTION' ? ?     ?      ?    ? r_symmetry_hbond_refined     ? ? 
'X-RAY DIFFRACTION' ? ?     ?      ?    ? r_symmetry_hbond_other       ? ? 
'X-RAY DIFFRACTION' ? ?     ?      ?    ? r_symmetry_metal_ion_refined ? ? 
'X-RAY DIFFRACTION' ? ?     ?      ?    ? r_symmetry_metal_ion_other   ? ? 
'X-RAY DIFFRACTION' ? ?     ?      ?    ? r_mcbond_it                  ? ? 
'X-RAY DIFFRACTION' ? ?     ?      ?    ? r_mcbond_other               ? ? 
'X-RAY DIFFRACTION' ? ?     ?      ?    ? r_mcangle_it                 ? ? 
'X-RAY DIFFRACTION' ? ?     ?      ?    ? r_mcangle_other              ? ? 
'X-RAY DIFFRACTION' ? 3.075 4.185  894  ? r_scbond_it                  ? ? 
'X-RAY DIFFRACTION' ? 3.074 4.185  895  ? r_scbond_other               ? ? 
'X-RAY DIFFRACTION' ? ?     ?      ?    ? r_scangle_it                 ? ? 
'X-RAY DIFFRACTION' ? 4.318 6.277  1391 ? r_scangle_other              ? ? 
'X-RAY DIFFRACTION' ? 4.799 38.225 1309 ? r_long_range_B_refined       ? ? 
'X-RAY DIFFRACTION' ? 4.786 38.097 1301 ? r_long_range_B_other         ? ? 
'X-RAY DIFFRACTION' ? ?     ?      ?    ? r_rigid_bond_restr           ? ? 
'X-RAY DIFFRACTION' ? ?     ?      ?    ? r_sphericity_free            ? ? 
'X-RAY DIFFRACTION' ? ?     ?      ?    ? r_sphericity_bonded          ? ? 
# 
_refine_ls_shell.pdbx_refine_id                   'X-RAY DIFFRACTION' 
_refine_ls_shell.d_res_high                       1.904 
_refine_ls_shell.d_res_low                        1.954 
_refine_ls_shell.number_reflns_all                ? 
_refine_ls_shell.number_reflns_obs                ? 
_refine_ls_shell.number_reflns_R_free             9 
_refine_ls_shell.number_reflns_R_work             259 
_refine_ls_shell.percent_reflns_obs               43.09 
_refine_ls_shell.percent_reflns_R_free            ? 
_refine_ls_shell.R_factor_all                     ? 
_refine_ls_shell.R_factor_obs                     ? 
_refine_ls_shell.R_factor_R_free                  0.456 
_refine_ls_shell.R_factor_R_free_error            ? 
_refine_ls_shell.R_factor_R_work                  0.352 
_refine_ls_shell.redundancy_reflns_all            ? 
_refine_ls_shell.redundancy_reflns_obs            ? 
_refine_ls_shell.wR_factor_all                    ? 
_refine_ls_shell.wR_factor_obs                    ? 
_refine_ls_shell.wR_factor_R_free                 ? 
_refine_ls_shell.wR_factor_R_work                 ? 
_refine_ls_shell.pdbx_total_number_of_bins_used   20 
_refine_ls_shell.pdbx_phase_error                 ? 
_refine_ls_shell.pdbx_fsc_work                    ? 
_refine_ls_shell.pdbx_fsc_free                    ? 
# 
_struct.entry_id                     6C8N 
_struct.title                        'RNA-activated 2-AIpG monomer complex, 2h soaking' 
_struct.pdbx_model_details           ? 
_struct.pdbx_formula_weight          ? 
_struct.pdbx_formula_weight_method   ? 
_struct.pdbx_model_type_details      ? 
_struct.pdbx_CASP_flag               N 
# 
_struct_keywords.entry_id        6C8N 
_struct_keywords.text            'RNA, activated monomer' 
_struct_keywords.pdbx_keywords   RNA 
# 
loop_
_struct_asym.id 
_struct_asym.pdbx_blank_PDB_chainid_flag 
_struct_asym.pdbx_modified 
_struct_asym.entity_id 
_struct_asym.details 
A N N 1 ? 
B N N 1 ? 
C N N 2 ? 
D N N 3 ? 
E N N 4 ? 
F N N 4 ? 
G N N 4 ? 
H N N 2 ? 
I N N 3 ? 
J N N 4 ? 
K N N 5 ? 
L N N 5 ? 
# 
_struct_ref.id                         1 
_struct_ref.db_name                    PDB 
_struct_ref.db_code                    6C8N 
_struct_ref.pdbx_db_accession          6C8N 
_struct_ref.pdbx_db_isoform            ? 
_struct_ref.entity_id                  1 
_struct_ref.pdbx_seq_one_letter_code   ? 
_struct_ref.pdbx_align_begin           1 
# 
loop_
_struct_ref_seq.align_id 
_struct_ref_seq.ref_id 
_struct_ref_seq.pdbx_PDB_id_code 
_struct_ref_seq.pdbx_strand_id 
_struct_ref_seq.seq_align_beg 
_struct_ref_seq.pdbx_seq_align_beg_ins_code 
_struct_ref_seq.seq_align_end 
_struct_ref_seq.pdbx_seq_align_end_ins_code 
_struct_ref_seq.pdbx_db_accession 
_struct_ref_seq.db_align_beg 
_struct_ref_seq.pdbx_db_align_beg_ins_code 
_struct_ref_seq.db_align_end 
_struct_ref_seq.pdbx_db_align_end_ins_code 
_struct_ref_seq.pdbx_auth_seq_align_beg 
_struct_ref_seq.pdbx_auth_seq_align_end 
1 1 6C8N A 1 ? 15 ? 6C8N 1 ? 15 ? 1 15 
2 1 6C8N B 1 ? 15 ? 6C8N 1 ? 15 ? 1 15 
# 
_pdbx_struct_assembly.id                   1 
_pdbx_struct_assembly.details              author_defined_assembly 
_pdbx_struct_assembly.method_details       ? 
_pdbx_struct_assembly.oligomeric_details   dimeric 
_pdbx_struct_assembly.oligomeric_count     2 
# 
_pdbx_struct_assembly_gen.assembly_id       1 
_pdbx_struct_assembly_gen.oper_expression   1 
_pdbx_struct_assembly_gen.asym_id_list      A,B,C,D,E,F,G,H,I,J,K,L 
# 
_pdbx_struct_assembly_auth_evidence.id                     1 
_pdbx_struct_assembly_auth_evidence.assembly_id            1 
_pdbx_struct_assembly_auth_evidence.experimental_support   none 
_pdbx_struct_assembly_auth_evidence.details                ? 
# 
_pdbx_struct_oper_list.id                   1 
_pdbx_struct_oper_list.type                 'identity operation' 
_pdbx_struct_oper_list.name                 1_555 
_pdbx_struct_oper_list.symmetry_operation   x,y,z 
_pdbx_struct_oper_list.matrix[1][1]         1.0000000000 
_pdbx_struct_oper_list.matrix[1][2]         0.0000000000 
_pdbx_struct_oper_list.matrix[1][3]         0.0000000000 
_pdbx_struct_oper_list.vector[1]            0.0000000000 
_pdbx_struct_oper_list.matrix[2][1]         0.0000000000 
_pdbx_struct_oper_list.matrix[2][2]         1.0000000000 
_pdbx_struct_oper_list.matrix[2][3]         0.0000000000 
_pdbx_struct_oper_list.vector[2]            0.0000000000 
_pdbx_struct_oper_list.matrix[3][1]         0.0000000000 
_pdbx_struct_oper_list.matrix[3][2]         0.0000000000 
_pdbx_struct_oper_list.matrix[3][3]         1.0000000000 
_pdbx_struct_oper_list.vector[3]            0.0000000000 
# 
loop_
_struct_conn.id 
_struct_conn.conn_type_id 
_struct_conn.pdbx_leaving_atom_flag 
_struct_conn.pdbx_PDB_id 
_struct_conn.ptnr1_label_asym_id 
_struct_conn.ptnr1_label_comp_id 
_struct_conn.ptnr1_label_seq_id 
_struct_conn.ptnr1_label_atom_id 
_struct_conn.pdbx_ptnr1_label_alt_id 
_struct_conn.pdbx_ptnr1_PDB_ins_code 
_struct_conn.pdbx_ptnr1_standard_comp_id 
_struct_conn.ptnr1_symmetry 
_struct_conn.ptnr2_label_asym_id 
_struct_conn.ptnr2_label_comp_id 
_struct_conn.ptnr2_label_seq_id 
_struct_conn.ptnr2_label_atom_id 
_struct_conn.pdbx_ptnr2_label_alt_id 
_struct_conn.pdbx_ptnr2_PDB_ins_code 
_struct_conn.ptnr1_auth_asym_id 
_struct_conn.ptnr1_auth_comp_id 
_struct_conn.ptnr1_auth_seq_id 
_struct_conn.ptnr2_auth_asym_id 
_struct_conn.ptnr2_auth_comp_id 
_struct_conn.ptnr2_auth_seq_id 
_struct_conn.ptnr2_symmetry 
_struct_conn.pdbx_ptnr3_label_atom_id 
_struct_conn.pdbx_ptnr3_label_seq_id 
_struct_conn.pdbx_ptnr3_label_comp_id 
_struct_conn.pdbx_ptnr3_label_asym_id 
_struct_conn.pdbx_ptnr3_label_alt_id 
_struct_conn.pdbx_ptnr3_PDB_ins_code 
_struct_conn.details 
_struct_conn.pdbx_dist_value 
_struct_conn.pdbx_value_order 
_struct_conn.pdbx_role 
covale1  covale both ? A LCC 1  "O3'" ? ? ? 1_555 A LCC 2  P   ? ? A LCC 1   A LCC 2   1_555 ? ? ? ? ? ? ?            1.675 ? ? 
covale2  covale both ? A LCC 2  "O3'" ? ? ? 1_555 A LCC 3  P   ? ? A LCC 2   A LCC 3   1_555 ? ? ? ? ? ? ?            1.682 ? ? 
covale3  covale both ? A LCC 3  "O3'" ? ? ? 1_555 A LCG 4  P   ? ? A LCC 3   A LCG 4   1_555 ? ? ? ? ? ? ?            1.663 ? ? 
covale4  covale both ? A LCG 4  "O3'" ? ? ? 1_555 A A   5  P   ? ? A LCG 4   A A   5   1_555 ? ? ? ? ? ? ?            1.619 ? ? 
covale5  covale one  ? A G   15 P     A ? ? 1_555 D EQ1 .  O2A B ? A G   15  A EQ1 102 1_555 ? ? ? ? ? ? ?            1.536 ? ? 
covale6  covale none ? A G   15 "C4'" A ? ? 1_555 D EQ1 .  C4D B ? A G   15  A EQ1 102 1_555 ? ? ? ? ? ? ?            1.218 ? ? 
covale7  covale none ? A G   15 "C4'" A ? ? 1_555 D EQ1 .  O4D B ? A G   15  A EQ1 102 1_555 ? ? ? ? ? ? ?            1.169 ? ? 
covale8  covale none ? A G   15 "C3'" A ? ? 1_555 D EQ1 .  C2D B ? A G   15  A EQ1 102 1_555 ? ? ? ? ? ? ?            1.428 ? ? 
covale9  covale none ? A G   15 "C3'" A ? ? 1_555 D EQ1 .  C4D B ? A G   15  A EQ1 102 1_555 ? ? ? ? ? ? ?            1.079 ? ? 
covale10 covale none ? A G   15 "C2'" A ? ? 1_555 D EQ1 .  C1D B ? A G   15  A EQ1 102 1_555 ? ? ? ? ? ? ?            1.635 ? ? 
covale11 covale none ? A G   15 "C2'" A ? ? 1_555 D EQ1 .  O2D B ? A G   15  A EQ1 102 1_555 ? ? ? ? ? ? ?            1.103 ? ? 
covale12 covale none ? A G   15 "C1'" A ? ? 1_555 D EQ1 .  C2D B ? A G   15  A EQ1 102 1_555 ? ? ? ? ? ? ?            1.496 ? ? 
covale13 covale none ? A G   15 N9    A ? ? 1_555 D EQ1 .  C1D B ? A G   15  A EQ1 102 1_555 ? ? ? ? ? ? ?            1.487 ? ? 
covale14 covale none ? A G   15 C8    A ? ? 1_555 D EQ1 .  C4A B ? A G   15  A EQ1 102 1_555 ? ? ? ? ? ? ?            1.544 ? ? 
covale15 covale none ? A G   15 C8    A ? ? 1_555 D EQ1 .  N7A B ? A G   15  A EQ1 102 1_555 ? ? ? ? ? ? ?            1.265 ? ? 
covale16 covale none ? A G   15 C5    A ? ? 1_555 D EQ1 .  C4A B ? A G   15  A EQ1 102 1_555 ? ? ? ? ? ? ?            1.200 ? ? 
covale17 covale none ? A G   15 C5    A ? ? 1_555 D EQ1 .  C6A B ? A G   15  A EQ1 102 1_555 ? ? ? ? ? ? ?            1.134 ? ? 
covale18 covale none ? A G   15 O6    A ? ? 1_555 D EQ1 .  C6A B ? A G   15  A EQ1 102 1_555 ? ? ? ? ? ? ?            1.371 ? ? 
covale19 covale none ? A G   15 N3    A ? ? 1_555 D EQ1 .  C2A B ? A G   15  A EQ1 102 1_555 ? ? ? ? ? ? ?            1.349 ? ? 
covale20 covale none ? C EQ4 .  P1    A ? ? 1_555 I EQ1 .  O2G B ? A EQ4 101 B EQ1 102 1_555 ? ? ? ? ? ? ?            1.646 ? ? 
covale21 covale none ? C EQ4 .  P1    A ? ? 1_555 I EQ1 .  PG  B ? A EQ4 101 B EQ1 102 1_555 ? ? ? ? ? ? ?            2.214 ? ? 
covale22 covale none ? C EQ4 .  C1    A ? ? 1_555 I EQ1 .  C4E B ? A EQ4 101 B EQ1 102 1_555 ? ? ? ? ? ? ?            1.458 ? ? 
covale23 covale none ? C EQ4 .  C2    A ? ? 1_555 I EQ1 .  C5E B ? A EQ4 101 B EQ1 102 1_555 ? ? ? ? ? ? ?            1.439 ? ? 
covale24 covale none ? C EQ4 .  C2    A ? ? 1_555 I EQ1 .  O4E B ? A EQ4 101 B EQ1 102 1_555 ? ? ? ? ? ? ?            1.206 ? ? 
covale25 covale none ? C EQ4 .  C3    A ? ? 1_555 I EQ1 .  C2E B ? A EQ4 101 B EQ1 102 1_555 ? ? ? ? ? ? ?            1.602 ? ? 
covale26 covale none ? C EQ4 .  C3    A ? ? 1_555 I EQ1 .  C3E B ? A EQ4 101 B EQ1 102 1_555 ? ? ? ? ? ? ?            1.104 ? ? 
covale27 covale none ? C EQ4 .  C3    A ? ? 1_555 I EQ1 .  C4E B ? A EQ4 101 B EQ1 102 1_555 ? ? ? ? ? ? ?            1.630 ? ? 
covale28 covale none ? C EQ4 .  C4    A ? ? 1_555 I EQ1 .  N9B B ? A EQ4 101 B EQ1 102 1_555 ? ? ? ? ? ? ?            1.446 ? ? 
covale29 covale none ? C EQ4 .  C4    A ? ? 1_555 I EQ1 .  C2E B ? A EQ4 101 B EQ1 102 1_555 ? ? ? ? ? ? ?            1.099 ? ? 
covale30 covale none ? C EQ4 .  O6    A ? ? 1_555 I EQ1 .  C1E B ? A EQ4 101 B EQ1 102 1_555 ? ? ? ? ? ? ?            1.216 ? ? 
covale31 covale none ? C EQ4 .  C5    A ? ? 1_555 I EQ1 .  C1E B ? A EQ4 101 B EQ1 102 1_555 ? ? ? ? ? ? ?            1.245 ? ? 
covale32 covale none ? C EQ4 .  C5    A ? ? 1_555 I EQ1 .  C8B B ? A EQ4 101 B EQ1 102 1_555 ? ? ? ? ? ? ?            1.298 ? ? 
covale33 covale none ? C EQ4 .  C6    A ? ? 1_555 I EQ1 .  N2B B ? A EQ4 101 B EQ1 102 1_555 ? ? ? ? ? ? ?            1.584 ? ? 
covale34 covale none ? C EQ4 .  N3    A ? ? 1_555 I EQ1 .  C4B B ? A EQ4 101 B EQ1 102 1_555 ? ? ? ? ? ? ?            1.211 ? ? 
covale35 covale none ? C EQ4 .  C7    A ? ? 1_555 I EQ1 .  C6B B ? A EQ4 101 B EQ1 102 1_555 ? ? ? ? ? ? ?            1.421 ? ? 
covale36 covale none ? C EQ4 .  C8    A ? ? 1_555 I EQ1 .  C5B B ? A EQ4 101 B EQ1 102 1_555 ? ? ? ? ? ? ?            1.086 ? ? 
covale37 covale none ? C EQ4 .  C8    A ? ? 1_555 I EQ1 .  O6B B ? A EQ4 101 B EQ1 102 1_555 ? ? ? ? ? ? ?            1.199 ? ? 
covale38 covale none ? C EQ4 .  N4    A ? ? 1_555 I EQ1 .  N7B B ? A EQ4 101 B EQ1 102 1_555 ? ? ? ? ? ? ?            1.294 ? ? 
covale39 covale none ? C EQ4 .  C10   A ? ? 1_555 I EQ1 .  C8B B ? A EQ4 101 B EQ1 102 1_555 ? ? ? ? ? ? ?            1.367 ? ? 
covale40 covale none ? C EQ4 .  N5    A ? ? 1_555 I EQ1 .  C4B B ? A EQ4 101 B EQ1 102 1_555 ? ? ? ? ? ? ?            1.400 ? ? 
covale41 covale none ? C EQ4 .  N5    A ? ? 1_555 I EQ1 .  C5B B ? A EQ4 101 B EQ1 102 1_555 ? ? ? ? ? ? ?            1.283 ? ? 
covale42 covale none ? C EQ4 .  N5    A ? ? 1_555 I EQ1 .  N9B B ? A EQ4 101 B EQ1 102 1_555 ? ? ? ? ? ? ?            1.209 ? ? 
covale43 covale none ? C EQ4 .  N6    A ? ? 1_555 I EQ1 .  O2G B ? A EQ4 101 B EQ1 102 1_555 ? ? ? ? ? ? ?            1.466 ? ? 
covale44 covale none ? D EQ1 .  C1C   B ? ? 1_555 H EQ4 .  O1  A ? A EQ1 102 B EQ4 101 1_555 ? ? ? ? ? ? ?            1.225 ? ? 
covale45 covale none ? D EQ1 .  C1E   B ? ? 1_555 H EQ4 .  O4  A ? A EQ1 102 B EQ4 101 1_555 ? ? ? ? ? ? ?            1.448 ? ? 
covale46 covale none ? D EQ1 .  C1E   B ? ? 1_555 H EQ4 .  C10 A ? A EQ1 102 B EQ4 101 1_555 ? ? ? ? ? ? ?            1.347 ? ? 
covale47 covale none ? D EQ1 .  C1E   B ? ? 1_555 H EQ4 .  C5  A ? A EQ1 102 B EQ4 101 1_555 ? ? ? ? ? ? ?            1.444 ? ? 
covale48 covale none ? D EQ1 .  N1B   B ? ? 1_555 H EQ4 .  C9  A ? A EQ1 102 B EQ4 101 1_555 ? ? ? ? ? ? ?            1.290 ? ? 
covale49 covale none ? D EQ1 .  C2B   B ? ? 1_555 H EQ4 .  N3  A ? A EQ1 102 B EQ4 101 1_555 ? ? ? ? ? ? ?            1.337 ? ? 
covale50 covale none ? D EQ1 .  C2E   B ? ? 1_555 H EQ4 .  O4  A ? A EQ1 102 B EQ4 101 1_555 ? ? ? ? ? ? ?            1.438 ? ? 
covale51 covale none ? D EQ1 .  C2E   B ? ? 1_555 H EQ4 .  C3  A ? A EQ1 102 B EQ4 101 1_555 ? ? ? ? ? ? ?            1.479 ? ? 
covale52 covale none ? D EQ1 .  C2E   B ? ? 1_555 H EQ4 .  C4  A ? A EQ1 102 B EQ4 101 1_555 ? ? ? ? ? ? ?            1.351 ? ? 
covale53 covale none ? D EQ1 .  C2E   B ? ? 1_555 H EQ4 .  C5  A ? A EQ1 102 B EQ4 101 1_555 ? ? ? ? ? ? ?            1.101 ? ? 
covale54 covale none ? D EQ1 .  N2C   B ? ? 1_555 H EQ4 .  O1  A ? A EQ1 102 B EQ4 101 1_555 ? ? ? ? ? ? ?            1.186 ? ? 
covale55 covale none ? D EQ1 .  O2E   B ? ? 1_555 H EQ4 .  C5  A ? A EQ1 102 B EQ4 101 1_555 ? ? ? ? ? ? ?            1.117 ? ? 
covale56 covale none ? D EQ1 .  C3E   B ? ? 1_555 H EQ4 .  C3  A ? A EQ1 102 B EQ4 101 1_555 ? ? ? ? ? ? ?            1.319 ? ? 
covale57 covale none ? D EQ1 .  C3E   B ? ? 1_555 H EQ4 .  C1  A ? A EQ1 102 B EQ4 101 1_555 ? ? ? ? ? ? ?            1.434 ? ? 
covale58 covale none ? D EQ1 .  N3B   B ? ? 1_555 H EQ4 .  C6  A ? A EQ1 102 B EQ4 101 1_555 ? ? ? ? ? ? ?            1.572 ? ? 
covale59 covale none ? D EQ1 .  O3E   B ? ? 1_555 H EQ4 .  C1  A ? A EQ1 102 B EQ4 101 1_555 ? ? ? ? ? ? ?            1.351 ? ? 
covale60 covale none ? D EQ1 .  C4B   B ? ? 1_555 H EQ4 .  N4  A ? A EQ1 102 B EQ4 101 1_555 ? ? ? ? ? ? ?            1.425 ? ? 
covale61 covale none ? D EQ1 .  C5B   B ? ? 1_555 H EQ4 .  C9  A ? A EQ1 102 B EQ4 101 1_555 ? ? ? ? ? ? ?            1.132 ? ? 
covale62 covale none ? D EQ1 .  C5B   B ? ? 1_555 H EQ4 .  N4  A ? A EQ1 102 B EQ4 101 1_555 ? ? ? ? ? ? ?            1.421 ? ? 
covale63 covale none ? D EQ1 .  C5E   B ? ? 1_555 H EQ4 .  C11 A ? A EQ1 102 B EQ4 101 1_555 ? ? ? ? ? ? ?            1.498 ? ? 
covale64 covale none ? D EQ1 .  C8B   B ? ? 1_555 H EQ4 .  C10 A ? A EQ1 102 B EQ4 101 1_555 ? ? ? ? ? ? ?            1.264 ? ? 
covale65 covale none ? D EQ1 .  N9B   B ? ? 1_555 H EQ4 .  N4  A ? A EQ1 102 B EQ4 101 1_555 ? ? ? ? ? ? ?            1.153 ? ? 
covale66 covale both ? B LCC 1  "O3'" ? ? ? 1_555 B LCC 2  P   ? ? B LCC 1   B LCC 2   1_555 ? ? ? ? ? ? ?            1.657 ? ? 
covale67 covale both ? B LCC 2  "O3'" ? ? ? 1_555 B LCC 3  P   ? ? B LCC 2   B LCC 3   1_555 ? ? ? ? ? ? ?            1.691 ? ? 
covale68 covale both ? B LCC 3  "O3'" ? ? ? 1_555 B LCG 4  P   ? ? B LCC 3   B LCG 4   1_555 ? ? ? ? ? ? ?            1.700 ? ? 
covale69 covale both ? B LCG 4  "O3'" ? ? ? 1_555 B A   5  P   ? ? B LCG 4   B A   5   1_555 ? ? ? ? ? ? ?            1.661 ? ? 
covale70 covale none ? B G   15 "C4'" A ? ? 1_555 I EQ1 .  C4D B ? B G   15  B EQ1 102 1_555 ? ? ? ? ? ? ?            1.097 ? ? 
covale71 covale none ? B G   15 "C4'" A ? ? 1_555 I EQ1 .  O4D B ? B G   15  B EQ1 102 1_555 ? ? ? ? ? ? ?            1.306 ? ? 
covale72 covale none ? B G   15 "C3'" A ? ? 1_555 I EQ1 .  C4D B ? B G   15  B EQ1 102 1_555 ? ? ? ? ? ? ?            1.162 ? ? 
covale73 covale none ? B G   15 "C3'" A ? ? 1_555 I EQ1 .  C2D B ? B G   15  B EQ1 102 1_555 ? ? ? ? ? ? ?            1.575 ? ? 
covale74 covale none ? B G   15 "C3'" A ? ? 1_555 I EQ1 .  O3D B ? B G   15  B EQ1 102 1_555 ? ? ? ? ? ? ?            1.448 ? ? 
covale75 covale none ? B G   15 "C2'" A ? ? 1_555 I EQ1 .  C3D B ? B G   15  B EQ1 102 1_555 ? ? ? ? ? ? ?            1.339 ? ? 
covale76 covale none ? B G   15 "O2'" A ? ? 1_555 I EQ1 .  C2D B ? B G   15  B EQ1 102 1_555 ? ? ? ? ? ? ?            1.272 ? ? 
covale77 covale none ? B G   15 "C1'" A ? ? 1_555 I EQ1 .  C2D B ? B G   15  B EQ1 102 1_555 ? ? ? ? ? ? ?            1.398 ? ? 
covale78 covale none ? B G   15 "C1'" A ? ? 1_555 I EQ1 .  N9A B ? B G   15  B EQ1 102 1_555 ? ? ? ? ? ? ?            1.340 ? ? 
covale79 covale none ? B G   15 N9    A ? ? 1_555 I EQ1 .  C8A B ? B G   15  B EQ1 102 1_555 ? ? ? ? ? ? ?            1.433 ? ? 
covale80 covale none ? B G   15 C8    A ? ? 1_555 I EQ1 .  N9A B ? B G   15  B EQ1 102 1_555 ? ? ? ? ? ? ?            1.327 ? ? 
covale81 covale none ? B G   15 C5    A ? ? 1_555 I EQ1 .  N7A B ? B G   15  B EQ1 102 1_555 ? ? ? ? ? ? ?            1.596 ? ? 
covale82 covale none ? B G   15 C5    A ? ? 1_555 I EQ1 .  C4A B ? B G   15  B EQ1 102 1_555 ? ? ? ? ? ? ?            1.436 ? ? 
covale83 covale none ? B G   15 C6    A ? ? 1_555 I EQ1 .  O6A B ? B G   15  B EQ1 102 1_555 ? ? ? ? ? ? ?            1.265 ? ? 
covale84 covale none ? B G   15 O6    A ? ? 1_555 I EQ1 .  C6A B ? B G   15  B EQ1 102 1_555 ? ? ? ? ? ? ?            1.425 ? ? 
covale85 covale none ? B G   15 N1    A ? ? 1_555 I EQ1 .  C2A B ? B G   15  B EQ1 102 1_555 ? ? ? ? ? ? ?            1.285 ? ? 
covale86 covale none ? B G   15 C2    A ? ? 1_555 I EQ1 .  N1A B ? B G   15  B EQ1 102 1_555 ? ? ? ? ? ? ?            1.530 ? ? 
covale87 covale none ? B G   15 C2    A ? ? 1_555 I EQ1 .  N3A B ? B G   15  B EQ1 102 1_555 ? ? ? ? ? ? ?            1.444 ? ? 
covale88 covale none ? B G   15 N2    A ? ? 1_555 I EQ1 .  C2A B ? B G   15  B EQ1 102 1_555 ? ? ? ? ? ? ?            1.544 ? ? 
covale89 covale none ? B G   15 N3    A ? ? 1_555 I EQ1 .  C2A B ? B G   15  B EQ1 102 1_555 ? ? ? ? ? ? ?            1.251 ? ? 
covale90 covale none ? B G   15 N3    A ? ? 1_555 I EQ1 .  C4A B ? B G   15  B EQ1 102 1_555 ? ? ? ? ? ? ?            1.572 ? ? 
covale91 covale none ? B G   15 C4    A ? ? 1_555 I EQ1 .  C5A B ? B G   15  B EQ1 102 1_555 ? ? ? ? ? ? ?            1.345 ? ? 
metalc1  metalc ?    ? A G   15 "O3'" A ? ? 1_555 G MG  .  MG  ? ? A G   15  A MG  105 1_555 ? ? ? ? ? ? ?            2.353 ? ? 
metalc2  metalc ?    ? A G   15 "O2'" A ? ? 1_555 G MG  .  MG  ? ? A G   15  A MG  105 1_555 ? ? ? ? ? ? ?            2.521 ? ? 
metalc3  metalc ?    ? A G   15 "O3'" A ? ? 1_555 G MG  .  MG  ? ? A G   15  A MG  105 2_545 ? ? ? ? ? ? ?            2.266 ? ? 
metalc4  metalc ?    ? A G   15 "O2'" A ? ? 1_555 G MG  .  MG  ? ? A G   15  A MG  105 3_655 ? ? ? ? ? ? ?            2.444 ? ? 
metalc5  metalc ?    ? D EQ1 .  O2D   B ? ? 1_555 G MG  .  MG  ? ? A EQ1 102 A MG  105 1_555 ? ? ? ? ? ? ?            2.459 ? ? 
metalc6  metalc ?    ? D EQ1 .  O3D   B ? ? 1_555 G MG  .  MG  ? ? A EQ1 102 A MG  105 1_555 ? ? ? ? ? ? ?            2.764 ? ? 
metalc7  metalc ?    ? D EQ1 .  O2D   B ? ? 1_555 G MG  .  MG  ? ? A EQ1 102 A MG  105 3_655 ? ? ? ? ? ? ?            2.378 ? ? 
metalc8  metalc ?    ? D EQ1 .  O3D   B ? ? 1_555 G MG  .  MG  ? ? A EQ1 102 A MG  105 3_655 ? ? ? ? ? ? ?            2.684 ? ? 
metalc9  metalc ?    ? E MG  .  MG    ? ? ? 1_555 K HOH .  O   ? ? A MG  103 A HOH 202 2_545 ? ? ? ? ? ? ?            2.169 ? ? 
metalc10 metalc ?    ? E MG  .  MG    ? ? ? 1_555 K HOH .  O   ? ? A MG  103 A HOH 206 2_545 ? ? ? ? ? ? ?            2.070 ? ? 
metalc11 metalc ?    ? E MG  .  MG    ? ? ? 1_555 K HOH .  O   ? ? A MG  103 A HOH 207 1_555 ? ? ? ? ? ? ?            2.021 ? ? 
metalc12 metalc ?    ? E MG  .  MG    ? ? ? 1_555 L HOH .  O   ? ? A MG  103 B HOH 206 2_545 ? ? ? ? ? ? ?            2.095 ? ? 
metalc13 metalc ?    ? E MG  .  MG    ? ? ? 1_555 L HOH .  O   ? ? A MG  103 B HOH 208 2_545 ? ? ? ? ? ? ?            1.956 ? ? 
metalc14 metalc ?    ? E MG  .  MG    ? ? ? 1_555 L HOH .  O   ? ? A MG  103 B HOH 212 2_545 ? ? ? ? ? ? ?            1.987 ? ? 
metalc15 metalc ?    ? F MG  .  MG    ? ? ? 1_555 K HOH .  O   ? ? A MG  104 A HOH 208 1_555 ? ? ? ? ? ? ?            1.991 ? ? 
metalc16 metalc ?    ? F MG  .  MG    ? ? ? 1_555 K HOH .  O   ? ? A MG  104 A HOH 209 1_555 ? ? ? ? ? ? ?            2.063 ? ? 
metalc17 metalc ?    ? F MG  .  MG    ? ? ? 1_555 K HOH .  O   ? ? A MG  104 A HOH 215 1_555 ? ? ? ? ? ? ?            2.070 ? ? 
metalc18 metalc ?    ? F MG  .  MG    ? ? ? 1_555 L HOH .  O   ? ? A MG  104 B HOH 201 1_555 ? ? ? ? ? ? ?            2.139 ? ? 
metalc19 metalc ?    ? F MG  .  MG    ? ? ? 1_555 L HOH .  O   ? ? A MG  104 B HOH 204 2_545 ? ? ? ? ? ? ?            2.073 ? ? 
metalc20 metalc ?    ? F MG  .  MG    ? ? ? 1_555 L HOH .  O   ? ? A MG  104 B HOH 205 1_555 ? ? ? ? ? ? ?            1.974 ? ? 
metalc21 metalc ?    ? B G   15 "O3'" A ? ? 1_555 J MG  .  MG  ? ? B G   15  B MG  103 1_555 ? ? ? ? ? ? ?            2.342 ? ? 
metalc22 metalc ?    ? B G   15 "O2'" A ? ? 1_555 J MG  .  MG  ? ? B G   15  B MG  103 1_555 ? ? ? ? ? ? ?            2.586 ? ? 
metalc23 metalc ?    ? B G   15 "O3'" A ? ? 1_555 J MG  .  MG  ? ? B G   15  B MG  103 3_655 ? ? ? ? ? ? ?            2.288 ? ? 
metalc24 metalc ?    ? B G   15 "O2'" A ? ? 1_555 J MG  .  MG  ? ? B G   15  B MG  103 2_545 ? ? ? ? ? ? ?            2.534 ? ? 
metalc25 metalc ?    ? I EQ1 .  O2D   B ? ? 1_555 J MG  .  MG  ? ? B EQ1 102 B MG  103 1_555 ? ? ? ? ? ? ?            2.356 ? ? 
metalc26 metalc ?    ? I EQ1 .  O3D   B ? ? 1_555 J MG  .  MG  ? ? B EQ1 102 B MG  103 1_555 ? ? ? ? ? ? ?            2.524 ? ? 
metalc27 metalc ?    ? I EQ1 .  O2D   B ? ? 1_555 J MG  .  MG  ? ? B EQ1 102 B MG  103 2_545 ? ? ? ? ? ? ?            2.312 ? ? 
metalc28 metalc ?    ? I EQ1 .  O3D   B ? ? 1_555 J MG  .  MG  ? ? B EQ1 102 B MG  103 2_545 ? ? ? ? ? ? ?            2.472 ? ? 
hydrog1  hydrog ?    ? A LCG 4  N1    ? ? ? 1_555 B C   13 N3  ? ? A LCG 4   B C   13  1_555 ? ? ? ? ? ? WATSON-CRICK ?     ? ? 
hydrog2  hydrog ?    ? A LCG 4  N2    ? ? ? 1_555 B C   13 O2  ? ? A LCG 4   B C   13  1_555 ? ? ? ? ? ? WATSON-CRICK ?     ? ? 
hydrog3  hydrog ?    ? A LCG 4  O6    ? ? ? 1_555 B C   13 N4  ? ? A LCG 4   B C   13  1_555 ? ? ? ? ? ? WATSON-CRICK ?     ? ? 
hydrog4  hydrog ?    ? A A   5  N1    ? ? ? 1_555 B U   12 N3  ? ? A A   5   B U   12  1_555 ? ? ? ? ? ? WATSON-CRICK ?     ? ? 
hydrog5  hydrog ?    ? A A   5  N6    ? ? ? 1_555 B U   12 O4  ? ? A A   5   B U   12  1_555 ? ? ? ? ? ? WATSON-CRICK ?     ? ? 
hydrog6  hydrog ?    ? A C   6  N3    ? ? ? 1_555 B G   11 N1  ? ? A C   6   B G   11  1_555 ? ? ? ? ? ? WATSON-CRICK ?     ? ? 
hydrog7  hydrog ?    ? A C   6  N4    ? ? ? 1_555 B G   11 O6  ? ? A C   6   B G   11  1_555 ? ? ? ? ? ? WATSON-CRICK ?     ? ? 
hydrog8  hydrog ?    ? A C   6  O2    ? ? ? 1_555 B G   11 N2  ? ? A C   6   B G   11  1_555 ? ? ? ? ? ? WATSON-CRICK ?     ? ? 
hydrog9  hydrog ?    ? A U   7  N3    ? ? ? 1_555 B A   10 N1  ? ? A U   7   B A   10  1_555 ? ? ? ? ? ? WATSON-CRICK ?     ? ? 
hydrog10 hydrog ?    ? A U   7  O4    ? ? ? 1_555 B A   10 N6  ? ? A U   7   B A   10  1_555 ? ? ? ? ? ? WATSON-CRICK ?     ? ? 
hydrog11 hydrog ?    ? A U   8  N3    ? ? ? 1_555 B A   9  N1  ? ? A U   8   B A   9   1_555 ? ? ? ? ? ? WATSON-CRICK ?     ? ? 
hydrog12 hydrog ?    ? A U   8  O4    ? ? ? 1_555 B A   9  N6  ? ? A U   8   B A   9   1_555 ? ? ? ? ? ? WATSON-CRICK ?     ? ? 
hydrog13 hydrog ?    ? A A   9  N1    ? ? ? 1_555 B U   8  N3  ? ? A A   9   B U   8   1_555 ? ? ? ? ? ? WATSON-CRICK ?     ? ? 
hydrog14 hydrog ?    ? A A   9  N6    ? ? ? 1_555 B U   8  O4  ? ? A A   9   B U   8   1_555 ? ? ? ? ? ? WATSON-CRICK ?     ? ? 
hydrog15 hydrog ?    ? A A   10 N1    ? ? ? 1_555 B U   7  N3  ? ? A A   10  B U   7   1_555 ? ? ? ? ? ? WATSON-CRICK ?     ? ? 
hydrog16 hydrog ?    ? A A   10 N6    ? ? ? 1_555 B U   7  O4  ? ? A A   10  B U   7   1_555 ? ? ? ? ? ? WATSON-CRICK ?     ? ? 
hydrog17 hydrog ?    ? A G   11 N1    ? ? ? 1_555 B C   6  N3  ? ? A G   11  B C   6   1_555 ? ? ? ? ? ? WATSON-CRICK ?     ? ? 
hydrog18 hydrog ?    ? A G   11 N2    ? ? ? 1_555 B C   6  O2  ? ? A G   11  B C   6   1_555 ? ? ? ? ? ? WATSON-CRICK ?     ? ? 
hydrog19 hydrog ?    ? A G   11 O6    ? ? ? 1_555 B C   6  N4  ? ? A G   11  B C   6   1_555 ? ? ? ? ? ? WATSON-CRICK ?     ? ? 
hydrog20 hydrog ?    ? A U   12 N3    ? ? ? 1_555 B A   5  N1  ? ? A U   12  B A   5   1_555 ? ? ? ? ? ? WATSON-CRICK ?     ? ? 
hydrog21 hydrog ?    ? A U   12 O4    ? ? ? 1_555 B A   5  N6  ? ? A U   12  B A   5   1_555 ? ? ? ? ? ? WATSON-CRICK ?     ? ? 
hydrog22 hydrog ?    ? A C   13 N3    ? ? ? 1_555 B LCG 4  N1  ? ? A C   13  B LCG 4   1_555 ? ? ? ? ? ? WATSON-CRICK ?     ? ? 
hydrog23 hydrog ?    ? A C   13 N4    ? ? ? 1_555 B LCG 4  O6  ? ? A C   13  B LCG 4   1_555 ? ? ? ? ? ? WATSON-CRICK ?     ? ? 
hydrog24 hydrog ?    ? A C   13 O2    ? ? ? 1_555 B LCG 4  N2  ? ? A C   13  B LCG 4   1_555 ? ? ? ? ? ? WATSON-CRICK ?     ? ? 
# 
loop_
_struct_conn_type.id 
_struct_conn_type.criteria 
_struct_conn_type.reference 
covale ? ? 
metalc ? ? 
hydrog ? ? 
# 
loop_
_pdbx_struct_conn_angle.id 
_pdbx_struct_conn_angle.ptnr1_label_atom_id 
_pdbx_struct_conn_angle.ptnr1_label_alt_id 
_pdbx_struct_conn_angle.ptnr1_label_asym_id 
_pdbx_struct_conn_angle.ptnr1_label_comp_id 
_pdbx_struct_conn_angle.ptnr1_label_seq_id 
_pdbx_struct_conn_angle.ptnr1_auth_atom_id 
_pdbx_struct_conn_angle.ptnr1_auth_asym_id 
_pdbx_struct_conn_angle.ptnr1_auth_comp_id 
_pdbx_struct_conn_angle.ptnr1_auth_seq_id 
_pdbx_struct_conn_angle.ptnr1_PDB_ins_code 
_pdbx_struct_conn_angle.ptnr1_symmetry 
_pdbx_struct_conn_angle.ptnr2_label_atom_id 
_pdbx_struct_conn_angle.ptnr2_label_alt_id 
_pdbx_struct_conn_angle.ptnr2_label_asym_id 
_pdbx_struct_conn_angle.ptnr2_label_comp_id 
_pdbx_struct_conn_angle.ptnr2_label_seq_id 
_pdbx_struct_conn_angle.ptnr2_auth_atom_id 
_pdbx_struct_conn_angle.ptnr2_auth_asym_id 
_pdbx_struct_conn_angle.ptnr2_auth_comp_id 
_pdbx_struct_conn_angle.ptnr2_auth_seq_id 
_pdbx_struct_conn_angle.ptnr2_PDB_ins_code 
_pdbx_struct_conn_angle.ptnr2_symmetry 
_pdbx_struct_conn_angle.ptnr3_label_atom_id 
_pdbx_struct_conn_angle.ptnr3_label_alt_id 
_pdbx_struct_conn_angle.ptnr3_label_asym_id 
_pdbx_struct_conn_angle.ptnr3_label_comp_id 
_pdbx_struct_conn_angle.ptnr3_label_seq_id 
_pdbx_struct_conn_angle.ptnr3_auth_atom_id 
_pdbx_struct_conn_angle.ptnr3_auth_asym_id 
_pdbx_struct_conn_angle.ptnr3_auth_comp_id 
_pdbx_struct_conn_angle.ptnr3_auth_seq_id 
_pdbx_struct_conn_angle.ptnr3_PDB_ins_code 
_pdbx_struct_conn_angle.ptnr3_symmetry 
_pdbx_struct_conn_angle.value 
_pdbx_struct_conn_angle.value_esd 
1  "O3'" A A G   15 ? A G   15  ? 1_555 MG ? G MG . ? A MG 105 ? 1_555 "O2'" A A G   15 ? A G   15  ? 1_555 69.4  ? 
2  "O3'" A A G   15 ? A G   15  ? 1_555 MG ? G MG . ? A MG 105 ? 1_555 "O3'" A A G   15 ? A G   15  ? 1_555 0.0   ? 
3  "O2'" A A G   15 ? A G   15  ? 1_555 MG ? G MG . ? A MG 105 ? 1_555 "O3'" A A G   15 ? A G   15  ? 1_555 69.4  ? 
4  "O3'" A A G   15 ? A G   15  ? 1_555 MG ? G MG . ? A MG 105 ? 1_555 "O2'" A A G   15 ? A G   15  ? 1_555 69.4  ? 
5  "O2'" A A G   15 ? A G   15  ? 1_555 MG ? G MG . ? A MG 105 ? 1_555 "O2'" A A G   15 ? A G   15  ? 1_555 0.0   ? 
6  "O3'" A A G   15 ? A G   15  ? 1_555 MG ? G MG . ? A MG 105 ? 1_555 "O2'" A A G   15 ? A G   15  ? 1_555 69.4  ? 
7  "O3'" A A G   15 ? A G   15  ? 1_555 MG ? G MG . ? A MG 105 ? 1_555 O2D   B D EQ1 .  ? A EQ1 102 ? 1_555 58.3  ? 
8  "O2'" A A G   15 ? A G   15  ? 1_555 MG ? G MG . ? A MG 105 ? 1_555 O2D   B D EQ1 .  ? A EQ1 102 ? 1_555 11.6  ? 
9  "O3'" A A G   15 ? A G   15  ? 1_555 MG ? G MG . ? A MG 105 ? 1_555 O2D   B D EQ1 .  ? A EQ1 102 ? 1_555 58.3  ? 
10 "O2'" A A G   15 ? A G   15  ? 1_555 MG ? G MG . ? A MG 105 ? 1_555 O2D   B D EQ1 .  ? A EQ1 102 ? 1_555 11.6  ? 
11 "O3'" A A G   15 ? A G   15  ? 1_555 MG ? G MG . ? A MG 105 ? 1_555 O3D   B D EQ1 .  ? A EQ1 102 ? 1_555 20.0  ? 
12 "O2'" A A G   15 ? A G   15  ? 1_555 MG ? G MG . ? A MG 105 ? 1_555 O3D   B D EQ1 .  ? A EQ1 102 ? 1_555 67.7  ? 
13 "O3'" A A G   15 ? A G   15  ? 1_555 MG ? G MG . ? A MG 105 ? 1_555 O3D   B D EQ1 .  ? A EQ1 102 ? 1_555 20.0  ? 
14 "O2'" A A G   15 ? A G   15  ? 1_555 MG ? G MG . ? A MG 105 ? 1_555 O3D   B D EQ1 .  ? A EQ1 102 ? 1_555 67.7  ? 
15 O2D   B D EQ1 .  ? A EQ1 102 ? 1_555 MG ? G MG . ? A MG 105 ? 1_555 O3D   B D EQ1 .  ? A EQ1 102 ? 1_555 58.5  ? 
16 "O3'" A A G   15 ? A G   15  ? 1_555 MG ? G MG . ? A MG 105 ? 1_555 O2D   B D EQ1 .  ? A EQ1 102 ? 1_555 58.3  ? 
17 "O2'" A A G   15 ? A G   15  ? 1_555 MG ? G MG . ? A MG 105 ? 1_555 O2D   B D EQ1 .  ? A EQ1 102 ? 1_555 11.6  ? 
18 "O3'" A A G   15 ? A G   15  ? 1_555 MG ? G MG . ? A MG 105 ? 1_555 O2D   B D EQ1 .  ? A EQ1 102 ? 1_555 58.3  ? 
19 "O2'" A A G   15 ? A G   15  ? 1_555 MG ? G MG . ? A MG 105 ? 1_555 O2D   B D EQ1 .  ? A EQ1 102 ? 1_555 11.6  ? 
20 O2D   B D EQ1 .  ? A EQ1 102 ? 1_555 MG ? G MG . ? A MG 105 ? 1_555 O2D   B D EQ1 .  ? A EQ1 102 ? 1_555 0.0   ? 
21 O3D   B D EQ1 .  ? A EQ1 102 ? 1_555 MG ? G MG . ? A MG 105 ? 1_555 O2D   B D EQ1 .  ? A EQ1 102 ? 1_555 58.5  ? 
22 "O3'" A A G   15 ? A G   15  ? 1_555 MG ? G MG . ? A MG 105 ? 1_555 O3D   B D EQ1 .  ? A EQ1 102 ? 1_555 20.0  ? 
23 "O2'" A A G   15 ? A G   15  ? 1_555 MG ? G MG . ? A MG 105 ? 1_555 O3D   B D EQ1 .  ? A EQ1 102 ? 1_555 67.7  ? 
24 "O3'" A A G   15 ? A G   15  ? 1_555 MG ? G MG . ? A MG 105 ? 1_555 O3D   B D EQ1 .  ? A EQ1 102 ? 1_555 20.0  ? 
25 "O2'" A A G   15 ? A G   15  ? 1_555 MG ? G MG . ? A MG 105 ? 1_555 O3D   B D EQ1 .  ? A EQ1 102 ? 1_555 67.7  ? 
26 O2D   B D EQ1 .  ? A EQ1 102 ? 1_555 MG ? G MG . ? A MG 105 ? 1_555 O3D   B D EQ1 .  ? A EQ1 102 ? 1_555 58.5  ? 
27 O3D   B D EQ1 .  ? A EQ1 102 ? 1_555 MG ? G MG . ? A MG 105 ? 1_555 O3D   B D EQ1 .  ? A EQ1 102 ? 1_555 0.0   ? 
28 O2D   B D EQ1 .  ? A EQ1 102 ? 1_555 MG ? G MG . ? A MG 105 ? 1_555 O3D   B D EQ1 .  ? A EQ1 102 ? 1_555 58.5  ? 
29 O     ? K HOH .  ? A HOH 202 ? 2_545 MG ? E MG . ? A MG 103 ? 1_555 O     ? K HOH .  ? A HOH 206 ? 2_545 89.8  ? 
30 O     ? K HOH .  ? A HOH 202 ? 2_545 MG ? E MG . ? A MG 103 ? 1_555 O     ? K HOH .  ? A HOH 207 ? 1_555 88.9  ? 
31 O     ? K HOH .  ? A HOH 206 ? 2_545 MG ? E MG . ? A MG 103 ? 1_555 O     ? K HOH .  ? A HOH 207 ? 1_555 94.1  ? 
32 O     ? K HOH .  ? A HOH 202 ? 2_545 MG ? E MG . ? A MG 103 ? 1_555 O     ? L HOH .  ? B HOH 206 ? 2_545 80.3  ? 
33 O     ? K HOH .  ? A HOH 206 ? 2_545 MG ? E MG . ? A MG 103 ? 1_555 O     ? L HOH .  ? B HOH 206 ? 2_545 170.1 ? 
34 O     ? K HOH .  ? A HOH 207 ? 1_555 MG ? E MG . ? A MG 103 ? 1_555 O     ? L HOH .  ? B HOH 206 ? 2_545 86.4  ? 
35 O     ? K HOH .  ? A HOH 202 ? 2_545 MG ? E MG . ? A MG 103 ? 1_555 O     ? L HOH .  ? B HOH 208 ? 2_545 86.5  ? 
36 O     ? K HOH .  ? A HOH 206 ? 2_545 MG ? E MG . ? A MG 103 ? 1_555 O     ? L HOH .  ? B HOH 208 ? 2_545 86.3  ? 
37 O     ? K HOH .  ? A HOH 207 ? 1_555 MG ? E MG . ? A MG 103 ? 1_555 O     ? L HOH .  ? B HOH 208 ? 2_545 175.4 ? 
38 O     ? L HOH .  ? B HOH 206 ? 2_545 MG ? E MG . ? A MG 103 ? 1_555 O     ? L HOH .  ? B HOH 208 ? 2_545 92.4  ? 
39 O     ? K HOH .  ? A HOH 202 ? 2_545 MG ? E MG . ? A MG 103 ? 1_555 O     ? L HOH .  ? B HOH 212 ? 2_545 173.9 ? 
40 O     ? K HOH .  ? A HOH 206 ? 2_545 MG ? E MG . ? A MG 103 ? 1_555 O     ? L HOH .  ? B HOH 212 ? 2_545 94.2  ? 
41 O     ? K HOH .  ? A HOH 207 ? 1_555 MG ? E MG . ? A MG 103 ? 1_555 O     ? L HOH .  ? B HOH 212 ? 2_545 95.4  ? 
42 O     ? L HOH .  ? B HOH 206 ? 2_545 MG ? E MG . ? A MG 103 ? 1_555 O     ? L HOH .  ? B HOH 212 ? 2_545 95.7  ? 
43 O     ? L HOH .  ? B HOH 208 ? 2_545 MG ? E MG . ? A MG 103 ? 1_555 O     ? L HOH .  ? B HOH 212 ? 2_545 89.1  ? 
44 O     ? K HOH .  ? A HOH 208 ? 1_555 MG ? F MG . ? A MG 104 ? 1_555 O     ? K HOH .  ? A HOH 209 ? 1_555 97.5  ? 
45 O     ? K HOH .  ? A HOH 208 ? 1_555 MG ? F MG . ? A MG 104 ? 1_555 O     ? K HOH .  ? A HOH 215 ? 1_555 85.9  ? 
46 O     ? K HOH .  ? A HOH 209 ? 1_555 MG ? F MG . ? A MG 104 ? 1_555 O     ? K HOH .  ? A HOH 215 ? 1_555 94.2  ? 
47 O     ? K HOH .  ? A HOH 208 ? 1_555 MG ? F MG . ? A MG 104 ? 1_555 O     ? L HOH .  ? B HOH 201 ? 1_555 88.9  ? 
48 O     ? K HOH .  ? A HOH 209 ? 1_555 MG ? F MG . ? A MG 104 ? 1_555 O     ? L HOH .  ? B HOH 201 ? 1_555 82.0  ? 
49 O     ? K HOH .  ? A HOH 215 ? 1_555 MG ? F MG . ? A MG 104 ? 1_555 O     ? L HOH .  ? B HOH 201 ? 1_555 173.0 ? 
50 O     ? K HOH .  ? A HOH 208 ? 1_555 MG ? F MG . ? A MG 104 ? 1_555 O     ? L HOH .  ? B HOH 204 ? 2_545 177.9 ? 
51 O     ? K HOH .  ? A HOH 209 ? 1_555 MG ? F MG . ? A MG 104 ? 1_555 O     ? L HOH .  ? B HOH 204 ? 2_545 84.1  ? 
52 O     ? K HOH .  ? A HOH 215 ? 1_555 MG ? F MG . ? A MG 104 ? 1_555 O     ? L HOH .  ? B HOH 204 ? 2_545 92.7  ? 
53 O     ? L HOH .  ? B HOH 201 ? 1_555 MG ? F MG . ? A MG 104 ? 1_555 O     ? L HOH .  ? B HOH 204 ? 2_545 92.7  ? 
54 O     ? K HOH .  ? A HOH 208 ? 1_555 MG ? F MG . ? A MG 104 ? 1_555 O     ? L HOH .  ? B HOH 205 ? 1_555 87.5  ? 
55 O     ? K HOH .  ? A HOH 209 ? 1_555 MG ? F MG . ? A MG 104 ? 1_555 O     ? L HOH .  ? B HOH 205 ? 1_555 172.8 ? 
56 O     ? K HOH .  ? A HOH 215 ? 1_555 MG ? F MG . ? A MG 104 ? 1_555 O     ? L HOH .  ? B HOH 205 ? 1_555 91.2  ? 
57 O     ? L HOH .  ? B HOH 201 ? 1_555 MG ? F MG . ? A MG 104 ? 1_555 O     ? L HOH .  ? B HOH 205 ? 1_555 93.1  ? 
58 O     ? L HOH .  ? B HOH 204 ? 2_545 MG ? F MG . ? A MG 104 ? 1_555 O     ? L HOH .  ? B HOH 205 ? 1_555 91.0  ? 
59 "O3'" A B G   15 ? B G   15  ? 1_555 MG ? J MG . ? B MG 103 ? 1_555 "O2'" A B G   15 ? B G   15  ? 1_555 69.9  ? 
60 "O3'" A B G   15 ? B G   15  ? 1_555 MG ? J MG . ? B MG 103 ? 1_555 "O3'" A B G   15 ? B G   15  ? 1_555 0.0   ? 
61 "O2'" A B G   15 ? B G   15  ? 1_555 MG ? J MG . ? B MG 103 ? 1_555 "O3'" A B G   15 ? B G   15  ? 1_555 69.9  ? 
62 "O3'" A B G   15 ? B G   15  ? 1_555 MG ? J MG . ? B MG 103 ? 1_555 "O2'" A B G   15 ? B G   15  ? 1_555 69.9  ? 
63 "O2'" A B G   15 ? B G   15  ? 1_555 MG ? J MG . ? B MG 103 ? 1_555 "O2'" A B G   15 ? B G   15  ? 1_555 0.0   ? 
64 "O3'" A B G   15 ? B G   15  ? 1_555 MG ? J MG . ? B MG 103 ? 1_555 "O2'" A B G   15 ? B G   15  ? 1_555 69.9  ? 
65 "O3'" A B G   15 ? B G   15  ? 1_555 MG ? J MG . ? B MG 103 ? 1_555 O2D   B I EQ1 .  ? B EQ1 102 ? 1_555 66.4  ? 
66 "O2'" A B G   15 ? B G   15  ? 1_555 MG ? J MG . ? B MG 103 ? 1_555 O2D   B I EQ1 .  ? B EQ1 102 ? 1_555 22.3  ? 
67 "O3'" A B G   15 ? B G   15  ? 1_555 MG ? J MG . ? B MG 103 ? 1_555 O2D   B I EQ1 .  ? B EQ1 102 ? 1_555 66.4  ? 
68 "O2'" A B G   15 ? B G   15  ? 1_555 MG ? J MG . ? B MG 103 ? 1_555 O2D   B I EQ1 .  ? B EQ1 102 ? 1_555 22.3  ? 
69 "O3'" A B G   15 ? B G   15  ? 1_555 MG ? J MG . ? B MG 103 ? 1_555 O3D   B I EQ1 .  ? B EQ1 102 ? 1_555 13.2  ? 
70 "O2'" A B G   15 ? B G   15  ? 1_555 MG ? J MG . ? B MG 103 ? 1_555 O3D   B I EQ1 .  ? B EQ1 102 ? 1_555 64.8  ? 
71 "O3'" A B G   15 ? B G   15  ? 1_555 MG ? J MG . ? B MG 103 ? 1_555 O3D   B I EQ1 .  ? B EQ1 102 ? 1_555 13.2  ? 
72 "O2'" A B G   15 ? B G   15  ? 1_555 MG ? J MG . ? B MG 103 ? 1_555 O3D   B I EQ1 .  ? B EQ1 102 ? 1_555 64.8  ? 
73 O2D   B I EQ1 .  ? B EQ1 102 ? 1_555 MG ? J MG . ? B MG 103 ? 1_555 O3D   B I EQ1 .  ? B EQ1 102 ? 1_555 66.7  ? 
74 "O3'" A B G   15 ? B G   15  ? 1_555 MG ? J MG . ? B MG 103 ? 1_555 O2D   B I EQ1 .  ? B EQ1 102 ? 1_555 66.4  ? 
75 "O2'" A B G   15 ? B G   15  ? 1_555 MG ? J MG . ? B MG 103 ? 1_555 O2D   B I EQ1 .  ? B EQ1 102 ? 1_555 22.3  ? 
76 "O3'" A B G   15 ? B G   15  ? 1_555 MG ? J MG . ? B MG 103 ? 1_555 O2D   B I EQ1 .  ? B EQ1 102 ? 1_555 66.4  ? 
77 "O2'" A B G   15 ? B G   15  ? 1_555 MG ? J MG . ? B MG 103 ? 1_555 O2D   B I EQ1 .  ? B EQ1 102 ? 1_555 22.3  ? 
78 O2D   B I EQ1 .  ? B EQ1 102 ? 1_555 MG ? J MG . ? B MG 103 ? 1_555 O2D   B I EQ1 .  ? B EQ1 102 ? 1_555 0.0   ? 
79 O3D   B I EQ1 .  ? B EQ1 102 ? 1_555 MG ? J MG . ? B MG 103 ? 1_555 O2D   B I EQ1 .  ? B EQ1 102 ? 1_555 66.7  ? 
80 "O3'" A B G   15 ? B G   15  ? 1_555 MG ? J MG . ? B MG 103 ? 1_555 O3D   B I EQ1 .  ? B EQ1 102 ? 1_555 13.2  ? 
81 "O2'" A B G   15 ? B G   15  ? 1_555 MG ? J MG . ? B MG 103 ? 1_555 O3D   B I EQ1 .  ? B EQ1 102 ? 1_555 64.8  ? 
82 "O3'" A B G   15 ? B G   15  ? 1_555 MG ? J MG . ? B MG 103 ? 1_555 O3D   B I EQ1 .  ? B EQ1 102 ? 1_555 13.2  ? 
83 "O2'" A B G   15 ? B G   15  ? 1_555 MG ? J MG . ? B MG 103 ? 1_555 O3D   B I EQ1 .  ? B EQ1 102 ? 1_555 64.8  ? 
84 O2D   B I EQ1 .  ? B EQ1 102 ? 1_555 MG ? J MG . ? B MG 103 ? 1_555 O3D   B I EQ1 .  ? B EQ1 102 ? 1_555 66.7  ? 
85 O3D   B I EQ1 .  ? B EQ1 102 ? 1_555 MG ? J MG . ? B MG 103 ? 1_555 O3D   B I EQ1 .  ? B EQ1 102 ? 1_555 0.0   ? 
86 O2D   B I EQ1 .  ? B EQ1 102 ? 1_555 MG ? J MG . ? B MG 103 ? 1_555 O3D   B I EQ1 .  ? B EQ1 102 ? 1_555 66.7  ? 
# 
loop_
_pdbx_validate_rmsd_bond.id 
_pdbx_validate_rmsd_bond.PDB_model_num 
_pdbx_validate_rmsd_bond.auth_atom_id_1 
_pdbx_validate_rmsd_bond.auth_asym_id_1 
_pdbx_validate_rmsd_bond.auth_comp_id_1 
_pdbx_validate_rmsd_bond.auth_seq_id_1 
_pdbx_validate_rmsd_bond.PDB_ins_code_1 
_pdbx_validate_rmsd_bond.label_alt_id_1 
_pdbx_validate_rmsd_bond.auth_atom_id_2 
_pdbx_validate_rmsd_bond.auth_asym_id_2 
_pdbx_validate_rmsd_bond.auth_comp_id_2 
_pdbx_validate_rmsd_bond.auth_seq_id_2 
_pdbx_validate_rmsd_bond.PDB_ins_code_2 
_pdbx_validate_rmsd_bond.label_alt_id_2 
_pdbx_validate_rmsd_bond.bond_value 
_pdbx_validate_rmsd_bond.bond_target_value 
_pdbx_validate_rmsd_bond.bond_deviation 
_pdbx_validate_rmsd_bond.bond_standard_deviation 
_pdbx_validate_rmsd_bond.linker_flag 
1 1 "O3'" A LCC 2 ? ? P A LCC 3 ? ? 1.682 1.607 0.075 0.012 Y 
2 1 "O3'" B LCC 2 ? ? P B LCC 3 ? ? 1.691 1.607 0.084 0.012 Y 
3 1 "O3'" B LCC 3 ? ? P B LCG 4 ? ? 1.700 1.607 0.093 0.012 Y 
# 
loop_
_pdbx_validate_rmsd_angle.id 
_pdbx_validate_rmsd_angle.PDB_model_num 
_pdbx_validate_rmsd_angle.auth_atom_id_1 
_pdbx_validate_rmsd_angle.auth_asym_id_1 
_pdbx_validate_rmsd_angle.auth_comp_id_1 
_pdbx_validate_rmsd_angle.auth_seq_id_1 
_pdbx_validate_rmsd_angle.PDB_ins_code_1 
_pdbx_validate_rmsd_angle.label_alt_id_1 
_pdbx_validate_rmsd_angle.auth_atom_id_2 
_pdbx_validate_rmsd_angle.auth_asym_id_2 
_pdbx_validate_rmsd_angle.auth_comp_id_2 
_pdbx_validate_rmsd_angle.auth_seq_id_2 
_pdbx_validate_rmsd_angle.PDB_ins_code_2 
_pdbx_validate_rmsd_angle.label_alt_id_2 
_pdbx_validate_rmsd_angle.auth_atom_id_3 
_pdbx_validate_rmsd_angle.auth_asym_id_3 
_pdbx_validate_rmsd_angle.auth_comp_id_3 
_pdbx_validate_rmsd_angle.auth_seq_id_3 
_pdbx_validate_rmsd_angle.PDB_ins_code_3 
_pdbx_validate_rmsd_angle.label_alt_id_3 
_pdbx_validate_rmsd_angle.angle_value 
_pdbx_validate_rmsd_angle.angle_target_value 
_pdbx_validate_rmsd_angle.angle_deviation 
_pdbx_validate_rmsd_angle.angle_standard_deviation 
_pdbx_validate_rmsd_angle.linker_flag 
1 1 "C3'" A LCC 1 ? ? "O3'" A LCC 1 ? ? P     A LCC 2 ? ? 108.44 119.70 -11.26 1.20 Y 
2 1 "O3'" A LCC 1 ? ? P     A LCC 2 ? ? "O5'" A LCC 2 ? ? 124.68 104.00 20.68  1.90 Y 
3 1 "C3'" B LCC 1 ? ? "O3'" B LCC 1 ? ? P     B LCC 2 ? ? 101.78 119.70 -17.92 1.20 Y 
4 1 "O3'" B LCC 1 ? ? P     B LCC 2 ? ? "O5'" B LCC 2 ? ? 122.56 104.00 18.56  1.90 Y 
5 1 "O3'" B LCC 2 ? ? P     B LCC 3 ? ? "O5'" B LCC 3 ? ? 91.22  104.00 -12.78 1.90 Y 
# 
loop_
_pdbx_struct_special_symmetry.id 
_pdbx_struct_special_symmetry.PDB_model_num 
_pdbx_struct_special_symmetry.auth_asym_id 
_pdbx_struct_special_symmetry.auth_comp_id 
_pdbx_struct_special_symmetry.auth_seq_id 
_pdbx_struct_special_symmetry.PDB_ins_code 
_pdbx_struct_special_symmetry.label_asym_id 
_pdbx_struct_special_symmetry.label_comp_id 
_pdbx_struct_special_symmetry.label_seq_id 
1 1 A MG  105 ? G MG  . 
2 1 B MG  103 ? J MG  . 
3 1 A HOH 212 ? K HOH . 
4 1 A HOH 217 ? K HOH . 
5 1 B HOH 210 ? L HOH . 
# 
loop_
_chem_comp_atom.comp_id 
_chem_comp_atom.atom_id 
_chem_comp_atom.type_symbol 
_chem_comp_atom.pdbx_aromatic_flag 
_chem_comp_atom.pdbx_stereo_config 
_chem_comp_atom.pdbx_ordinal 
A   OP3    O  N N 1   
A   P      P  N N 2   
A   OP1    O  N N 3   
A   OP2    O  N N 4   
A   "O5'"  O  N N 5   
A   "C5'"  C  N N 6   
A   "C4'"  C  N R 7   
A   "O4'"  O  N N 8   
A   "C3'"  C  N S 9   
A   "O3'"  O  N N 10  
A   "C2'"  C  N R 11  
A   "O2'"  O  N N 12  
A   "C1'"  C  N R 13  
A   N9     N  Y N 14  
A   C8     C  Y N 15  
A   N7     N  Y N 16  
A   C5     C  Y N 17  
A   C6     C  Y N 18  
A   N6     N  N N 19  
A   N1     N  Y N 20  
A   C2     C  Y N 21  
A   N3     N  Y N 22  
A   C4     C  Y N 23  
A   HOP3   H  N N 24  
A   HOP2   H  N N 25  
A   "H5'"  H  N N 26  
A   "H5''" H  N N 27  
A   "H4'"  H  N N 28  
A   "H3'"  H  N N 29  
A   "HO3'" H  N N 30  
A   "H2'"  H  N N 31  
A   "HO2'" H  N N 32  
A   "H1'"  H  N N 33  
A   H8     H  N N 34  
A   H61    H  N N 35  
A   H62    H  N N 36  
A   H2     H  N N 37  
C   OP3    O  N N 38  
C   P      P  N N 39  
C   OP1    O  N N 40  
C   OP2    O  N N 41  
C   "O5'"  O  N N 42  
C   "C5'"  C  N N 43  
C   "C4'"  C  N R 44  
C   "O4'"  O  N N 45  
C   "C3'"  C  N S 46  
C   "O3'"  O  N N 47  
C   "C2'"  C  N R 48  
C   "O2'"  O  N N 49  
C   "C1'"  C  N R 50  
C   N1     N  N N 51  
C   C2     C  N N 52  
C   O2     O  N N 53  
C   N3     N  N N 54  
C   C4     C  N N 55  
C   N4     N  N N 56  
C   C5     C  N N 57  
C   C6     C  N N 58  
C   HOP3   H  N N 59  
C   HOP2   H  N N 60  
C   "H5'"  H  N N 61  
C   "H5''" H  N N 62  
C   "H4'"  H  N N 63  
C   "H3'"  H  N N 64  
C   "HO3'" H  N N 65  
C   "H2'"  H  N N 66  
C   "HO2'" H  N N 67  
C   "H1'"  H  N N 68  
C   H41    H  N N 69  
C   H42    H  N N 70  
C   H5     H  N N 71  
C   H6     H  N N 72  
EQ1 PA     P  N N 73  
EQ1 PG     P  N N 74  
EQ1 C1C    C  Y N 75  
EQ1 C1D    C  N R 76  
EQ1 C1E    C  N R 77  
EQ1 N1A    N  N N 78  
EQ1 N1B    N  N N 79  
EQ1 N1C    N  Y N 80  
EQ1 O1A    O  N N 81  
EQ1 O1G    O  N N 82  
EQ1 C2A    C  N N 83  
EQ1 C2B    C  N N 84  
EQ1 C2C    C  Y N 85  
EQ1 C2D    C  N R 86  
EQ1 C2E    C  N R 87  
EQ1 N2A    N  N N 88  
EQ1 N2B    N  N N 89  
EQ1 N2C    N  Y N 90  
EQ1 O2A    O  N N 91  
EQ1 O2D    O  N N 92  
EQ1 O2E    O  N N 93  
EQ1 O2G    O  N N 94  
EQ1 C3C    C  Y N 95  
EQ1 C3D    C  N S 96  
EQ1 C3E    C  N S 97  
EQ1 N3A    N  N N 98  
EQ1 N3B    N  N N 99  
EQ1 N3C    N  N N 100 
EQ1 O3D    O  N N 101 
EQ1 O3E    O  N N 102 
EQ1 C4A    C  Y N 103 
EQ1 C4B    C  Y N 104 
EQ1 C4D    C  N R 105 
EQ1 C4E    C  N R 106 
EQ1 O4D    O  N N 107 
EQ1 O4E    O  N N 108 
EQ1 C5A    C  Y N 109 
EQ1 C5B    C  Y N 110 
EQ1 C5D    C  N N 111 
EQ1 C5E    C  N N 112 
EQ1 O5D    O  N N 113 
EQ1 O5E    O  N N 114 
EQ1 C6A    C  N N 115 
EQ1 C6B    C  N N 116 
EQ1 O6A    O  N N 117 
EQ1 O6B    O  N N 118 
EQ1 N7A    N  Y N 119 
EQ1 N7B    N  Y N 120 
EQ1 C8A    C  Y N 121 
EQ1 C8B    C  Y N 122 
EQ1 N9A    N  Y N 123 
EQ1 N9B    N  Y N 124 
EQ1 H1     H  N N 125 
EQ1 H2     H  N N 126 
EQ1 H3     H  N N 127 
EQ1 H4     H  N N 128 
EQ1 H5     H  N N 129 
EQ1 H6     H  N N 130 
EQ1 H7     H  N N 131 
EQ1 H8     H  N N 132 
EQ1 H9     H  N N 133 
EQ1 H10    H  N N 134 
EQ1 H11    H  N N 135 
EQ1 H12    H  N N 136 
EQ1 H13    H  N N 137 
EQ1 H14    H  N N 138 
EQ1 H15    H  N N 139 
EQ1 H16    H  N N 140 
EQ1 H17    H  N N 141 
EQ1 H18    H  N N 142 
EQ1 H19    H  N N 143 
EQ1 H20    H  N N 144 
EQ1 H21    H  N N 145 
EQ1 H22    H  N N 146 
EQ1 H23    H  N N 147 
EQ1 H24    H  N N 148 
EQ1 H25    H  N N 149 
EQ1 H26    H  N N 150 
EQ1 H27    H  N N 151 
EQ1 H28    H  N N 152 
EQ1 H29    H  N N 153 
EQ1 H30    H  N N 154 
EQ4 P1     P  N N 155 
EQ4 O1     O  N N 156 
EQ4 O2     O  N N 157 
EQ4 C1     C  N N 158 
EQ4 O3     O  N N 159 
EQ4 C2     C  N R 160 
EQ4 O4     O  N N 161 
EQ4 C3     C  N S 162 
EQ4 O5     O  N N 163 
EQ4 C4     C  N R 164 
EQ4 O6     O  N N 165 
EQ4 C5     C  N R 166 
EQ4 N1     N  N N 167 
EQ4 C6     C  N N 168 
EQ4 N2     N  N N 169 
EQ4 N3     N  N N 170 
EQ4 C7     C  Y N 171 
EQ4 C8     C  Y N 172 
EQ4 C9     C  N N 173 
EQ4 O7     O  N N 174 
EQ4 N4     N  Y N 175 
EQ4 C10    C  Y N 176 
EQ4 N5     N  Y N 177 
EQ4 N6     N  Y N 178 
EQ4 C11    C  Y N 179 
EQ4 C12    C  Y N 180 
EQ4 N7     N  Y N 181 
EQ4 C13    C  Y N 182 
EQ4 N8     N  N N 183 
EQ4 H1     H  N N 184 
EQ4 H2     H  N N 185 
EQ4 H3     H  N N 186 
EQ4 H4     H  N N 187 
EQ4 H5     H  N N 188 
EQ4 H6     H  N N 189 
EQ4 H7     H  N N 190 
EQ4 H8     H  N N 191 
EQ4 H9     H  N N 192 
EQ4 H10    H  N N 193 
EQ4 H11    H  N N 194 
EQ4 H12    H  N N 195 
EQ4 H13    H  N N 196 
EQ4 H14    H  N N 197 
EQ4 H15    H  N N 198 
EQ4 H16    H  N N 199 
EQ4 H17    H  N N 200 
G   OP3    O  N N 201 
G   P      P  N N 202 
G   OP1    O  N N 203 
G   OP2    O  N N 204 
G   "O5'"  O  N N 205 
G   "C5'"  C  N N 206 
G   "C4'"  C  N R 207 
G   "O4'"  O  N N 208 
G   "C3'"  C  N S 209 
G   "O3'"  O  N N 210 
G   "C2'"  C  N R 211 
G   "O2'"  O  N N 212 
G   "C1'"  C  N R 213 
G   N9     N  Y N 214 
G   C8     C  Y N 215 
G   N7     N  Y N 216 
G   C5     C  Y N 217 
G   C6     C  N N 218 
G   O6     O  N N 219 
G   N1     N  N N 220 
G   C2     C  N N 221 
G   N2     N  N N 222 
G   N3     N  N N 223 
G   C4     C  Y N 224 
G   HOP3   H  N N 225 
G   HOP2   H  N N 226 
G   "H5'"  H  N N 227 
G   "H5''" H  N N 228 
G   "H4'"  H  N N 229 
G   "H3'"  H  N N 230 
G   "HO3'" H  N N 231 
G   "H2'"  H  N N 232 
G   "HO2'" H  N N 233 
G   "H1'"  H  N N 234 
G   H8     H  N N 235 
G   H1     H  N N 236 
G   H21    H  N N 237 
G   H22    H  N N 238 
HOH O      O  N N 239 
HOH H1     H  N N 240 
HOH H2     H  N N 241 
LCC "O5'"  O  N N 242 
LCC "C5'"  C  N N 243 
LCC "C4'"  C  N R 244 
LCC "O4'"  O  N N 245 
LCC "C1'"  C  N R 246 
LCC N1     N  N N 247 
LCC C6     C  N N 248 
LCC C5     C  N N 249 
LCC C5M    C  N N 250 
LCC C4     C  N N 251 
LCC N4     N  N N 252 
LCC N3     N  N N 253 
LCC C2     C  N N 254 
LCC O2     O  N N 255 
LCC "C3'"  C  N S 256 
LCC "C2'"  C  N R 257 
LCC "O2'"  O  N N 258 
LCC "O3'"  O  N N 259 
LCC "C6'"  C  N N 260 
LCC P      P  N N 261 
LCC O1P    O  N N 262 
LCC O2P    O  N N 263 
LCC OXT    O  N N 264 
LCC "H5'1" H  N N 265 
LCC "H5'2" H  N N 266 
LCC "H1'"  H  N N 267 
LCC H6     H  N N 268 
LCC H5M1   H  N N 269 
LCC H5M2   H  N N 270 
LCC H5M3   H  N N 271 
LCC H41    H  N N 272 
LCC H42    H  N N 273 
LCC "H3'"  H  N N 274 
LCC "H2'1" H  N N 275 
LCC H3T    H  N N 276 
LCC "H6'1" H  N N 277 
LCC "H6'2" H  N N 278 
LCC H1P    H  N N 279 
LCC HXT    H  N N 280 
LCG P      P  N N 281 
LCG OP1    O  N N 282 
LCG "O5'"  O  N N 283 
LCG "C5'"  C  N N 284 
LCG "C3'"  C  N S 285 
LCG "C6'"  C  N N 286 
LCG N9     N  Y N 287 
LCG C8     C  Y N 288 
LCG C4     C  Y N 289 
LCG N7     N  Y N 290 
LCG C5     C  Y N 291 
LCG C6     C  N N 292 
LCG "C2'"  C  N R 293 
LCG O6     O  N N 294 
LCG "C4'"  C  N R 295 
LCG "C1'"  C  N R 296 
LCG C2     C  N N 297 
LCG N1     N  N N 298 
LCG "O4'"  O  N N 299 
LCG OP2    O  N N 300 
LCG N2     N  N N 301 
LCG N3     N  N N 302 
LCG "O2'"  O  N N 303 
LCG "O3'"  O  N N 304 
LCG OP3    O  N N 305 
LCG "H5'"  H  N N 306 
LCG "H5''" H  N N 307 
LCG "H3'"  H  N N 308 
LCG "H6'1" H  N N 309 
LCG "H6'2" H  N N 310 
LCG H8     H  N N 311 
LCG "H2'"  H  N N 312 
LCG "H1'"  H  N N 313 
LCG H1     H  N N 314 
LCG HOP2   H  N N 315 
LCG H21    H  N N 316 
LCG H22    H  N N 317 
LCG "HO3'" H  N N 318 
LCG HOP3   H  N N 319 
MG  MG     MG N N 320 
U   OP3    O  N N 321 
U   P      P  N N 322 
U   OP1    O  N N 323 
U   OP2    O  N N 324 
U   "O5'"  O  N N 325 
U   "C5'"  C  N N 326 
U   "C4'"  C  N R 327 
U   "O4'"  O  N N 328 
U   "C3'"  C  N S 329 
U   "O3'"  O  N N 330 
U   "C2'"  C  N R 331 
U   "O2'"  O  N N 332 
U   "C1'"  C  N R 333 
U   N1     N  N N 334 
U   C2     C  N N 335 
U   O2     O  N N 336 
U   N3     N  N N 337 
U   C4     C  N N 338 
U   O4     O  N N 339 
U   C5     C  N N 340 
U   C6     C  N N 341 
U   HOP3   H  N N 342 
U   HOP2   H  N N 343 
U   "H5'"  H  N N 344 
U   "H5''" H  N N 345 
U   "H4'"  H  N N 346 
U   "H3'"  H  N N 347 
U   "HO3'" H  N N 348 
U   "H2'"  H  N N 349 
U   "HO2'" H  N N 350 
U   "H1'"  H  N N 351 
U   H3     H  N N 352 
U   H5     H  N N 353 
U   H6     H  N N 354 
# 
loop_
_chem_comp_bond.comp_id 
_chem_comp_bond.atom_id_1 
_chem_comp_bond.atom_id_2 
_chem_comp_bond.value_order 
_chem_comp_bond.pdbx_aromatic_flag 
_chem_comp_bond.pdbx_stereo_config 
_chem_comp_bond.pdbx_ordinal 
A   OP3   P      sing N N 1   
A   OP3   HOP3   sing N N 2   
A   P     OP1    doub N N 3   
A   P     OP2    sing N N 4   
A   P     "O5'"  sing N N 5   
A   OP2   HOP2   sing N N 6   
A   "O5'" "C5'"  sing N N 7   
A   "C5'" "C4'"  sing N N 8   
A   "C5'" "H5'"  sing N N 9   
A   "C5'" "H5''" sing N N 10  
A   "C4'" "O4'"  sing N N 11  
A   "C4'" "C3'"  sing N N 12  
A   "C4'" "H4'"  sing N N 13  
A   "O4'" "C1'"  sing N N 14  
A   "C3'" "O3'"  sing N N 15  
A   "C3'" "C2'"  sing N N 16  
A   "C3'" "H3'"  sing N N 17  
A   "O3'" "HO3'" sing N N 18  
A   "C2'" "O2'"  sing N N 19  
A   "C2'" "C1'"  sing N N 20  
A   "C2'" "H2'"  sing N N 21  
A   "O2'" "HO2'" sing N N 22  
A   "C1'" N9     sing N N 23  
A   "C1'" "H1'"  sing N N 24  
A   N9    C8     sing Y N 25  
A   N9    C4     sing Y N 26  
A   C8    N7     doub Y N 27  
A   C8    H8     sing N N 28  
A   N7    C5     sing Y N 29  
A   C5    C6     sing Y N 30  
A   C5    C4     doub Y N 31  
A   C6    N6     sing N N 32  
A   C6    N1     doub Y N 33  
A   N6    H61    sing N N 34  
A   N6    H62    sing N N 35  
A   N1    C2     sing Y N 36  
A   C2    N3     doub Y N 37  
A   C2    H2     sing N N 38  
A   N3    C4     sing Y N 39  
C   OP3   P      sing N N 40  
C   OP3   HOP3   sing N N 41  
C   P     OP1    doub N N 42  
C   P     OP2    sing N N 43  
C   P     "O5'"  sing N N 44  
C   OP2   HOP2   sing N N 45  
C   "O5'" "C5'"  sing N N 46  
C   "C5'" "C4'"  sing N N 47  
C   "C5'" "H5'"  sing N N 48  
C   "C5'" "H5''" sing N N 49  
C   "C4'" "O4'"  sing N N 50  
C   "C4'" "C3'"  sing N N 51  
C   "C4'" "H4'"  sing N N 52  
C   "O4'" "C1'"  sing N N 53  
C   "C3'" "O3'"  sing N N 54  
C   "C3'" "C2'"  sing N N 55  
C   "C3'" "H3'"  sing N N 56  
C   "O3'" "HO3'" sing N N 57  
C   "C2'" "O2'"  sing N N 58  
C   "C2'" "C1'"  sing N N 59  
C   "C2'" "H2'"  sing N N 60  
C   "O2'" "HO2'" sing N N 61  
C   "C1'" N1     sing N N 62  
C   "C1'" "H1'"  sing N N 63  
C   N1    C2     sing N N 64  
C   N1    C6     sing N N 65  
C   C2    O2     doub N N 66  
C   C2    N3     sing N N 67  
C   N3    C4     doub N N 68  
C   C4    N4     sing N N 69  
C   C4    C5     sing N N 70  
C   N4    H41    sing N N 71  
C   N4    H42    sing N N 72  
C   C5    C6     doub N N 73  
C   C5    H5     sing N N 74  
C   C6    H6     sing N N 75  
EQ1 O2G   PG     doub N N 76  
EQ1 PG    O1G    sing N N 77  
EQ1 PG    O5E    sing N N 78  
EQ1 PG    N2C    sing N N 79  
EQ1 C2C   N2C    sing Y N 80  
EQ1 C2C   C3C    doub Y N 81  
EQ1 O5E   C5E    sing N N 82  
EQ1 C5E   C4E    sing N N 83  
EQ1 N2C   C1C    doub Y N 84  
EQ1 O3E   C3E    sing N N 85  
EQ1 C3C   N1C    sing Y N 86  
EQ1 C3E   C4E    sing N N 87  
EQ1 C3E   C2E    sing N N 88  
EQ1 C1C   N1C    sing Y N 89  
EQ1 C1C   N3C    sing N N 90  
EQ1 C4E   O4E    sing N N 91  
EQ1 N1C   PA     sing N N 92  
EQ1 C2E   O2E    sing N N 93  
EQ1 C2E   C1E    sing N N 94  
EQ1 O4E   C1E    sing N N 95  
EQ1 O3D   C3D    sing N N 96  
EQ1 PA    O2A    doub N N 97  
EQ1 PA    O1A    sing N N 98  
EQ1 PA    O5D    sing N N 99  
EQ1 C8B   N7B    doub Y N 100 
EQ1 C8B   N9B    sing Y N 101 
EQ1 C1E   N9B    sing N N 102 
EQ1 N7B   C5B    sing Y N 103 
EQ1 N9B   C4B    sing Y N 104 
EQ1 C5B   C4B    doub Y N 105 
EQ1 C5B   C6B    sing N N 106 
EQ1 C4B   N3B    sing N N 107 
EQ1 C3D   C4D    sing N N 108 
EQ1 C3D   C2D    sing N N 109 
EQ1 O6B   C6B    doub N N 110 
EQ1 C6B   N1B    sing N N 111 
EQ1 N3B   C2B    doub N N 112 
EQ1 C5D   O5D    sing N N 113 
EQ1 C5D   C4D    sing N N 114 
EQ1 N1B   C2B    sing N N 115 
EQ1 C2B   N2B    sing N N 116 
EQ1 C4D   O4D    sing N N 117 
EQ1 C2D   O2D    sing N N 118 
EQ1 C2D   C1D    sing N N 119 
EQ1 C8A   N7A    doub Y N 120 
EQ1 C8A   N9A    sing Y N 121 
EQ1 N7A   C5A    sing Y N 122 
EQ1 O4D   C1D    sing N N 123 
EQ1 N9A   C1D    sing N N 124 
EQ1 N9A   C4A    sing Y N 125 
EQ1 C5A   C4A    doub Y N 126 
EQ1 C5A   C6A    sing N N 127 
EQ1 C4A   N3A    sing N N 128 
EQ1 O6A   C6A    doub N N 129 
EQ1 C6A   N1A    sing N N 130 
EQ1 N3A   C2A    doub N N 131 
EQ1 N1A   C2A    sing N N 132 
EQ1 C2A   N2A    sing N N 133 
EQ1 C1D   H1     sing N N 134 
EQ1 C1E   H2     sing N N 135 
EQ1 N1A   H3     sing N N 136 
EQ1 N1B   H4     sing N N 137 
EQ1 O1A   H5     sing N N 138 
EQ1 O1G   H6     sing N N 139 
EQ1 C2C   H7     sing N N 140 
EQ1 C2D   H8     sing N N 141 
EQ1 C2E   H9     sing N N 142 
EQ1 N2A   H10    sing N N 143 
EQ1 N2A   H11    sing N N 144 
EQ1 N2B   H12    sing N N 145 
EQ1 N2B   H13    sing N N 146 
EQ1 O2D   H14    sing N N 147 
EQ1 O2E   H15    sing N N 148 
EQ1 C3C   H16    sing N N 149 
EQ1 C3D   H17    sing N N 150 
EQ1 C3E   H18    sing N N 151 
EQ1 N3C   H19    sing N N 152 
EQ1 N3C   H20    sing N N 153 
EQ1 O3D   H21    sing N N 154 
EQ1 O3E   H22    sing N N 155 
EQ1 C4D   H23    sing N N 156 
EQ1 C4E   H24    sing N N 157 
EQ1 C5D   H25    sing N N 158 
EQ1 C5D   H26    sing N N 159 
EQ1 C5E   H27    sing N N 160 
EQ1 C5E   H28    sing N N 161 
EQ1 C8A   H29    sing N N 162 
EQ1 C8B   H30    sing N N 163 
EQ4 C12   N7     sing Y N 164 
EQ4 C12   C11    doub Y N 165 
EQ4 N7    C13    doub Y N 166 
EQ4 C11   N6     sing Y N 167 
EQ4 C13   N8     sing N N 168 
EQ4 C13   N6     sing Y N 169 
EQ4 N6    P1     sing N N 170 
EQ4 O2    P1     doub N N 171 
EQ4 O5    C3     sing N N 172 
EQ4 P1    O3     sing N N 173 
EQ4 P1    O1     sing N N 174 
EQ4 O3    C1     sing N N 175 
EQ4 C3    C2     sing N N 176 
EQ4 C3    C4     sing N N 177 
EQ4 O6    C4     sing N N 178 
EQ4 C2    C1     sing N N 179 
EQ4 C2    O4     sing N N 180 
EQ4 C4    C5     sing N N 181 
EQ4 O4    C5     sing N N 182 
EQ4 C5    N5     sing N N 183 
EQ4 C10   N5     sing Y N 184 
EQ4 C10   N4     doub Y N 185 
EQ4 N5    C7     sing Y N 186 
EQ4 N4    C8     sing Y N 187 
EQ4 C7    C8     doub Y N 188 
EQ4 C7    N3     sing N N 189 
EQ4 C8    C9     sing N N 190 
EQ4 N3    C6     doub N N 191 
EQ4 C9    O7     doub N N 192 
EQ4 C9    N1     sing N N 193 
EQ4 C6    N1     sing N N 194 
EQ4 C6    N2     sing N N 195 
EQ4 O1    H1     sing N N 196 
EQ4 C1    H2     sing N N 197 
EQ4 C1    H3     sing N N 198 
EQ4 C2    H4     sing N N 199 
EQ4 C3    H5     sing N N 200 
EQ4 O5    H6     sing N N 201 
EQ4 C4    H7     sing N N 202 
EQ4 O6    H8     sing N N 203 
EQ4 C5    H9     sing N N 204 
EQ4 N1    H10    sing N N 205 
EQ4 N2    H11    sing N N 206 
EQ4 N2    H12    sing N N 207 
EQ4 C10   H13    sing N N 208 
EQ4 C11   H14    sing N N 209 
EQ4 C12   H15    sing N N 210 
EQ4 N8    H16    sing N N 211 
EQ4 N8    H17    sing N N 212 
G   OP3   P      sing N N 213 
G   OP3   HOP3   sing N N 214 
G   P     OP1    doub N N 215 
G   P     OP2    sing N N 216 
G   P     "O5'"  sing N N 217 
G   OP2   HOP2   sing N N 218 
G   "O5'" "C5'"  sing N N 219 
G   "C5'" "C4'"  sing N N 220 
G   "C5'" "H5'"  sing N N 221 
G   "C5'" "H5''" sing N N 222 
G   "C4'" "O4'"  sing N N 223 
G   "C4'" "C3'"  sing N N 224 
G   "C4'" "H4'"  sing N N 225 
G   "O4'" "C1'"  sing N N 226 
G   "C3'" "O3'"  sing N N 227 
G   "C3'" "C2'"  sing N N 228 
G   "C3'" "H3'"  sing N N 229 
G   "O3'" "HO3'" sing N N 230 
G   "C2'" "O2'"  sing N N 231 
G   "C2'" "C1'"  sing N N 232 
G   "C2'" "H2'"  sing N N 233 
G   "O2'" "HO2'" sing N N 234 
G   "C1'" N9     sing N N 235 
G   "C1'" "H1'"  sing N N 236 
G   N9    C8     sing Y N 237 
G   N9    C4     sing Y N 238 
G   C8    N7     doub Y N 239 
G   C8    H8     sing N N 240 
G   N7    C5     sing Y N 241 
G   C5    C6     sing N N 242 
G   C5    C4     doub Y N 243 
G   C6    O6     doub N N 244 
G   C6    N1     sing N N 245 
G   N1    C2     sing N N 246 
G   N1    H1     sing N N 247 
G   C2    N2     sing N N 248 
G   C2    N3     doub N N 249 
G   N2    H21    sing N N 250 
G   N2    H22    sing N N 251 
G   N3    C4     sing N N 252 
HOH O     H1     sing N N 253 
HOH O     H2     sing N N 254 
LCC "O5'" "C5'"  sing N N 255 
LCC "O5'" P      sing N N 256 
LCC "C5'" "C4'"  sing N N 257 
LCC "C5'" "H5'1" sing N N 258 
LCC "C5'" "H5'2" sing N N 259 
LCC "C4'" "O4'"  sing N N 260 
LCC "C4'" "C3'"  sing N N 261 
LCC "C4'" "C6'"  sing N N 262 
LCC "O4'" "C1'"  sing N N 263 
LCC "C1'" N1     sing N N 264 
LCC "C1'" "C2'"  sing N N 265 
LCC "C1'" "H1'"  sing N N 266 
LCC N1    C6     sing N N 267 
LCC N1    C2     sing N N 268 
LCC C6    C5     doub N N 269 
LCC C6    H6     sing N N 270 
LCC C5    C5M    sing N N 271 
LCC C5    C4     sing N N 272 
LCC C5M   H5M1   sing N N 273 
LCC C5M   H5M2   sing N N 274 
LCC C5M   H5M3   sing N N 275 
LCC C4    N4     sing N N 276 
LCC C4    N3     doub N N 277 
LCC N4    H41    sing N N 278 
LCC N4    H42    sing N N 279 
LCC N3    C2     sing N N 280 
LCC C2    O2     doub N N 281 
LCC "C3'" "C2'"  sing N N 282 
LCC "C3'" "O3'"  sing N N 283 
LCC "C3'" "H3'"  sing N N 284 
LCC "C2'" "O2'"  sing N N 285 
LCC "C2'" "H2'1" sing N N 286 
LCC "O2'" "C6'"  sing N N 287 
LCC "O3'" H3T    sing N N 288 
LCC "C6'" "H6'1" sing N N 289 
LCC "C6'" "H6'2" sing N N 290 
LCC P     O1P    sing N N 291 
LCC P     O2P    doub N N 292 
LCC P     OXT    sing N N 293 
LCC O1P   H1P    sing N N 294 
LCC OXT   HXT    sing N N 295 
LCG P     OP1    doub N N 296 
LCG P     "O5'"  sing N N 297 
LCG P     OP2    sing N N 298 
LCG P     OP3    sing N N 299 
LCG "O5'" "C5'"  sing N N 300 
LCG "C5'" "C4'"  sing N N 301 
LCG "C5'" "H5'"  sing N N 302 
LCG "C5'" "H5''" sing N N 303 
LCG "C3'" "C2'"  sing N N 304 
LCG "C3'" "C4'"  sing N N 305 
LCG "C3'" "O3'"  sing N N 306 
LCG "C3'" "H3'"  sing N N 307 
LCG "C6'" "C4'"  sing N N 308 
LCG "C6'" "O2'"  sing N N 309 
LCG "C6'" "H6'1" sing N N 310 
LCG "C6'" "H6'2" sing N N 311 
LCG N9    C8     sing Y N 312 
LCG N9    C4     sing Y N 313 
LCG N9    "C1'"  sing N N 314 
LCG C8    N7     doub Y N 315 
LCG C8    H8     sing N N 316 
LCG C4    C5     doub Y N 317 
LCG C4    N3     sing N N 318 
LCG N7    C5     sing Y N 319 
LCG C5    C6     sing N N 320 
LCG C6    O6     doub N N 321 
LCG C6    N1     sing N N 322 
LCG "C2'" "C1'"  sing N N 323 
LCG "C2'" "O2'"  sing N N 324 
LCG "C2'" "H2'"  sing N N 325 
LCG "C4'" "O4'"  sing N N 326 
LCG "C1'" "O4'"  sing N N 327 
LCG "C1'" "H1'"  sing N N 328 
LCG C2    N1     sing N N 329 
LCG C2    N2     sing N N 330 
LCG C2    N3     doub N N 331 
LCG N1    H1     sing N N 332 
LCG OP2   HOP2   sing N N 333 
LCG N2    H21    sing N N 334 
LCG N2    H22    sing N N 335 
LCG "O3'" "HO3'" sing N N 336 
LCG OP3   HOP3   sing N N 337 
U   OP3   P      sing N N 338 
U   OP3   HOP3   sing N N 339 
U   P     OP1    doub N N 340 
U   P     OP2    sing N N 341 
U   P     "O5'"  sing N N 342 
U   OP2   HOP2   sing N N 343 
U   "O5'" "C5'"  sing N N 344 
U   "C5'" "C4'"  sing N N 345 
U   "C5'" "H5'"  sing N N 346 
U   "C5'" "H5''" sing N N 347 
U   "C4'" "O4'"  sing N N 348 
U   "C4'" "C3'"  sing N N 349 
U   "C4'" "H4'"  sing N N 350 
U   "O4'" "C1'"  sing N N 351 
U   "C3'" "O3'"  sing N N 352 
U   "C3'" "C2'"  sing N N 353 
U   "C3'" "H3'"  sing N N 354 
U   "O3'" "HO3'" sing N N 355 
U   "C2'" "O2'"  sing N N 356 
U   "C2'" "C1'"  sing N N 357 
U   "C2'" "H2'"  sing N N 358 
U   "O2'" "HO2'" sing N N 359 
U   "C1'" N1     sing N N 360 
U   "C1'" "H1'"  sing N N 361 
U   N1    C2     sing N N 362 
U   N1    C6     sing N N 363 
U   C2    O2     doub N N 364 
U   C2    N3     sing N N 365 
U   N3    C4     sing N N 366 
U   N3    H3     sing N N 367 
U   C4    O4     doub N N 368 
U   C4    C5     sing N N 369 
U   C5    C6     doub N N 370 
U   C5    H5     sing N N 371 
U   C6    H6     sing N N 372 
# 
_ndb_struct_conf_na.entry_id   6C8N 
_ndb_struct_conf_na.feature    'a-form double helix' 
# 
loop_
_ndb_struct_na_base_pair.model_number 
_ndb_struct_na_base_pair.i_label_asym_id 
_ndb_struct_na_base_pair.i_label_comp_id 
_ndb_struct_na_base_pair.i_label_seq_id 
_ndb_struct_na_base_pair.i_symmetry 
_ndb_struct_na_base_pair.j_label_asym_id 
_ndb_struct_na_base_pair.j_label_comp_id 
_ndb_struct_na_base_pair.j_label_seq_id 
_ndb_struct_na_base_pair.j_symmetry 
_ndb_struct_na_base_pair.shear 
_ndb_struct_na_base_pair.stretch 
_ndb_struct_na_base_pair.stagger 
_ndb_struct_na_base_pair.buckle 
_ndb_struct_na_base_pair.propeller 
_ndb_struct_na_base_pair.opening 
_ndb_struct_na_base_pair.pair_number 
_ndb_struct_na_base_pair.pair_name 
_ndb_struct_na_base_pair.i_auth_asym_id 
_ndb_struct_na_base_pair.i_auth_seq_id 
_ndb_struct_na_base_pair.i_PDB_ins_code 
_ndb_struct_na_base_pair.j_auth_asym_id 
_ndb_struct_na_base_pair.j_auth_seq_id 
_ndb_struct_na_base_pair.j_PDB_ins_code 
_ndb_struct_na_base_pair.hbond_type_28 
_ndb_struct_na_base_pair.hbond_type_12 
1 A LCG 4  1_555 B C   13 1_555 -0.453 -0.269 0.245  0.178   -10.880 -0.952 1  A_LCG4:C13_B A 4  ? B 13 ? 19 1 
1 A A   5  1_555 B U   12 1_555 -0.007 -0.202 0.208  6.323   -8.179  -1.632 2  A_A5:U12_B   A 5  ? B 12 ? 20 1 
1 A C   6  1_555 B G   11 1_555 0.095  -0.097 0.048  9.022   -13.965 -1.119 3  A_C6:G11_B   A 6  ? B 11 ? 19 1 
1 A U   7  1_555 B A   10 1_555 0.032  -0.188 -0.112 0.537   -13.289 -2.967 4  A_U7:A10_B   A 7  ? B 10 ? 20 1 
1 A U   8  1_555 B A   9  1_555 -0.079 -0.028 -0.209 1.691   -9.930  7.475  5  A_U8:A9_B    A 8  ? B 9  ? 20 1 
1 A A   9  1_555 B U   8  1_555 0.050  0.008  -0.144 0.590   -8.358  6.947  6  A_A9:U8_B    A 9  ? B 8  ? 20 1 
1 A A   10 1_555 B U   7  1_555 0.015  -0.147 -0.074 0.370   -13.036 -1.436 7  A_A10:U7_B   A 10 ? B 7  ? 20 1 
1 A G   11 1_555 B C   6  1_555 -0.194 -0.092 -0.033 -10.029 -13.143 -0.170 8  A_G11:C6_B   A 11 ? B 6  ? 19 1 
1 A U   12 1_555 B A   5  1_555 0.003  -0.192 0.207  -7.179  -4.684  -0.771 9  A_U12:A5_B   A 12 ? B 5  ? 20 1 
1 A C   13 1_555 B LCG 4  1_555 0.309  -0.202 0.230  1.032   -12.714 -0.569 10 A_C13:LCG4_B A 13 ? B 4  ? 19 1 
# 
loop_
_ndb_struct_na_base_pair_step.model_number 
_ndb_struct_na_base_pair_step.i_label_asym_id_1 
_ndb_struct_na_base_pair_step.i_label_comp_id_1 
_ndb_struct_na_base_pair_step.i_label_seq_id_1 
_ndb_struct_na_base_pair_step.i_symmetry_1 
_ndb_struct_na_base_pair_step.j_label_asym_id_1 
_ndb_struct_na_base_pair_step.j_label_comp_id_1 
_ndb_struct_na_base_pair_step.j_label_seq_id_1 
_ndb_struct_na_base_pair_step.j_symmetry_1 
_ndb_struct_na_base_pair_step.i_label_asym_id_2 
_ndb_struct_na_base_pair_step.i_label_comp_id_2 
_ndb_struct_na_base_pair_step.i_label_seq_id_2 
_ndb_struct_na_base_pair_step.i_symmetry_2 
_ndb_struct_na_base_pair_step.j_label_asym_id_2 
_ndb_struct_na_base_pair_step.j_label_comp_id_2 
_ndb_struct_na_base_pair_step.j_label_seq_id_2 
_ndb_struct_na_base_pair_step.j_symmetry_2 
_ndb_struct_na_base_pair_step.shift 
_ndb_struct_na_base_pair_step.slide 
_ndb_struct_na_base_pair_step.rise 
_ndb_struct_na_base_pair_step.tilt 
_ndb_struct_na_base_pair_step.roll 
_ndb_struct_na_base_pair_step.twist 
_ndb_struct_na_base_pair_step.x_displacement 
_ndb_struct_na_base_pair_step.y_displacement 
_ndb_struct_na_base_pair_step.helical_rise 
_ndb_struct_na_base_pair_step.inclination 
_ndb_struct_na_base_pair_step.tip 
_ndb_struct_na_base_pair_step.helical_twist 
_ndb_struct_na_base_pair_step.step_number 
_ndb_struct_na_base_pair_step.step_name 
_ndb_struct_na_base_pair_step.i_auth_asym_id_1 
_ndb_struct_na_base_pair_step.i_auth_seq_id_1 
_ndb_struct_na_base_pair_step.i_PDB_ins_code_1 
_ndb_struct_na_base_pair_step.j_auth_asym_id_1 
_ndb_struct_na_base_pair_step.j_auth_seq_id_1 
_ndb_struct_na_base_pair_step.j_PDB_ins_code_1 
_ndb_struct_na_base_pair_step.i_auth_asym_id_2 
_ndb_struct_na_base_pair_step.i_auth_seq_id_2 
_ndb_struct_na_base_pair_step.i_PDB_ins_code_2 
_ndb_struct_na_base_pair_step.j_auth_asym_id_2 
_ndb_struct_na_base_pair_step.j_auth_seq_id_2 
_ndb_struct_na_base_pair_step.j_PDB_ins_code_2 
1 A LCG 4  1_555 B C 13 1_555 A A 5  1_555 B U   12 1_555 -0.441 -1.575 3.076 0.188  4.437  35.863 -3.111 0.736  2.865 7.172  
-0.304 36.128 1 AA_LCG4A5:U12C13_BB A 4  ? B 13 ? A 5  ? B 12 ? 
1 A A   5  1_555 B U 12 1_555 A C 6  1_555 B G   11 1_555 0.545  -1.681 3.239 1.658  2.282  31.351 -3.515 -0.703 3.135 4.213  
-3.060 31.474 2 AA_A5C6:G11U12_BB   A 5  ? B 12 ? A 6  ? B 11 ? 
1 A C   6  1_555 B G 11 1_555 A U 7  1_555 B A   10 1_555 -0.633 -1.834 3.362 -0.757 12.938 30.225 -5.290 1.000  2.411 23.500 
1.376  32.826 3 AA_C6U7:A10G11_BB   A 6  ? B 11 ? A 7  ? B 10 ? 
1 A U   7  1_555 B A 10 1_555 A U 8  1_555 B A   9  1_555 0.276  -1.191 3.295 -0.261 6.988  30.323 -3.515 -0.563 2.951 13.141 
0.491  31.101 4 AA_U7U8:A9A10_BB    A 7  ? B 10 ? A 8  ? B 9  ? 
1 A U   8  1_555 B A 9  1_555 A A 9  1_555 B U   8  1_555 -0.029 -1.370 3.213 -0.404 18.948 32.983 -4.247 -0.002 2.143 30.447 
0.649  37.909 5 AA_U8A9:U8A9_BB     A 8  ? B 9  ? A 9  ? B 8  ? 
1 A A   9  1_555 B U 8  1_555 A A 10 1_555 B U   7  1_555 -0.211 -1.193 3.329 0.666  6.934  30.060 -3.563 0.523  2.981 13.148 
-1.262 30.838 6 AA_A9A10:U7U8_BB    A 9  ? B 8  ? A 10 ? B 7  ? 
1 A A   10 1_555 B U 7  1_555 A G 11 1_555 B C   6  1_555 0.558  -1.854 3.392 1.322  13.337 30.104 -5.389 -0.777 2.399 24.225 
-2.401 32.889 7 AA_A10G11:C6U7_BB   A 10 ? B 7  ? A 11 ? B 6  ? 
1 A G   11 1_555 B C 6  1_555 A U 12 1_555 B A   5  1_555 -0.471 -1.665 3.246 -2.566 2.587  31.262 -3.543 0.399  3.130 4.780  
4.741  31.468 8 AA_G11U12:A5C6_BB   A 11 ? B 6  ? A 12 ? B 5  ? 
1 A U   12 1_555 B A 5  1_555 A C 13 1_555 B LCG 4  1_555 0.377  -1.522 3.016 0.253  3.215  34.892 -2.964 -0.591 2.871 5.347  
-0.421 35.036 9 AA_U12C13:LCG4A5_BB A 12 ? B 5  ? A 13 ? B 4  ? 
# 
_pdbx_audit_support.funding_organization   'Howard Hughes Medical Institute (HHMI)' 
_pdbx_audit_support.country                'United States' 
_pdbx_audit_support.grant_number           ? 
_pdbx_audit_support.ordinal                1 
# 
_pdbx_initial_refinement_model.id               1 
_pdbx_initial_refinement_model.entity_id_list   ? 
_pdbx_initial_refinement_model.type             'experimental model' 
_pdbx_initial_refinement_model.source_name      PDB 
_pdbx_initial_refinement_model.accession_code   5DHC 
_pdbx_initial_refinement_model.details          ? 
# 
_atom_sites.entry_id                    6C8N 
_atom_sites.fract_transf_matrix[1][1]   -0.02227657 
_atom_sites.fract_transf_matrix[1][2]   0.00184050 
_atom_sites.fract_transf_matrix[1][3]   -0.01022814 
_atom_sites.fract_transf_matrix[2][1]   -0.01660671 
_atom_sites.fract_transf_matrix[2][2]   0.01548450 
_atom_sites.fract_transf_matrix[2][3]   0.00941664 
_atom_sites.fract_transf_matrix[3][1]   0.00404082 
_atom_sites.fract_transf_matrix[3][2]   0.00873035 
_atom_sites.fract_transf_matrix[3][3]   -0.00722980 
_atom_sites.fract_transf_vector[1]      0.205820 
_atom_sites.fract_transf_vector[2]      -0.206327 
_atom_sites.fract_transf_vector[3]      0.749928 
# 
loop_
_atom_type.symbol 
C  
MG 
N  
O  
P  
# 
loop_
_atom_site.group_PDB 
_atom_site.id 
_atom_site.type_symbol 
_atom_site.label_atom_id 
_atom_site.label_alt_id 
_atom_site.label_comp_id 
_atom_site.label_asym_id 
_atom_site.label_entity_id 
_atom_site.label_seq_id 
_atom_site.pdbx_PDB_ins_code 
_atom_site.Cartn_x 
_atom_site.Cartn_y 
_atom_site.Cartn_z 
_atom_site.occupancy 
_atom_site.B_iso_or_equiv 
_atom_site.pdbx_formal_charge 
_atom_site.auth_seq_id 
_atom_site.auth_comp_id 
_atom_site.auth_asym_id 
_atom_site.auth_atom_id 
_atom_site.pdbx_PDB_model_num 
HETATM 1   O  "O5'" . LCC A 1 1  ? -4.363  20.589  -6.210  1.00 47.28 ?  1   LCC A "O5'" 1 
HETATM 2   C  "C5'" . LCC A 1 1  ? -5.557  20.689  -7.033  1.00 43.79 ?  1   LCC A "C5'" 1 
HETATM 3   C  "C4'" . LCC A 1 1  ? -5.180  19.863  -8.286  1.00 42.72 ?  1   LCC A "C4'" 1 
HETATM 4   O  "O4'" . LCC A 1 1  ? -4.028  20.382  -8.976  1.00 43.74 ?  1   LCC A "O4'" 1 
HETATM 5   C  "C1'" . LCC A 1 1  ? -3.535  19.298  -9.758  1.00 40.48 ?  1   LCC A "C1'" 1 
HETATM 6   N  N1    . LCC A 1 1  ? -2.072  19.040  -9.508  1.00 39.50 ?  1   LCC A N1    1 
HETATM 7   C  C6    . LCC A 1 1  ? -1.387  19.553  -8.333  1.00 37.67 ?  1   LCC A C6    1 
HETATM 8   C  C5    . LCC A 1 1  ? -0.022  19.275  -8.213  1.00 41.65 ?  1   LCC A C5    1 
HETATM 9   C  C5M   . LCC A 1 1  ? 0.763   19.719  -7.136  1.00 44.52 ?  1   LCC A C5M   1 
HETATM 10  C  C4    . LCC A 1 1  ? 0.576   18.508  -9.238  1.00 41.94 ?  1   LCC A C4    1 
HETATM 11  N  N4    . LCC A 1 1  ? 1.888   18.193  -9.170  1.00 41.34 ?  1   LCC A N4    1 
HETATM 12  N  N3    . LCC A 1 1  ? -0.134  18.041  -10.269 1.00 37.07 ?  1   LCC A N3    1 
HETATM 13  C  C2    . LCC A 1 1  ? -1.421  18.297  -10.440 1.00 37.51 ?  1   LCC A C2    1 
HETATM 14  O  O2    . LCC A 1 1  ? -1.956  17.800  -11.455 1.00 34.57 ?  1   LCC A O2    1 
HETATM 15  C  "C3'" . LCC A 1 1  ? -4.729  18.510  -7.978  1.00 41.22 ?  1   LCC A "C3'" 1 
HETATM 16  C  "C2'" . LCC A 1 1  ? -4.500  18.181  -9.369  1.00 40.16 ?  1   LCC A "C2'" 1 
HETATM 17  O  "O2'" . LCC A 1 1  ? -5.777  18.453  -9.974  1.00 42.43 ?  1   LCC A "O2'" 1 
HETATM 18  O  "O3'" . LCC A 1 1  ? -5.873  17.900  -7.412  1.00 40.57 ?  1   LCC A "O3'" 1 
HETATM 19  C  "C6'" . LCC A 1 1  ? -6.345  19.615  -9.258  1.00 43.69 ?  1   LCC A "C6'" 1 
HETATM 20  O  "O5'" . LCC A 1 2  ? -5.285  15.157  -8.319  1.00 33.07 ?  2   LCC A "O5'" 1 
HETATM 21  C  "C5'" . LCC A 1 2  ? -6.380  14.831  -9.184  1.00 33.26 ?  2   LCC A "C5'" 1 
HETATM 22  C  "C4'" . LCC A 1 2  ? -5.619  14.152  -10.314 1.00 33.73 ?  2   LCC A "C4'" 1 
HETATM 23  O  "O4'" . LCC A 1 2  ? -4.525  14.928  -10.808 1.00 37.24 ?  2   LCC A "O4'" 1 
HETATM 24  C  "C1'" . LCC A 1 2  ? -3.715  13.997  -11.488 1.00 34.38 ?  2   LCC A "C1'" 1 
HETATM 25  N  N1    . LCC A 1 2  ? -2.371  14.059  -10.917 1.00 31.12 ?  2   LCC A N1    1 
HETATM 26  C  C6    . LCC A 1 2  ? -2.112  14.749  -9.720  1.00 34.81 ?  2   LCC A C6    1 
HETATM 27  C  C5    . LCC A 1 2  ? -0.814  14.797  -9.248  1.00 35.14 ?  2   LCC A C5    1 
HETATM 28  C  C5M   . LCC A 1 2  ? -0.574  15.473  -8.038  1.00 37.28 ?  2   LCC A C5M   1 
HETATM 29  C  C4    . LCC A 1 2  ? 0.191   14.160  -10.011 1.00 33.14 ?  2   LCC A C4    1 
HETATM 30  N  N4    . LCC A 1 2  ? 1.431   14.181  -9.556  1.00 32.98 ?  2   LCC A N4    1 
HETATM 31  N  N3    . LCC A 1 2  ? -0.092  13.525  -11.150 1.00 31.77 ?  2   LCC A N3    1 
HETATM 32  C  C2    . LCC A 1 2  ? -1.371  13.463  -11.596 1.00 33.38 ?  2   LCC A C2    1 
HETATM 33  O  O2    . LCC A 1 2  ? -1.630  12.844  -12.651 1.00 33.75 ?  2   LCC A O2    1 
HETATM 34  C  "C3'" . LCC A 1 2  ? -4.851  12.918  -9.918  1.00 35.62 ?  2   LCC A "C3'" 1 
HETATM 35  C  "C2'" . LCC A 1 2  ? -4.402  12.674  -11.258 1.00 35.20 ?  2   LCC A "C2'" 1 
HETATM 36  O  "O2'" . LCC A 1 2  ? -5.662  12.664  -12.028 1.00 34.91 ?  2   LCC A "O2'" 1 
HETATM 37  O  "O3'" . LCC A 1 2  ? -5.756  11.897  -9.636  1.00 40.42 ?  2   LCC A "O3'" 1 
HETATM 38  C  "C6'" . LCC A 1 2  ? -6.499  13.765  -11.471 1.00 33.75 ?  2   LCC A "C6'" 1 
HETATM 39  P  P     . LCC A 1 2  ? -5.528  16.284  -7.134  1.00 39.93 ?  2   LCC A P     1 
HETATM 40  O  O1P   . LCC A 1 2  ? -4.127  16.158  -6.229  1.00 37.19 -1 2   LCC A O1P   1 
HETATM 41  O  O2P   . LCC A 1 2  ? -6.943  15.999  -6.467  1.00 32.28 ?  2   LCC A O2P   1 
HETATM 42  O  "O5'" . LCC A 1 3  ? -4.592  9.821   -9.485  1.00 31.74 ?  3   LCC A "O5'" 1 
HETATM 43  C  "C5'" . LCC A 1 3  ? -5.308  9.124   -10.540 1.00 31.42 ?  3   LCC A "C5'" 1 
HETATM 44  C  "C4'" . LCC A 1 3  ? -4.203  8.507   -11.414 1.00 31.18 ?  3   LCC A "C4'" 1 
HETATM 45  O  "O4'" . LCC A 1 3  ? -3.160  9.445   -11.775 1.00 30.90 ?  3   LCC A "O4'" 1 
HETATM 46  C  "C1'" . LCC A 1 3  ? -2.087  8.656   -12.138 1.00 28.75 ?  3   LCC A "C1'" 1 
HETATM 47  N  N1    . LCC A 1 3  ? -1.057  9.151   -11.256 1.00 27.12 ?  3   LCC A N1    1 
HETATM 48  C  C6    . LCC A 1 3  ? -1.331  9.985   -10.132 1.00 28.95 ?  3   LCC A C6    1 
HETATM 49  C  C5    . LCC A 1 3  ? -0.228  10.439  -9.389  1.00 32.73 ?  3   LCC A C5    1 
HETATM 50  C  C5M   . LCC A 1 3  ? -0.437  11.229  -8.238  1.00 34.30 ?  3   LCC A C5M   1 
HETATM 51  C  C4    . LCC A 1 3  ? 1.056   10.079  -9.821  1.00 32.09 ?  3   LCC A C4    1 
HETATM 52  N  N4    . LCC A 1 3  ? 2.096   10.535  -9.137  1.00 31.59 ?  3   LCC A N4    1 
HETATM 53  N  N3    . LCC A 1 3  ? 1.266   9.270   -10.888 1.00 27.63 ?  3   LCC A N3    1 
HETATM 54  C  C2    . LCC A 1 3  ? 0.230   8.824   -11.591 1.00 29.50 ?  3   LCC A C2    1 
HETATM 55  O  O2    . LCC A 1 3  ? 0.512   8.083   -12.568 1.00 28.50 ?  3   LCC A O2    1 
HETATM 56  C  "C3'" . LCC A 1 3  ? -3.344  7.510   -10.751 1.00 33.90 ?  3   LCC A "C3'" 1 
HETATM 57  C  "C2'" . LCC A 1 3  ? -2.490  7.284   -11.911 1.00 30.90 ?  3   LCC A "C2'" 1 
HETATM 58  O  "O2'" . LCC A 1 3  ? -3.481  6.874   -12.877 1.00 32.69 ?  3   LCC A "O2'" 1 
HETATM 59  O  "O3'" . LCC A 1 3  ? -4.071  6.324   -10.477 1.00 34.74 ?  3   LCC A "O3'" 1 
HETATM 60  C  "C6'" . LCC A 1 3  ? -4.734  7.699   -12.595 1.00 34.11 ?  3   LCC A "C6'" 1 
HETATM 61  P  P     . LCC A 1 3  ? -5.352  10.775  -8.450  1.00 37.30 ?  3   LCC A P     1 
HETATM 62  O  O1P   . LCC A 1 3  ? -4.255  11.107  -7.449  1.00 34.09 -1 3   LCC A O1P   1 
HETATM 63  O  O2P   . LCC A 1 3  ? -6.608  10.199  -8.096  1.00 35.39 ?  3   LCC A O2P   1 
HETATM 64  P  P     . LCG A 1 4  ? -3.691  5.431   -9.128  1.00 33.35 ?  4   LCG A P     1 
HETATM 65  O  OP1   . LCG A 1 4  ? -4.845  4.520   -8.849  1.00 38.03 ?  4   LCG A OP1   1 
HETATM 66  O  "O5'" . LCG A 1 4  ? -2.379  4.554   -9.708  1.00 30.84 ?  4   LCG A "O5'" 1 
HETATM 67  C  "C5'" . LCG A 1 4  ? -2.460  3.537   -10.738 1.00 31.69 ?  4   LCG A "C5'" 1 
HETATM 68  C  "C3'" . LCG A 1 4  ? -0.290  2.670   -9.919  1.00 33.61 ?  4   LCG A "C3'" 1 
HETATM 69  C  "C6'" . LCG A 1 4  ? -0.521  2.112   -12.198 1.00 45.38 ?  4   LCG A "C6'" 1 
HETATM 70  N  N9    . LCG A 1 4  ? 1.430   5.073   -10.228 1.00 29.87 ?  4   LCG A N9    1 
HETATM 71  C  C8    . LCG A 1 4  ? 0.719   5.975   -9.552  1.00 28.78 ?  4   LCG A C8    1 
HETATM 72  C  C4    . LCG A 1 4  ? 2.707   5.186   -9.925  1.00 30.42 ?  4   LCG A C4    1 
HETATM 73  N  N7    . LCG A 1 4  ? 1.563   6.685   -8.787  1.00 30.80 ?  4   LCG A N7    1 
HETATM 74  C  C5    . LCG A 1 4  ? 2.805   6.215   -9.017  1.00 33.78 ?  4   LCG A C5    1 
HETATM 75  C  C6    . LCG A 1 4  ? 3.979   6.559   -8.511  1.00 31.68 ?  4   LCG A C6    1 
HETATM 76  C  "C2'" . LCG A 1 4  ? 1.099   2.648   -10.561 1.00 32.19 ?  4   LCG A "C2'" 1 
HETATM 77  O  O6    . LCG A 1 4  ? 4.153   7.519   -7.725  1.00 32.75 ?  4   LCG A O6    1 
HETATM 78  C  "C4'" . LCG A 1 4  ? -1.005  3.268   -11.064 1.00 33.65 ?  4   LCG A "C4'" 1 
HETATM 79  C  "C1'" . LCG A 1 4  ? 1.088   4.050   -11.169 1.00 32.31 ?  4   LCG A "C1'" 1 
HETATM 80  C  C2    . LCG A 1 4  ? 4.959   4.761   -9.824  1.00 30.84 ?  4   LCG A C2    1 
HETATM 81  N  N1    . LCG A 1 4  ? 5.058   5.803   -8.911  1.00 31.51 ?  4   LCG A N1    1 
HETATM 82  O  "O4'" . LCG A 1 4  ? -0.304  4.448   -11.372 1.00 33.28 ?  4   LCG A "O4'" 1 
HETATM 83  O  OP2   . LCG A 1 4  ? -3.100  6.240   -7.966  1.00 32.72 -1 4   LCG A OP2   1 
HETATM 84  N  N2    . LCG A 1 4  ? 6.080   4.101   -10.123 1.00 30.57 ?  4   LCG A N2    1 
HETATM 85  N  N3    . LCG A 1 4  ? 3.738   4.442   -10.328 1.00 29.72 ?  4   LCG A N3    1 
HETATM 86  O  "O2'" . LCG A 1 4  ? 1.035   1.730   -11.650 1.00 28.73 ?  4   LCG A "O2'" 1 
HETATM 87  O  "O3'" . LCG A 1 4  ? -0.809  1.305   -9.822  1.00 34.54 ?  4   LCG A "O3'" 1 
ATOM   88  P  P     . A   A 1 5  ? -0.736  0.619   -8.357  1.00 32.33 ?  5   A   A P     1 
ATOM   89  O  OP1   . A   A 1 5  ? -1.589  -0.548  -8.587  1.00 40.42 ?  5   A   A OP1   1 
ATOM   90  O  OP2   . A   A 1 5  ? -1.089  1.566   -7.247  1.00 30.45 -1 5   A   A OP2   1 
ATOM   91  O  "O5'" . A   A 1 5  ? 0.802   0.250   -8.211  1.00 31.69 ?  5   A   A "O5'" 1 
ATOM   92  C  "C5'" . A   A 1 5  ? 1.334   -0.770  -9.048  1.00 34.93 ?  5   A   A "C5'" 1 
ATOM   93  C  "C4'" . A   A 1 5  ? 2.813   -0.925  -8.789  1.00 34.17 ?  5   A   A "C4'" 1 
ATOM   94  O  "O4'" . A   A 1 5  ? 3.534   0.254   -9.239  1.00 34.65 ?  5   A   A "O4'" 1 
ATOM   95  C  "C3'" . A   A 1 5  ? 3.250   -1.080  -7.337  1.00 34.35 ?  5   A   A "C3'" 1 
ATOM   96  O  "O3'" . A   A 1 5  ? 3.060   -2.378  -6.816  1.00 32.37 ?  5   A   A "O3'" 1 
ATOM   97  C  "C2'" . A   A 1 5  ? 4.710   -0.724  -7.463  1.00 34.12 ?  5   A   A "C2'" 1 
ATOM   98  O  "O2'" . A   A 1 5  ? 5.416   -1.730  -8.132  1.00 38.71 ?  5   A   A "O2'" 1 
ATOM   99  C  "C1'" . A   A 1 5  ? 4.612   0.514   -8.359  1.00 32.92 ?  5   A   A "C1'" 1 
ATOM   100 N  N9    . A   A 1 5  ? 4.314   1.737   -7.616  1.00 29.61 ?  5   A   A N9    1 
ATOM   101 C  C8    . A   A 1 5  ? 3.092   2.314   -7.392  1.00 29.47 ?  5   A   A C8    1 
ATOM   102 N  N7    . A   A 1 5  ? 3.154   3.437   -6.726  1.00 30.34 ?  5   A   A N7    1 
ATOM   103 C  C5    . A   A 1 5  ? 4.502   3.577   -6.437  1.00 31.27 ?  5   A   A C5    1 
ATOM   104 C  C6    . A   A 1 5  ? 5.217   4.565   -5.746  1.00 34.47 ?  5   A   A C6    1 
ATOM   105 N  N6    . A   A 1 5  ? 4.640   5.611   -5.161  1.00 36.66 ?  5   A   A N6    1 
ATOM   106 N  N1    . A   A 1 5  ? 6.560   4.437   -5.674  1.00 34.10 ?  5   A   A N1    1 
ATOM   107 C  C2    . A   A 1 5  ? 7.134   3.368   -6.248  1.00 36.75 ?  5   A   A C2    1 
ATOM   108 N  N3    . A   A 1 5  ? 6.566   2.380   -6.938  1.00 37.52 ?  5   A   A N3    1 
ATOM   109 C  C4    . A   A 1 5  ? 5.230   2.540   -6.983  1.00 31.42 ?  5   A   A C4    1 
ATOM   110 P  P     . C   A 1 6  ? 2.809   -2.584  -5.286  1.00 31.51 ?  6   C   A P     1 
ATOM   111 O  OP1   . C   A 1 6  ? 2.454   -4.008  -5.044  1.00 31.66 ?  6   C   A OP1   1 
ATOM   112 O  OP2   . C   A 1 6  ? 1.959   -1.476  -4.801  1.00 31.42 -1 6   C   A OP2   1 
ATOM   113 O  "O5'" . C   A 1 6  ? 4.234   -2.350  -4.608  1.00 31.16 ?  6   C   A "O5'" 1 
ATOM   114 C  "C5'" . C   A 1 6  ? 5.405   -3.111  -4.999  1.00 32.14 ?  6   C   A "C5'" 1 
ATOM   115 C  "C4'" . C   A 1 6  ? 6.636   -2.409  -4.497  1.00 30.16 ?  6   C   A "C4'" 1 
ATOM   116 O  "O4'" . C   A 1 6  ? 6.629   -1.052  -5.025  1.00 33.21 ?  6   C   A "O4'" 1 
ATOM   117 C  "C3'" . C   A 1 6  ? 6.743   -2.203  -3.001  1.00 31.34 ?  6   C   A "C3'" 1 
ATOM   118 O  "O3'" . C   A 1 6  ? 7.326   -3.326  -2.380  1.00 31.73 ?  6   C   A "O3'" 1 
ATOM   119 C  "C2'" . C   A 1 6  ? 7.689   -1.016  -2.914  1.00 32.05 ?  6   C   A "C2'" 1 
ATOM   120 O  "O2'" . C   A 1 6  ? 9.029   -1.390  -3.108  1.00 33.53 ?  6   C   A "O2'" 1 
ATOM   121 C  "C1'" . C   A 1 6  ? 7.207   -0.170  -4.088  1.00 31.21 ?  6   C   A "C1'" 1 
ATOM   122 N  N1    . C   A 1 6  ? 6.218   0.848   -3.694  1.00 32.05 ?  6   C   A N1    1 
ATOM   123 C  C2    . C   A 1 6  ? 6.701   2.007   -3.077  1.00 34.97 ?  6   C   A C2    1 
ATOM   124 O  O2    . C   A 1 6  ? 7.922   2.125   -2.899  1.00 35.26 ?  6   C   A O2    1 
ATOM   125 N  N3    . C   A 1 6  ? 5.826   2.965   -2.690  1.00 28.70 ?  6   C   A N3    1 
ATOM   126 C  C4    . C   A 1 6  ? 4.517   2.800   -2.908  1.00 32.14 ?  6   C   A C4    1 
ATOM   127 N  N4    . C   A 1 6  ? 3.689   3.765   -2.509  1.00 28.55 ?  6   C   A N4    1 
ATOM   128 C  C5    . C   A 1 6  ? 3.995   1.619   -3.518  1.00 31.74 ?  6   C   A C5    1 
ATOM   129 C  C6    . C   A 1 6  ? 4.875   0.668   -3.871  1.00 33.99 ?  6   C   A C6    1 
ATOM   130 P  P     . U   A 1 7  ? 7.015   -3.659  -0.856  1.00 37.46 ?  7   U   A P     1 
ATOM   131 O  OP1   . U   A 1 7  ? 7.553   -4.978  -0.599  1.00 35.45 ?  7   U   A OP1   1 
ATOM   132 O  OP2   . U   A 1 7  ? 5.614   -3.383  -0.538  1.00 36.16 -1 7   U   A OP2   1 
ATOM   133 O  "O5'" . U   A 1 7  ? 7.807   -2.550  -0.047  1.00 37.50 ?  7   U   A "O5'" 1 
ATOM   134 C  "C5'" . U   A 1 7  ? 9.225   -2.652  0.097   1.00 41.19 ?  7   U   A "C5'" 1 
ATOM   135 C  "C4'" . U   A 1 7  ? 9.722   -1.493  0.910   1.00 40.82 ?  7   U   A "C4'" 1 
ATOM   136 O  "O4'" . U   A 1 7  ? 9.368   -0.268  0.233   1.00 44.64 ?  7   U   A "O4'" 1 
ATOM   137 C  "C3'" . U   A 1 7  ? 9.055   -1.348  2.266   1.00 44.53 ?  7   U   A "C3'" 1 
ATOM   138 O  "O3'" . U   A 1 7  ? 9.672   -2.182  3.224   1.00 44.18 ?  7   U   A "O3'" 1 
ATOM   139 C  "C2'" . U   A 1 7  ? 9.291   0.114   2.579   1.00 44.52 ?  7   U   A "C2'" 1 
ATOM   140 O  "O2'" . U   A 1 7  ? 10.583  0.394   3.068   1.00 49.46 ?  7   U   A "O2'" 1 
ATOM   141 C  "C1'" . U   A 1 7  ? 9.107   0.733   1.199   1.00 44.15 ?  7   U   A "C1'" 1 
ATOM   142 N  N1    . U   A 1 7  ? 7.764   1.286   1.002   1.00 42.76 ?  7   U   A N1    1 
ATOM   143 C  C2    . U   A 1 7  ? 7.540   2.514   1.585   1.00 42.11 ?  7   U   A C2    1 
ATOM   144 O  O2    . U   A 1 7  ? 8.379   3.088   2.247   1.00 47.07 ?  7   U   A O2    1 
ATOM   145 N  N3    . U   A 1 7  ? 6.298   3.048   1.360   1.00 40.78 ?  7   U   A N3    1 
ATOM   146 C  C4    . U   A 1 7  ? 5.263   2.477   0.660   1.00 39.20 ?  7   U   A C4    1 
ATOM   147 O  O4    . U   A 1 7  ? 4.204   3.087   0.557   1.00 36.35 ?  7   U   A O4    1 
ATOM   148 C  C5    . U   A 1 7  ? 5.559   1.191   0.099   1.00 38.56 ?  7   U   A C5    1 
ATOM   149 C  C6    . U   A 1 7  ? 6.767   0.645   0.294   1.00 40.82 ?  7   U   A C6    1 
ATOM   150 P  P     . U   A 1 8  ? 8.836   -2.878  4.371   1.00 47.58 ?  8   U   A P     1 
ATOM   151 O  OP1   . U   A 1 8  ? 9.671   -4.015  4.837   1.00 46.65 ?  8   U   A OP1   1 
ATOM   152 O  OP2   . U   A 1 8  ? 7.467   -3.147  3.891   1.00 43.68 -1 8   U   A OP2   1 
ATOM   153 O  "O5'" . U   A 1 8  ? 8.651   -1.719  5.446   1.00 43.07 ?  8   U   A "O5'" 1 
ATOM   154 C  "C5'" . U   A 1 8  ? 9.810   -1.131  6.067   1.00 45.02 ?  8   U   A "C5'" 1 
ATOM   155 C  "C4'" . U   A 1 8  ? 9.449   0.138   6.796   1.00 46.17 ?  8   U   A "C4'" 1 
ATOM   156 O  "O4'" . U   A 1 8  ? 9.155   1.199   5.840   1.00 45.07 ?  8   U   A "O4'" 1 
ATOM   157 C  "C3'" . U   A 1 8  ? 8.221   0.087   7.695   1.00 45.05 ?  8   U   A "C3'" 1 
ATOM   158 O  "O3'" . U   A 1 8  ? 8.471   -0.492  8.980   1.00 46.24 ?  8   U   A "O3'" 1 
ATOM   159 C  "C2'" . U   A 1 8  ? 7.890   1.564   7.813   1.00 46.48 ?  8   U   A "C2'" 1 
ATOM   160 O  "O2'" . U   A 1 8  ? 8.726   2.212   8.741   1.00 47.82 ?  8   U   A "O2'" 1 
ATOM   161 C  "C1'" . U   A 1 8  ? 8.159   2.051   6.385   1.00 45.93 ?  8   U   A "C1'" 1 
ATOM   162 N  N1    . U   A 1 8  ? 6.948   1.986   5.549   1.00 45.54 ?  8   U   A N1    1 
ATOM   163 C  C2    . U   A 1 8  ? 6.062   3.044   5.643   1.00 46.88 ?  8   U   A C2    1 
ATOM   164 O  O2    . U   A 1 8  ? 6.272   4.017   6.338   1.00 51.06 ?  8   U   A O2    1 
ATOM   165 N  N3    . U   A 1 8  ? 4.938   2.931   4.866   1.00 45.06 ?  8   U   A N3    1 
ATOM   166 C  C4    . U   A 1 8  ? 4.597   1.885   4.034   1.00 44.73 ?  8   U   A C4    1 
ATOM   167 O  O4    . U   A 1 8  ? 3.539   1.931   3.413   1.00 40.96 ?  8   U   A O4    1 
ATOM   168 C  C5    . U   A 1 8  ? 5.547   0.810   4.012   1.00 50.41 ?  8   U   A C5    1 
ATOM   169 C  C6    . U   A 1 8  ? 6.655   0.887   4.764   1.00 48.63 ?  8   U   A C6    1 
ATOM   170 P  P     . A   A 1 9  ? 7.412   -1.461  9.685   1.00 52.52 ?  9   A   A P     1 
ATOM   171 O  OP1   . A   A 1 9  ? 8.129   -2.149  10.771  1.00 61.76 ?  9   A   A OP1   1 
ATOM   172 O  OP2   . A   A 1 9  ? 6.772   -2.309  8.671   1.00 53.73 -1 9   A   A OP2   1 
ATOM   173 O  "O5'" . A   A 1 9  ? 6.371   -0.430  10.310  1.00 49.02 ?  9   A   A "O5'" 1 
ATOM   174 C  "C5'" . A   A 1 9  ? 6.881   0.627   11.129  1.00 49.68 ?  9   A   A "C5'" 1 
ATOM   175 C  "C4'" . A   A 1 9  ? 5.808   1.581   11.587  1.00 49.62 ?  9   A   A "C4'" 1 
ATOM   176 O  "O4'" . A   A 1 9  ? 5.581   2.588   10.579  1.00 55.24 ?  9   A   A "O4'" 1 
ATOM   177 C  "C3'" . A   A 1 9  ? 4.433   1.011   11.887  1.00 53.65 ?  9   A   A "C3'" 1 
ATOM   178 O  "O3'" . A   A 1 9  ? 4.342   0.511   13.209  1.00 55.00 ?  9   A   A "O3'" 1 
ATOM   179 C  "C2'" . A   A 1 9  ? 3.546   2.239   11.737  1.00 56.56 ?  9   A   A "C2'" 1 
ATOM   180 O  "O2'" . A   A 1 9  ? 3.430   3.054   12.882  1.00 59.32 ?  9   A   A "O2'" 1 
ATOM   181 C  "C1'" . A   A 1 9  ? 4.202   2.929   10.545  1.00 53.18 ?  9   A   A "C1'" 1 
ATOM   182 N  N9    . A   A 1 9  ? 3.659   2.450   9.276   1.00 55.29 ?  9   A   A N9    1 
ATOM   183 C  C8    . A   A 1 9  ? 4.116   1.415   8.495   1.00 53.79 ?  9   A   A C8    1 
ATOM   184 N  N7    . A   A 1 9  ? 3.417   1.231   7.402   1.00 54.04 ?  9   A   A N7    1 
ATOM   185 C  C5    . A   A 1 9  ? 2.417   2.191   7.482   1.00 54.86 ?  9   A   A C5    1 
ATOM   186 C  C6    . A   A 1 9  ? 1.348   2.520   6.626   1.00 51.70 ?  9   A   A C6    1 
ATOM   187 N  N6    . A   A 1 9  ? 1.100   1.888   5.482   1.00 44.74 ?  9   A   A N6    1 
ATOM   188 N  N1    . A   A 1 9  ? 0.561   3.563   6.974   1.00 54.65 ?  9   A   A N1    1 
ATOM   189 C  C2    . A   A 1 9  ? 0.820   4.208   8.119   1.00 51.02 ?  9   A   A C2    1 
ATOM   190 N  N3    . A   A 1 9  ? 1.785   3.984   9.011   1.00 53.81 ?  9   A   A N3    1 
ATOM   191 C  C4    . A   A 1 9  ? 2.561   2.956   8.624   1.00 54.28 ?  9   A   A C4    1 
ATOM   192 P  P     . A   A 1 10 ? 3.305   -0.642  13.522  1.00 55.61 ?  10  A   A P     1 
ATOM   193 O  OP1   . A   A 1 10 ? 3.561   -1.119  14.899  1.00 70.29 ?  10  A   A OP1   1 
ATOM   194 O  OP2   . A   A 1 10 ? 3.350   -1.612  12.406  1.00 66.65 -1 10  A   A OP2   1 
ATOM   195 O  "O5'" . A   A 1 10 ? 1.897   0.101   13.548  1.00 56.31 ?  10  A   A "O5'" 1 
ATOM   196 C  "C5'" . A   A 1 10 ? 1.539   0.931   14.651  1.00 54.15 ?  10  A   A "C5'" 1 
ATOM   197 C  "C4'" . A   A 1 10 ? 0.351   1.769   14.291  1.00 55.08 ?  10  A   A "C4'" 1 
ATOM   198 O  "O4'" . A   A 1 10 ? 0.595   2.473   13.042  1.00 56.12 ?  10  A   A "O4'" 1 
ATOM   199 C  "C3'" . A   A 1 10 ? -0.928  0.992   14.022  1.00 56.34 ?  10  A   A "C3'" 1 
ATOM   200 O  "O3'" . A   A 1 10 ? -1.611  0.559   15.189  1.00 56.51 ?  10  A   A "O3'" 1 
ATOM   201 C  "C2'" . A   A 1 10 ? -1.725  1.989   13.197  1.00 57.54 ?  10  A   A "C2'" 1 
ATOM   202 O  "O2'" . A   A 1 10 ? -2.487  2.951   13.902  1.00 57.68 ?  10  A   A "O2'" 1 
ATOM   203 C  "C1'" . A   A 1 10 ? -0.624  2.572   12.307  1.00 58.58 ?  10  A   A "C1'" 1 
ATOM   204 N  N9    . A   A 1 10 ? -0.509  1.813   11.052  1.00 55.04 ?  10  A   A N9    1 
ATOM   205 C  C8    . A   A 1 10 ? 0.357   0.799   10.722  1.00 53.14 ?  10  A   A C8    1 
ATOM   206 N  N7    . A   A 1 10 ? 0.149   0.295   9.529   1.00 52.86 ?  10  A   A N7    1 
ATOM   207 C  C5    . A   A 1 10 ? -0.943  1.006   9.053   1.00 51.78 ?  10  A   A C5    1 
ATOM   208 C  C6    . A   A 1 10 ? -1.665  0.938   7.846   1.00 51.62 ?  10  A   A C6    1 
ATOM   209 N  N6    . A   A 1 10 ? -1.380  0.088   6.860   1.00 52.74 ?  10  A   A N6    1 
ATOM   210 N  N1    . A   A 1 10 ? -2.720  1.769   7.695   1.00 48.01 ?  10  A   A N1    1 
ATOM   211 C  C2    . A   A 1 10 ? -3.001  2.631   8.681   1.00 49.45 ?  10  A   A C2    1 
ATOM   212 N  N3    . A   A 1 10 ? -2.398  2.788   9.859   1.00 52.56 ?  10  A   A N3    1 
ATOM   213 C  C4    . A   A 1 10 ? -1.372  1.930   9.988   1.00 52.78 ?  10  A   A C4    1 
ATOM   214 P  P     . G   A 1 11 ? -2.281  -0.896  15.214  1.00 59.79 ?  11  G   A P     1 
ATOM   215 O  OP1   . G   A 1 11 ? -2.563  -1.246  16.621  1.00 71.38 ?  11  G   A OP1   1 
ATOM   216 O  OP2   . G   A 1 11 ? -1.446  -1.811  14.402  1.00 62.05 -1 11  G   A OP2   1 
ATOM   217 O  "O5'" . G   A 1 11 ? -3.670  -0.676  14.470  1.00 53.16 ?  11  G   A "O5'" 1 
ATOM   218 C  "C5'" . G   A 1 11 ? -4.583  0.332   14.893  1.00 51.21 ?  11  G   A "C5'" 1 
ATOM   219 C  "C4'" . G   A 1 11 ? -5.529  0.615   13.765  1.00 52.37 ?  11  G   A "C4'" 1 
ATOM   220 O  "O4'" . G   A 1 11 ? -4.787  1.064   12.600  1.00 55.43 ?  11  G   A "O4'" 1 
ATOM   221 C  "C3'" . G   A 1 11 ? -6.285  -0.569  13.196  1.00 53.00 ?  11  G   A "C3'" 1 
ATOM   222 O  "O3'" . G   A 1 11 ? -7.334  -1.024  14.036  1.00 54.15 ?  11  G   A "O3'" 1 
ATOM   223 C  "C2'" . G   A 1 11 ? -6.789  0.036   11.903  1.00 48.81 ?  11  G   A "C2'" 1 
ATOM   224 O  "O2'" . G   A 1 11 ? -7.833  0.951   12.118  1.00 48.10 ?  11  G   A "O2'" 1 
ATOM   225 C  "C1'" . G   A 1 11 ? -5.530  0.753   11.432  1.00 51.04 ?  11  G   A "C1'" 1 
ATOM   226 N  N9    . G   A 1 11 ? -4.715  -0.087  10.553  1.00 52.65 ?  11  G   A N9    1 
ATOM   227 C  C8    . G   A 1 11 ? -3.495  -0.667  10.808  1.00 45.60 ?  11  G   A C8    1 
ATOM   228 N  N7    . G   A 1 11 ? -3.031  -1.348  9.794   1.00 45.30 ?  11  G   A N7    1 
ATOM   229 C  C5    . G   A 1 11 ? -4.011  -1.220  8.817   1.00 44.08 ?  11  G   A C5    1 
ATOM   230 C  C6    . G   A 1 11 ? -4.067  -1.737  7.492   1.00 41.73 ?  11  G   A C6    1 
ATOM   231 O  O6    . G   A 1 11 ? -3.246  -2.449  6.907   1.00 37.73 ?  11  G   A O6    1 
ATOM   232 N  N1    . G   A 1 11 ? -5.243  -1.364  6.850   1.00 39.37 ?  11  G   A N1    1 
ATOM   233 C  C2    . G   A 1 11 ? -6.219  -0.559  7.389   1.00 46.27 ?  11  G   A C2    1 
ATOM   234 N  N2    . G   A 1 11 ? -7.275  -0.290  6.606   1.00 44.89 ?  11  G   A N2    1 
ATOM   235 N  N3    . G   A 1 11 ? -6.172  -0.065  8.614   1.00 49.23 ?  11  G   A N3    1 
ATOM   236 C  C4    . G   A 1 11 ? -5.043  -0.423  9.262   1.00 46.63 ?  11  G   A C4    1 
ATOM   237 P  P     . U   A 1 12 ? -7.851  -2.541  13.973  1.00 53.10 ?  12  U   A P     1 
ATOM   238 O  OP1   . U   A 1 12 ? -8.780  -2.727  15.119  1.00 56.58 ?  12  U   A OP1   1 
ATOM   239 O  OP2   . U   A 1 12 ? -6.676  -3.445  13.813  1.00 44.37 -1 12  U   A OP2   1 
ATOM   240 O  "O5'" . U   A 1 12 ? -8.787  -2.534  12.691  1.00 49.53 ?  12  U   A "O5'" 1 
ATOM   241 C  "C5'" . U   A 1 12 ? -9.934  -1.672  12.592  1.00 44.95 ?  12  U   A "C5'" 1 
ATOM   242 C  "C4'" . U   A 1 12 ? -10.580 -1.834  11.234  1.00 46.18 ?  12  U   A "C4'" 1 
ATOM   243 O  "O4'" . U   A 1 12 ? -9.664  -1.376  10.197  1.00 50.12 ?  12  U   A "O4'" 1 
ATOM   244 C  "C3'" . U   A 1 12 ? -10.902 -3.257  10.818  1.00 44.85 ?  12  U   A "C3'" 1 
ATOM   245 O  "O3'" . U   A 1 12 ? -12.130 -3.745  11.336  1.00 46.73 ?  12  U   A "O3'" 1 
ATOM   246 C  "C2'" . U   A 1 12 ? -10.976 -3.111  9.309   1.00 43.79 ?  12  U   A "C2'" 1 
ATOM   247 O  "O2'" . U   A 1 12 ? -12.135 -2.469  8.825   1.00 42.41 ?  12  U   A "O2'" 1 
ATOM   248 C  "C1'" . U   A 1 12 ? -9.787  -2.205  9.050   1.00 45.70 ?  12  U   A "C1'" 1 
ATOM   249 N  N1    . U   A 1 12 ? -8.518  -2.921  8.803   1.00 47.58 ?  12  U   A N1    1 
ATOM   250 C  C2    . U   A 1 12 ? -8.351  -3.496  7.550   1.00 44.03 ?  12  U   A C2    1 
ATOM   251 O  O2    . U   A 1 12 ? -9.212  -3.475  6.691   1.00 45.76 ?  12  U   A O2    1 
ATOM   252 N  N3    . U   A 1 12 ? -7.149  -4.127  7.358   1.00 40.33 ?  12  U   A N3    1 
ATOM   253 C  C4    . U   A 1 12 ? -6.118  -4.251  8.263   1.00 43.22 ?  12  U   A C4    1 
ATOM   254 O  O4    . U   A 1 12 ? -5.107  -4.865  7.942   1.00 41.74 ?  12  U   A O4    1 
ATOM   255 C  C5    . U   A 1 12 ? -6.360  -3.636  9.534   1.00 41.58 ?  12  U   A C5    1 
ATOM   256 C  C6    . U   A 1 12 ? -7.522  -3.007  9.755   1.00 44.54 ?  12  U   A C6    1 
ATOM   257 P  P     . C   A 1 13 ? -12.315 -5.321  11.585  1.00 48.99 ?  13  C   A P     1 
ATOM   258 O  OP1   . C   A 1 13 ? -13.600 -5.541  12.298  1.00 41.50 ?  13  C   A OP1   1 
ATOM   259 O  OP2   . C   A 1 13 ? -11.031 -5.864  12.091  1.00 44.18 -1 13  C   A OP2   1 
ATOM   260 O  "O5'" . C   A 1 13 ? -12.433 -5.954  10.133  1.00 46.59 ?  13  C   A "O5'" 1 
ATOM   261 C  "C5'" . C   A 1 13 ? -13.555 -5.687  9.323   1.00 45.94 ?  13  C   A "C5'" 1 
ATOM   262 C  "C4'" . C   A 1 13 ? -13.283 -6.162  7.919   1.00 42.40 ?  13  C   A "C4'" 1 
ATOM   263 O  "O4'" . C   A 1 13 ? -12.144 -5.490  7.318   1.00 37.09 ?  13  C   A "O4'" 1 
ATOM   264 C  "C3'" . C   A 1 13 ? -12.949 -7.626  7.755   1.00 41.29 ?  13  C   A "C3'" 1 
ATOM   265 O  "O3'" . C   A 1 13 ? -14.171 -8.317  7.915   1.00 37.59 ?  13  C   A "O3'" 1 
ATOM   266 C  "C2'" . C   A 1 13 ? -12.365 -7.623  6.347   1.00 36.02 ?  13  C   A "C2'" 1 
ATOM   267 O  "O2'" . C   A 1 13 ? -13.326 -7.385  5.323   1.00 33.96 ?  13  C   A "O2'" 1 
ATOM   268 C  "C1'" . C   A 1 13 ? -11.487 -6.384  6.430   1.00 38.73 ?  13  C   A "C1'" 1 
ATOM   269 N  N1    . C   A 1 13 ? -10.143 -6.714  6.952   1.00 40.12 ?  13  C   A N1    1 
ATOM   270 C  C2    . C   A 1 13 ? -9.237  -7.331  6.080   1.00 40.82 ?  13  C   A C2    1 
ATOM   271 O  O2    . C   A 1 13 ? -9.583  -7.546  4.908   1.00 42.11 ?  13  C   A O2    1 
ATOM   272 N  N3    . C   A 1 13 ? -8.007  -7.670  6.536   1.00 39.47 ?  13  C   A N3    1 
ATOM   273 C  C4    . C   A 1 13 ? -7.694  -7.477  7.820   1.00 35.07 ?  13  C   A C4    1 
ATOM   274 N  N4    . C   A 1 13 ? -6.483  -7.842  8.227   1.00 34.34 ?  13  C   A N4    1 
ATOM   275 C  C5    . C   A 1 13 ? -8.603  -6.867  8.733   1.00 38.64 ?  13  C   A C5    1 
ATOM   276 C  C6    . C   A 1 13 ? -9.817  -6.530  8.268   1.00 40.71 ?  13  C   A C6    1 
ATOM   277 P  P     . G   A 1 14 ? -14.158 -9.810  8.408   1.00 41.05 ?  14  G   A P     1 
ATOM   278 O  OP1   . G   A 1 14 ? -15.534 -10.266 8.325   1.00 40.73 ?  14  G   A OP1   1 
ATOM   279 O  OP2   . G   A 1 14 ? -13.328 -9.889  9.644   1.00 40.94 -1 14  G   A OP2   1 
ATOM   280 O  "O5'" . G   A 1 14 ? -13.279 -10.588 7.331   1.00 37.59 ?  14  G   A "O5'" 1 
ATOM   281 C  "C5'" . G   A 1 14 ? -13.844 -10.858 6.048   1.00 34.82 ?  14  G   A "C5'" 1 
ATOM   282 C  "C4'" . G   A 1 14 ? -12.803 -11.479 5.172   1.00 32.98 ?  14  G   A "C4'" 1 
ATOM   283 O  "O4'" . G   A 1 14 ? -11.626 -10.640 5.100   1.00 33.42 ?  14  G   A "O4'" 1 
ATOM   284 C  "C3'" . G   A 1 14 ? -12.196 -12.767 5.681   1.00 34.70 ?  14  G   A "C3'" 1 
ATOM   285 O  "O3'" . G   A 1 14 ? -13.038 -13.901 5.702   1.00 39.91 ?  14  G   A "O3'" 1 
ATOM   286 C  "C2'" . G   A 1 14 ? -11.009 -12.889 4.754   1.00 33.23 ?  14  G   A "C2'" 1 
ATOM   287 O  "O2'" . G   A 1 14 ? -11.286 -13.223 3.416   1.00 34.14 ?  14  G   A "O2'" 1 
ATOM   288 C  "C1'" . G   A 1 14 ? -10.505 -11.456 4.780   1.00 32.60 ?  14  G   A "C1'" 1 
ATOM   289 N  N9    . G   A 1 14 ? -9.461  -11.277 5.779   1.00 33.70 ?  14  G   A N9    1 
ATOM   290 C  C8    . G   A 1 14 ? -9.566  -10.721 7.032   1.00 33.59 ?  14  G   A C8    1 
ATOM   291 N  N7    . G   A 1 14 ? -8.428  -10.687 7.671   1.00 38.31 ?  14  G   A N7    1 
ATOM   292 C  C5    . G   A 1 14 ? -7.525  -11.278 6.798   1.00 35.17 ?  14  G   A C5    1 
ATOM   293 C  C6    . G   A 1 14 ? -6.138  -11.527 6.942   1.00 34.28 ?  14  G   A C6    1 
ATOM   294 O  O6    . G   A 1 14 ? -5.409  -11.286 7.911   1.00 35.13 ?  14  G   A O6    1 
ATOM   295 N  N1    . G   A 1 14 ? -5.611  -12.158 5.817   1.00 30.51 ?  14  G   A N1    1 
ATOM   296 C  C2    . G   A 1 14 ? -6.333  -12.512 4.701   1.00 30.18 ?  14  G   A C2    1 
ATOM   297 N  N2    . G   A 1 14 ? -5.651  -13.109 3.713   1.00 30.14 ?  14  G   A N2    1 
ATOM   298 N  N3    . G   A 1 14 ? -7.619  -12.265 4.549   1.00 33.01 ?  14  G   A N3    1 
ATOM   299 C  C4    . G   A 1 14 ? -8.149  -11.658 5.632   1.00 33.48 ?  14  G   A C4    1 
ATOM   300 P  P     A G   A 1 15 ? -12.914 -14.961 6.930   0.60 45.91 ?  15  G   A P     1 
ATOM   301 O  OP1   A G   A 1 15 ? -14.050 -15.904 6.803   0.60 44.18 ?  15  G   A OP1   1 
ATOM   302 O  OP2   A G   A 1 15 ? -12.737 -14.215 8.215   0.60 41.27 -1 15  G   A OP2   1 
ATOM   303 O  "O5'" A G   A 1 15 ? -11.509 -15.675 6.641   0.60 38.91 ?  15  G   A "O5'" 1 
ATOM   304 C  "C5'" A G   A 1 15 ? -11.346 -16.403 5.420   0.60 35.19 ?  15  G   A "C5'" 1 
ATOM   305 C  "C4'" A G   A 1 15 ? -9.899  -16.655 5.062   0.60 32.60 ?  15  G   A "C4'" 1 
ATOM   306 O  "O4'" A G   A 1 15 ? -9.033  -15.511 5.286   0.60 28.41 ?  15  G   A "O4'" 1 
ATOM   307 C  "C3'" A G   A 1 15 ? -9.181  -17.756 5.816   0.60 32.04 ?  15  G   A "C3'" 1 
ATOM   308 O  "O3'" A G   A 1 15 ? -9.669  -19.040 5.460   0.60 32.57 ?  15  G   A "O3'" 1 
ATOM   309 C  "C2'" A G   A 1 15 ? -7.749  -17.510 5.366   0.60 29.95 ?  15  G   A "C2'" 1 
ATOM   310 O  "O2'" A G   A 1 15 ? -7.544  -17.945 4.042   0.60 32.21 ?  15  G   A "O2'" 1 
ATOM   311 C  "C1'" A G   A 1 15 ? -7.693  -15.977 5.369   0.60 30.06 ?  15  G   A "C1'" 1 
ATOM   312 N  N9    A G   A 1 15 ? -7.059  -15.436 6.566   0.60 28.18 ?  15  G   A N9    1 
ATOM   313 C  C8    A G   A 1 15 ? -7.639  -14.745 7.604   0.60 27.89 ?  15  G   A C8    1 
ATOM   314 N  N7    A G   A 1 15 ? -6.782  -14.384 8.520   0.60 27.19 ?  15  G   A N7    1 
ATOM   315 C  C5    A G   A 1 15 ? -5.565  -14.862 8.059   0.60 26.77 ?  15  G   A C5    1 
ATOM   316 C  C6    A G   A 1 15 ? -4.270  -14.793 8.637   0.60 28.51 ?  15  G   A C6    1 
ATOM   317 O  O6    A G   A 1 15 ? -3.924  -14.249 9.698   0.60 27.00 ?  15  G   A O6    1 
ATOM   318 N  N1    A G   A 1 15 ? -3.321  -15.432 7.843   0.60 30.79 ?  15  G   A N1    1 
ATOM   319 C  C2    A G   A 1 15 ? -3.584  -16.057 6.644   0.60 28.84 ?  15  G   A C2    1 
ATOM   320 N  N2    A G   A 1 15 ? -2.541  -16.623 6.021   0.60 27.64 ?  15  G   A N2    1 
ATOM   321 N  N3    A G   A 1 15 ? -4.788  -16.134 6.102   0.60 27.32 ?  15  G   A N3    1 
ATOM   322 C  C4    A G   A 1 15 ? -5.722  -15.516 6.854   0.60 27.89 ?  15  G   A C4    1 
HETATM 323 O  "O5'" . LCC B 1 1  ? 6.821   -14.544 14.981  1.00 46.48 ?  1   LCC B "O5'" 1 
HETATM 324 C  "C5'" . LCC B 1 1  ? 7.633   -15.532 14.290  1.00 42.24 ?  1   LCC B "C5'" 1 
HETATM 325 C  "C4'" . LCC B 1 1  ? 6.605   -16.245 13.379  1.00 40.51 ?  1   LCC B "C4'" 1 
HETATM 326 O  "O4'" . LCC B 1 1  ? 5.438   -16.722 14.070  1.00 41.77 ?  1   LCC B "O4'" 1 
HETATM 327 C  "C1'" . LCC B 1 1  ? 4.460   -16.928 13.066  1.00 39.46 ?  1   LCC B "C1'" 1 
HETATM 328 N  N1    . LCC B 1 1  ? 3.200   -16.225 13.456  1.00 40.69 ?  1   LCC B N1    1 
HETATM 329 C  C6    . LCC B 1 1  ? 3.178   -15.210 14.472  1.00 38.69 ?  1   LCC B C6    1 
HETATM 330 C  C5    . LCC B 1 1  ? 1.935   -14.648 14.773  1.00 43.00 ?  1   LCC B C5    1 
HETATM 331 C  C5M   . LCC B 1 1  ? 1.784   -13.653 15.746  1.00 45.01 ?  1   LCC B C5M   1 
HETATM 332 C  C4    . LCC B 1 1  ? 0.812   -15.117 14.051  1.00 44.14 ?  1   LCC B C4    1 
HETATM 333 N  N4    . LCC B 1 1  ? -0.414  -14.616 14.282  1.00 44.31 ?  1   LCC B N4    1 
HETATM 334 N  N3    . LCC B 1 1  ? 0.917   -16.045 13.110  1.00 38.81 ?  1   LCC B N3    1 
HETATM 335 C  C2    . LCC B 1 1  ? 2.069   -16.609 12.813  1.00 38.29 ?  1   LCC B C2    1 
HETATM 336 O  O2    . LCC B 1 1  ? 2.030   -17.461 11.910  1.00 36.42 ?  1   LCC B O2    1 
HETATM 337 C  "C3'" . LCC B 1 1  ? 6.032   -15.367 12.400  1.00 40.90 ?  1   LCC B "C3'" 1 
HETATM 338 C  "C2'" . LCC B 1 1  ? 5.169   -16.419 11.830  1.00 40.54 ?  1   LCC B "C2'" 1 
HETATM 339 O  "O2'" . LCC B 1 1  ? 6.122   -17.405 11.437  1.00 40.23 ?  1   LCC B "O2'" 1 
HETATM 340 O  "O3'" . LCC B 1 1  ? 7.160   -14.992 11.524  1.00 38.84 ?  1   LCC B "O3'" 1 
HETATM 341 C  "C6'" . LCC B 1 1  ? 7.180   -17.363 12.512  1.00 42.47 ?  1   LCC B "C6'" 1 
HETATM 342 O  "O5'" . LCC B 1 2  ? 5.518   -14.544 9.200   1.00 33.20 ?  2   LCC B "O5'" 1 
HETATM 343 C  "C5'" . LCC B 1 2  ? 6.081   -15.484 8.312   1.00 30.71 ?  2   LCC B "C5'" 1 
HETATM 344 C  "C4'" . LCC B 1 2  ? 4.806   -15.982 7.685   1.00 32.28 ?  2   LCC B "C4'" 1 
HETATM 345 O  "O4'" . LCC B 1 2  ? 3.792   -16.414 8.619   1.00 35.38 ?  2   LCC B "O4'" 1 
HETATM 346 C  "C1'" . LCC B 1 2  ? 2.610   -16.518 7.840   1.00 32.43 ?  2   LCC B "C1'" 1 
HETATM 347 N  N1    . LCC B 1 2  ? 1.622   -15.701 8.547   1.00 31.77 ?  2   LCC B N1    1 
HETATM 348 C  C6    . LCC B 1 2  ? 2.009   -14.833 9.581   1.00 35.02 ?  2   LCC B C6    1 
HETATM 349 C  C5    . LCC B 1 2  ? 1.061   -14.105 10.257  1.00 34.80 ?  2   LCC B C5    1 
HETATM 350 C  C5M   . LCC B 1 2  ? 1.513   -13.239 11.281  1.00 36.76 ?  2   LCC B C5M   1 
HETATM 351 C  C4    . LCC B 1 2  ? -0.279  -14.260 9.846   1.00 33.09 ?  2   LCC B C4    1 
HETATM 352 N  N4    . LCC B 1 2  ? -1.185  -13.552 10.484  1.00 32.11 ?  2   LCC B N4    1 
HETATM 353 N  N3    . LCC B 1 2  ? -0.629  -15.103 8.861   1.00 30.84 ?  2   LCC B N3    1 
HETATM 354 C  C2    . LCC B 1 2  ? 0.322   -15.806 8.205   1.00 33.25 ?  2   LCC B C2    1 
HETATM 355 O  O2    . LCC B 1 2  ? 0.012   -16.564 7.265   1.00 34.33 ?  2   LCC B O2    1 
HETATM 356 C  "C3'" . LCC B 1 2  ? 3.967   -14.960 6.974   1.00 34.84 ?  2   LCC B "C3'" 1 
HETATM 357 C  "C2'" . LCC B 1 2  ? 3.012   -15.963 6.511   1.00 34.48 ?  2   LCC B "C2'" 1 
HETATM 358 O  "O2'" . LCC B 1 2  ? 3.865   -16.925 5.868   1.00 34.68 ?  2   LCC B "O2'" 1 
HETATM 359 O  "O3'" . LCC B 1 2  ? 4.564   -14.524 5.840   1.00 38.18 ?  2   LCC B "O3'" 1 
HETATM 360 C  "C6'" . LCC B 1 2  ? 5.066   -17.099 6.706   1.00 32.85 ?  2   LCC B "C6'" 1 
HETATM 361 P  P     . LCC B 1 2  ? 6.422   -13.986 10.433  1.00 39.56 ?  2   LCC B P     1 
HETATM 362 O  O1P   . LCC B 1 2  ? 7.834   -13.598 9.855   1.00 34.34 ?  2   LCC B O1P   1 
HETATM 363 O  O2P   . LCC B 1 2  ? 5.409   -12.774 11.104  1.00 34.19 -1 2   LCC B O2P   1 
HETATM 364 O  "O5'" . LCC B 1 3  ? 3.088   -13.380 4.392   1.00 31.17 ?  3   LCC B "O5'" 1 
HETATM 365 C  "C5'" . LCC B 1 3  ? 3.177   -14.238 3.218   1.00 31.46 ?  3   LCC B "C5'" 1 
HETATM 366 C  "C4'" . LCC B 1 3  ? 1.701   -14.474 2.840   1.00 31.18 ?  3   LCC B "C4'" 1 
HETATM 367 O  "O4'" . LCC B 1 3  ? 0.841   -14.882 3.923   1.00 29.67 ?  3   LCC B "O4'" 1 
HETATM 368 C  "C1'" . LCC B 1 3  ? -0.425  -14.624 3.500   1.00 28.82 ?  3   LCC B "C1'" 1 
HETATM 369 N  N1    . LCC B 1 3  ? -0.869  -13.774 4.583   1.00 27.23 ?  3   LCC B N1    1 
HETATM 370 C  C6    . LCC B 1 3  ? 0.018   -13.193 5.507   1.00 28.79 ?  3   LCC B C6    1 
HETATM 371 C  C5    . LCC B 1 3  ? -0.539  -12.430 6.531   1.00 33.01 ?  3   LCC B C5    1 
HETATM 372 C  C5M   . LCC B 1 3  ? 0.345   -11.799 7.430   1.00 35.33 ?  3   LCC B C5M   1 
HETATM 373 C  C4    . LCC B 1 3  ? -1.950  -12.320 6.610   1.00 31.57 ?  3   LCC B C4    1 
HETATM 374 N  N4    . LCC B 1 3  ? -2.500  -11.629 7.607   1.00 30.95 ?  3   LCC B N4    1 
HETATM 375 N  N3    . LCC B 1 3  ? -2.760  -12.896 5.703   1.00 28.16 ?  3   LCC B N3    1 
HETATM 376 C  C2    . LCC B 1 3  ? -2.216  -13.602 4.712   1.00 29.52 ?  3   LCC B C2    1 
HETATM 377 O  O2    . LCC B 1 3  ? -3.021  -14.105 3.921   1.00 28.98 ?  3   LCC B O2    1 
HETATM 378 C  "C3'" . LCC B 1 3  ? 0.940   -13.267 2.444   1.00 33.75 ?  3   LCC B "C3'" 1 
HETATM 379 C  "C2'" . LCC B 1 3  ? -0.311  -13.980 2.206   1.00 30.19 ?  3   LCC B "C2'" 1 
HETATM 380 O  "O2'" . LCC B 1 3  ? 0.128   -14.927 1.201   1.00 31.56 ?  3   LCC B "O2'" 1 
HETATM 381 O  "O3'" . LCC B 1 3  ? 1.427   -12.799 1.208   1.00 36.11 ?  3   LCC B "O3'" 1 
HETATM 382 C  "C6'" . LCC B 1 3  ? 1.534   -15.370 1.598   1.00 32.79 ?  3   LCC B "C6'" 1 
HETATM 383 P  P     . LCC B 1 3  ? 4.399   -12.954 5.234   1.00 35.53 ?  3   LCC B P     1 
HETATM 384 O  O1P   . LCC B 1 3  ? 5.540   -12.715 4.372   1.00 34.54 ?  3   LCC B O1P   1 
HETATM 385 O  O2P   . LCC B 1 3  ? 3.857   -11.937 6.173   1.00 33.93 -1 3   LCC B O2P   1 
HETATM 386 P  P     . LCG B 1 4  ? 1.303   -11.131 0.903   1.00 33.70 ?  4   LCG B P     1 
HETATM 387 O  OP1   . LCG B 1 4  ? 2.218   -10.795 -0.285  1.00 39.07 ?  4   LCG B OP1   1 
HETATM 388 O  "O5'" . LCG B 1 4  ? -0.328  -10.965 0.441   1.00 33.38 ?  4   LCG B "O5'" 1 
HETATM 389 C  "C5'" . LCG B 1 4  ? -0.919  -11.476 -0.790  1.00 33.62 ?  4   LCG B "C5'" 1 
HETATM 390 C  "C3'" . LCG B 1 4  ? -2.801  -9.872  -0.524  1.00 33.23 ?  4   LCG B "C3'" 1 
HETATM 391 C  "C6'" . LCG B 1 4  ? -3.540  -11.776 -1.683  1.00 45.86 ?  4   LCG B "C6'" 1 
HETATM 392 N  N9    . LCG B 1 4  ? -3.778  -10.662 2.179   1.00 30.39 ?  4   LCG B N9    1 
HETATM 393 C  C8    . LCG B 1 4  ? -2.638  -10.620 2.883   1.00 27.77 ?  4   LCG B C8    1 
HETATM 394 C  C4    . LCG B 1 4  ? -4.745  -10.085 2.848   1.00 29.41 ?  4   LCG B C4    1 
HETATM 395 N  N7    . LCG B 1 4  ? -2.891  -9.974  4.035   1.00 30.26 ?  4   LCG B N7    1 
HETATM 396 C  C5    . LCG B 1 4  ? -4.202  -9.658  4.028   1.00 33.73 ?  4   LCG B C5    1 
HETATM 397 C  C6    . LCG B 1 4  ? -4.977  -9.051  4.917   1.00 32.23 ?  4   LCG B C6    1 
HETATM 398 C  "C2'" . LCG B 1 4  ? -4.289  -10.107 -0.195  1.00 32.90 ?  4   LCG B "C2'" 1 
HETATM 399 O  O6    . LCG B 1 4  ? -4.578  -8.659  6.023   1.00 34.06 ?  4   LCG B O6    1 
HETATM 400 C  "C4'" . LCG B 1 4  ? -2.412  -11.280 -0.552  1.00 34.97 ?  4   LCG B "C4'" 1 
HETATM 401 C  "C1'" . LCG B 1 4  ? -4.127  -11.185 0.897   1.00 31.47 ?  4   LCG B "C1'" 1 
HETATM 402 C  C2    . LCG B 1 4  ? -6.827  -9.251  3.375   1.00 30.91 ?  4   LCG B C2    1 
HETATM 403 N  N1    . LCG B 1 4  ? -6.297  -8.816  4.566   1.00 31.17 ?  4   LCG B N1    1 
HETATM 404 O  "O4'" . LCG B 1 4  ? -2.835  -11.818 0.687   1.00 33.87 ?  4   LCG B "O4'" 1 
HETATM 405 O  OP2   . LCG B 1 4  ? 1.452   -10.410 2.240   1.00 31.88 -1 4   LCG B OP2   1 
HETATM 406 N  N2    . LCG B 1 4  ? -8.131  -8.967  3.142   1.00 29.52 ?  4   LCG B N2    1 
HETATM 407 N  N3    . LCG B 1 4  ? -6.014  -9.893  2.500   1.00 28.67 ?  4   LCG B N3    1 
HETATM 408 O  "O2'" . LCG B 1 4  ? -4.824  -10.744 -1.361  1.00 28.96 ?  4   LCG B "O2'" 1 
HETATM 409 O  "O3'" . LCG B 1 4  ? -2.651  -9.413  -1.915  1.00 32.84 ?  4   LCG B "O3'" 1 
ATOM   410 P  P     . A   B 1 5  ? -2.242  -7.812  -2.083  1.00 33.35 ?  5   A   B P     1 
ATOM   411 O  OP1   . A   B 1 5  ? -1.834  -7.769  -3.490  1.00 41.49 ?  5   A   B OP1   1 
ATOM   412 O  OP2   . A   B 1 5  ? -1.316  -7.310  -1.058  1.00 32.02 -1 5   A   B OP2   1 
ATOM   413 O  "O5'" . A   B 1 5  ? -3.658  -7.145  -1.805  1.00 31.15 ?  5   A   B "O5'" 1 
ATOM   414 C  "C5'" . A   B 1 5  ? -4.722  -7.375  -2.712  1.00 33.31 ?  5   A   B "C5'" 1 
ATOM   415 C  "C4'" . A   B 1 5  ? -5.972  -6.679  -2.229  1.00 33.03 ?  5   A   B "C4'" 1 
ATOM   416 O  "O4'" . A   B 1 5  ? -6.498  -7.351  -1.054  1.00 33.77 ?  5   A   B "O4'" 1 
ATOM   417 C  "C3'" . A   B 1 5  ? -5.839  -5.228  -1.791  1.00 33.71 ?  5   A   B "C3'" 1 
ATOM   418 O  "O3'" . A   B 1 5  ? -5.863  -4.313  -2.870  1.00 31.47 ?  5   A   B "O3'" 1 
ATOM   419 C  "C2'" . A   B 1 5  ? -7.084  -5.084  -0.949  1.00 34.16 ?  5   A   B "C2'" 1 
ATOM   420 O  "O2'" . A   B 1 5  ? -8.237  -5.074  -1.739  1.00 36.57 ?  5   A   B "O2'" 1 
ATOM   421 C  "C1'" . A   B 1 5  ? -7.041  -6.395  -0.164  1.00 33.28 ?  5   A   B "C1'" 1 
ATOM   422 N  N9    . A   B 1 5  ? -6.186  -6.322  1.018   1.00 29.73 ?  5   A   B N9    1 
ATOM   423 C  C8    . A   B 1 5  ? -4.871  -6.695  1.143   1.00 29.69 ?  5   A   B C8    1 
ATOM   424 N  N7    . A   B 1 5  ? -4.390  -6.541  2.347   1.00 31.03 ?  5   A   B N7    1 
ATOM   425 C  C5    . A   B 1 5  ? -5.439  -5.966  3.050   1.00 31.98 ?  5   A   B C5    1 
ATOM   426 C  C6    . A   B 1 5  ? -5.561  -5.555  4.385   1.00 32.26 ?  5   A   B C6    1 
ATOM   427 N  N6    . A   B 1 5  ? -4.568  -5.628  5.262   1.00 36.96 ?  5   A   B N6    1 
ATOM   428 N  N1    . A   B 1 5  ? -6.761  -5.096  4.795   1.00 33.14 ?  5   A   B N1    1 
ATOM   429 C  C2    . A   B 1 5  ? -7.761  -5.025  3.902   1.00 35.48 ?  5   A   B C2    1 
ATOM   430 N  N3    . A   B 1 5  ? -7.765  -5.380  2.617   1.00 37.04 ?  5   A   B N3    1 
ATOM   431 C  C4    . A   B 1 5  ? -6.555  -5.836  2.248   1.00 29.57 ?  5   A   B C4    1 
ATOM   432 P  P     . C   B 1 6  ? -5.139  -2.939  -2.747  1.00 30.91 ?  6   C   B P     1 
ATOM   433 O  OP1   . C   B 1 6  ? -5.192  -2.273  -4.077  1.00 32.08 ?  6   C   B OP1   1 
ATOM   434 O  OP2   . C   B 1 6  ? -3.877  -3.133  -1.992  1.00 32.13 -1 6   C   B OP2   1 
ATOM   435 O  "O5'" . C   B 1 6  ? -6.084  -2.072  -1.804  1.00 30.43 ?  6   C   B "O5'" 1 
ATOM   436 C  "C5'" . C   B 1 6  ? -7.474  -1.834  -2.145  1.00 31.44 ?  6   C   B "C5'" 1 
ATOM   437 C  "C4'" . C   B 1 6  ? -8.216  -1.345  -0.928  1.00 30.35 ?  6   C   B "C4'" 1 
ATOM   438 O  "O4'" . C   B 1 6  ? -8.083  -2.338  0.125   1.00 33.66 ?  6   C   B "O4'" 1 
ATOM   439 C  "C3'" . C   B 1 6  ? -7.711  -0.067  -0.286  1.00 31.08 ?  6   C   B "C3'" 1 
ATOM   440 O  "O3'" . C   B 1 6  ? -8.303  1.084   -0.866  1.00 31.89 ?  6   C   B "O3'" 1 
ATOM   441 C  "C2'" . C   B 1 6  ? -8.229  -0.212  1.134   1.00 31.93 ?  6   C   B "C2'" 1 
ATOM   442 O  "O2'" . C   B 1 6  ? -9.595  0.090   1.225   1.00 33.08 ?  6   C   B "O2'" 1 
ATOM   443 C  "C1'" . C   B 1 6  ? -8.006  -1.699  1.376   1.00 31.62 ?  6   C   B "C1'" 1 
ATOM   444 N  N1    . C   B 1 6  ? -6.706  -1.994  2.009   1.00 33.35 ?  6   C   B N1    1 
ATOM   445 C  C2    . C   B 1 6  ? -6.609  -1.792  3.390   1.00 35.70 ?  6   C   B C2    1 
ATOM   446 O  O2    . C   B 1 6  ? -7.605  -1.394  4.004   1.00 34.20 ?  6   C   B O2    1 
ATOM   447 N  N3    . C   B 1 6  ? -5.446  -2.069  4.020   1.00 30.61 ?  6   C   B N3    1 
ATOM   448 C  C4    . C   B 1 6  ? -4.398  -2.514  3.323   1.00 32.73 ?  6   C   B C4    1 
ATOM   449 N  N4    . C   B 1 6  ? -3.267  -2.761  3.983   1.00 30.35 ?  6   C   B N4    1 
ATOM   450 C  C5    . C   B 1 6  ? -4.462  -2.710  1.909   1.00 32.40 ?  6   C   B C5    1 
ATOM   451 C  C6    . C   B 1 6  ? -5.625  -2.438  1.299   1.00 33.71 ?  6   C   B C6    1 
ATOM   452 P  P     . U   B 1 7  ? -7.531  2.454   -0.890  1.00 36.71 ?  7   U   B P     1 
ATOM   453 O  OP1   . U   B 1 7  ? -8.249  3.327   -1.809  1.00 35.20 ?  7   U   B OP1   1 
ATOM   454 O  OP2   . U   B 1 7  ? -6.101  2.211   -1.112  1.00 34.66 -1 7   U   B OP2   1 
ATOM   455 O  "O5'" . U   B 1 7  ? -7.661  2.990   0.593   1.00 33.64 ?  7   U   B "O5'" 1 
ATOM   456 C  "C5'" . U   B 1 7  ? -8.908  3.485   1.085   1.00 38.23 ?  7   U   B "C5'" 1 
ATOM   457 C  "C4'" . U   B 1 7  ? -8.749  3.884   2.525   1.00 39.39 ?  7   U   B "C4'" 1 
ATOM   458 O  "O4'" . U   B 1 7  ? -8.364  2.718   3.287   1.00 43.00 ?  7   U   B "O4'" 1 
ATOM   459 C  "C3'" . U   B 1 7  ? -7.621  4.864   2.800   1.00 44.03 ?  7   U   B "C3'" 1 
ATOM   460 O  "O3'" . U   B 1 7  ? -8.043  6.195   2.590   1.00 43.80 ?  7   U   B "O3'" 1 
ATOM   461 C  "C2'" . U   B 1 7  ? -7.360  4.629   4.273   1.00 43.63 ?  7   U   B "C2'" 1 
ATOM   462 O  "O2'" . U   B 1 7  ? -8.283  5.310   5.094   1.00 47.11 ?  7   U   B "O2'" 1 
ATOM   463 C  "C1'" . U   B 1 7  ? -7.535  3.116   4.360   1.00 40.96 ?  7   U   B "C1'" 1 
ATOM   464 N  N1    . U   B 1 7  ? -6.266  2.385   4.299   1.00 40.92 ?  7   U   B N1    1 
ATOM   465 C  C2    . U   B 1 7  ? -5.520  2.373   5.459   1.00 42.49 ?  7   U   B C2    1 
ATOM   466 O  O2    . U   B 1 7  ? -5.869  2.953   6.467   1.00 44.35 ?  7   U   B O2    1 
ATOM   467 N  N3    . U   B 1 7  ? -4.353  1.657   5.393   1.00 40.84 ?  7   U   B N3    1 
ATOM   468 C  C4    . U   B 1 7  ? -3.850  0.987   4.305   1.00 38.88 ?  7   U   B C4    1 
ATOM   469 O  O4    . U   B 1 7  ? -2.786  0.390   4.409   1.00 36.80 ?  7   U   B O4    1 
ATOM   470 C  C5    . U   B 1 7  ? -4.671  1.048   3.134   1.00 38.92 ?  7   U   B C5    1 
ATOM   471 C  C6    . U   B 1 7  ? -5.819  1.739   3.166   1.00 43.26 ?  7   U   B C6    1 
ATOM   472 P  P     . U   B 1 8  ? -7.077  7.279   1.944   1.00 47.08 ?  8   U   B P     1 
ATOM   473 O  OP1   . U   B 1 8  ? -7.971  8.321   1.378   1.00 45.06 ?  8   U   B OP1   1 
ATOM   474 O  OP2   . U   B 1 8  ? -6.099  6.613   1.062   1.00 44.14 -1 8   U   B OP2   1 
ATOM   475 O  "O5'" . U   B 1 8  ? -6.193  7.766   3.173   1.00 42.66 ?  8   U   B "O5'" 1 
ATOM   476 C  "C5'" . U   B 1 8  ? -6.822  8.431   4.280   1.00 44.29 ?  8   U   B "C5'" 1 
ATOM   477 C  "C4'" . U   B 1 8  ? -5.911  8.438   5.474   1.00 45.86 ?  8   U   B "C4'" 1 
ATOM   478 O  "O4'" . U   B 1 8  ? -5.755  7.085   5.986   1.00 46.38 ?  8   U   B "O4'" 1 
ATOM   479 C  "C3'" . U   B 1 8  ? -4.484  8.917   5.250   1.00 46.31 ?  8   U   B "C3'" 1 
ATOM   480 O  "O3'" . U   B 1 8  ? -4.343  10.341  5.212   1.00 44.66 ?  8   U   B "O3'" 1 
ATOM   481 C  "C2'" . U   B 1 8  ? -3.785  8.322   6.459   1.00 48.77 ?  8   U   B "C2'" 1 
ATOM   482 O  "O2'" . U   B 1 8  ? -3.982  9.057   7.641   1.00 51.02 ?  8   U   B "O2'" 1 
ATOM   483 C  "C1'" . U   B 1 8  ? -4.459  6.951   6.549   1.00 47.28 ?  8   U   B "C1'" 1 
ATOM   484 N  N1    . U   B 1 8  ? -3.697  5.929   5.810   1.00 47.17 ?  8   U   B N1    1 
ATOM   485 C  C2    . U   B 1 8  ? -2.576  5.420   6.443   1.00 51.83 ?  8   U   B C2    1 
ATOM   486 O  O2    . U   B 1 8  ? -2.245  5.751   7.564   1.00 55.47 ?  8   U   B O2    1 
ATOM   487 N  N3    . U   B 1 8  ? -1.880  4.479   5.727   1.00 48.01 ?  8   U   B N3    1 
ATOM   488 C  C4    . U   B 1 8  ? -2.156  4.021   4.459   1.00 48.29 ?  8   U   B C4    1 
ATOM   489 O  O4    . U   B 1 8  ? -1.415  3.182   3.947   1.00 43.63 ?  8   U   B O4    1 
ATOM   490 C  C5    . U   B 1 8  ? -3.313  4.615   3.850   1.00 52.84 ?  8   U   B C5    1 
ATOM   491 C  C6    . U   B 1 8  ? -4.018  5.538   4.524   1.00 51.91 ?  8   U   B C6    1 
ATOM   492 P  P     . A   B 1 9  ? -3.415  11.056  4.126   1.00 52.80 ?  9   A   B P     1 
ATOM   493 O  OP1   . A   B 1 9  ? -3.824  12.471  4.084   1.00 60.11 ?  9   A   B OP1   1 
ATOM   494 O  OP2   . A   B 1 9  ? -3.461  10.313  2.865   1.00 52.59 -1 9   A   B OP2   1 
ATOM   495 O  "O5'" . A   B 1 9  ? -1.977  10.971  4.806   1.00 49.81 ?  9   A   B "O5'" 1 
ATOM   496 C  "C5'" . A   B 1 9  ? -1.858  11.462  6.143   1.00 50.76 ?  9   A   B "C5'" 1 
ATOM   497 C  "C4'" . A   B 1 9  ? -0.512  11.161  6.739   1.00 52.30 ?  9   A   B "C4'" 1 
ATOM   498 O  "O4'" . A   B 1 9  ? -0.486  9.801   7.219   1.00 55.94 ?  9   A   B "O4'" 1 
ATOM   499 C  "C3'" . A   B 1 9  ? 0.696   11.265  5.826   1.00 54.45 ?  9   A   B "C3'" 1 
ATOM   500 O  "O3'" . A   B 1 9  ? 1.146   12.603  5.727   1.00 56.19 ?  9   A   B "O3'" 1 
ATOM   501 C  "C2'" . A   B 1 9  ? 1.710   10.396  6.556   1.00 57.33 ?  9   A   B "C2'" 1 
ATOM   502 O  "O2'" . A   B 1 9  ? 2.439   11.049  7.573   1.00 60.98 ?  9   A   B "O2'" 1 
ATOM   503 C  "C1'" . A   B 1 9  ? 0.815   9.262   7.051   1.00 55.69 ?  9   A   B "C1'" 1 
ATOM   504 N  N9    . A   B 1 9  ? 0.724   8.181   6.073   1.00 55.43 ?  9   A   B N9    1 
ATOM   505 C  C8    . A   B 1 9  ? -0.229  8.002   5.097   1.00 53.57 ?  9   A   B C8    1 
ATOM   506 N  N7    . A   B 1 9  ? -0.040  6.933   4.366   1.00 53.62 ?  9   A   B N7    1 
ATOM   507 C  C5    . A   B 1 9  ? 1.130   6.386   4.872   1.00 55.03 ?  9   A   B C5    1 
ATOM   508 C  C6    . A   B 1 9  ? 1.867   5.242   4.523   1.00 51.26 ?  9   A   B C6    1 
ATOM   509 N  N6    . A   B 1 9  ? 1.518   4.416   3.540   1.00 45.75 ?  9   A   B N6    1 
ATOM   510 N  N1    . A   B 1 9  ? 2.966   4.951   5.258   1.00 56.36 ?  9   A   B N1    1 
ATOM   511 C  C2    . A   B 1 9  ? 3.308   5.780   6.256   1.00 52.21 ?  9   A   B C2    1 
ATOM   512 N  N3    . A   B 1 9  ? 2.707   6.894   6.664   1.00 52.94 ?  9   A   B N3    1 
ATOM   513 C  C4    . A   B 1 9  ? 1.608   7.140   5.929   1.00 53.13 ?  9   A   B C4    1 
ATOM   514 P  P     . A   B 1 10 ? 1.812   13.086  4.382   1.00 58.56 ?  10  A   B P     1 
ATOM   515 O  OP1   . A   B 1 10 ? 1.972   14.553  4.455   1.00 70.93 ?  10  A   B OP1   1 
ATOM   516 O  OP2   . A   B 1 10 ? 1.043   12.501  3.260   1.00 67.12 -1 10  A   B OP2   1 
ATOM   517 O  "O5'" . A   B 1 10 ? 3.293   12.510  4.470   1.00 56.26 ?  10  A   B "O5'" 1 
ATOM   518 C  "C5'" . A   B 1 10 ? 4.202   13.040  5.442   1.00 53.31 ?  10  A   B "C5'" 1 
ATOM   519 C  "C4'" . A   B 1 10 ? 5.354   12.104  5.645   1.00 54.28 ?  10  A   B "C4'" 1 
ATOM   520 O  "O4'" . A   B 1 10 ? 4.862   10.788  6.013   1.00 53.75 ?  10  A   B "O4'" 1 
ATOM   521 C  "C3'" . A   B 1 10 ? 6.186   11.838  4.403   1.00 54.96 ?  10  A   B "C3'" 1 
ATOM   522 O  "O3'" . A   B 1 10 ? 7.131   12.844  4.102   1.00 57.64 ?  10  A   B "O3'" 1 
ATOM   523 C  "C2'" . A   B 1 10 ? 6.861   10.526  4.753   1.00 55.43 ?  10  A   B "C2'" 1 
ATOM   524 O  "O2'" . A   B 1 10 ? 8.060   10.607  5.493   1.00 56.44 ?  10  A   B "O2'" 1 
ATOM   525 C  "C1'" . A   B 1 10 ? 5.721   9.790   5.460   1.00 58.05 ?  10  A   B "C1'" 1 
ATOM   526 N  N9    . A   B 1 10 ? 4.978   8.968   4.492   1.00 55.33 ?  10  A   B N9    1 
ATOM   527 C  C8    . A   B 1 10 ? 3.830   9.269   3.802   1.00 55.16 ?  10  A   B C8    1 
ATOM   528 N  N7    . A   B 1 10 ? 3.467   8.341   2.952   1.00 55.62 ?  10  A   B N7    1 
ATOM   529 C  C5    . A   B 1 10 ? 4.461   7.380   3.061   1.00 54.90 ?  10  A   B C5    1 
ATOM   530 C  C6    . A   B 1 10 ? 4.666   6.148   2.406   1.00 52.26 ?  10  A   B C6    1 
ATOM   531 N  N6    . A   B 1 10 ? 3.841   5.655   1.483   1.00 51.07 ?  10  A   B N6    1 
ATOM   532 N  N1    . A   B 1 10 ? 5.769   5.439   2.732   1.00 49.20 ?  10  A   B N1    1 
ATOM   533 C  C2    . A   B 1 10 ? 6.594   5.932   3.666   1.00 50.78 ?  10  A   B C2    1 
ATOM   534 N  N3    . A   B 1 10 ? 6.509   7.075   4.347   1.00 53.72 ?  10  A   B N3    1 
ATOM   535 C  C4    . A   B 1 10 ? 5.410   7.762   3.990   1.00 54.82 ?  10  A   B C4    1 
ATOM   536 P  P     . G   B 1 11 ? 7.350   13.283  2.578   1.00 59.67 ?  11  G   B P     1 
ATOM   537 O  OP1   . G   B 1 11 ? 7.988   14.616  2.577   1.00 69.52 ?  11  G   B OP1   1 
ATOM   538 O  OP2   . G   B 1 11 ? 6.074   13.082  1.849   1.00 62.87 -1 11  G   B OP2   1 
ATOM   539 O  "O5'" . G   B 1 11 ? 8.409   12.238  2.027   1.00 53.37 ?  11  G   B "O5'" 1 
ATOM   540 C  "C5'" . G   B 1 11 ? 9.620   11.978  2.730   1.00 51.39 ?  11  G   B "C5'" 1 
ATOM   541 C  "C4'" . G   B 1 11 ? 10.096  10.618  2.334   1.00 52.53 ?  11  G   B "C4'" 1 
ATOM   542 O  "O4'" . G   B 1 11 ? 9.085   9.627   2.658   1.00 53.65 ?  11  G   B "O4'" 1 
ATOM   543 C  "C3'" . G   B 1 11 ? 10.277  10.380  0.850   1.00 52.76 ?  11  G   B "C3'" 1 
ATOM   544 O  "O3'" . G   B 1 11 ? 11.425  11.034  0.329   1.00 55.77 ?  11  G   B "O3'" 1 
ATOM   545 C  "C2'" . G   B 1 11 ? 10.372  8.869   0.838   1.00 47.49 ?  11  G   B "C2'" 1 
ATOM   546 O  "O2'" . G   B 1 11 ? 11.619  8.437   1.317   1.00 44.53 ?  11  G   B "O2'" 1 
ATOM   547 C  "C1'" . G   B 1 11 ? 9.243   8.512   1.799   1.00 48.50 ?  11  G   B "C1'" 1 
ATOM   548 N  N9    . G   B 1 11 ? 7.981   8.256   1.100   1.00 48.60 ?  11  G   B N9    1 
ATOM   549 C  C8    . G   B 1 11 ? 6.840   9.021   1.078   1.00 43.29 ?  11  G   B C8    1 
ATOM   550 N  N7    . G   B 1 11 ? 5.884   8.494   0.357   1.00 44.26 ?  11  G   B N7    1 
ATOM   551 C  C5    . G   B 1 11 ? 6.442   7.327   -0.151  1.00 41.25 ?  11  G   B C5    1 
ATOM   552 C  C6    . G   B 1 11 ? 5.882   6.324   -0.992  1.00 39.60 ?  11  G   B C6    1 
ATOM   553 O  O6    . G   B 1 11 ? 4.753   6.277   -1.493  1.00 39.60 ?  11  G   B O6    1 
ATOM   554 N  N1    . G   B 1 11 ? 6.793   5.307   -1.252  1.00 37.25 ?  11  G   B N1    1 
ATOM   555 C  C2    . G   B 1 11 ? 8.065   5.234   -0.732  1.00 44.86 ?  11  G   B C2    1 
ATOM   556 N  N2    . G   B 1 11 ? 8.793   4.161   -1.081  1.00 42.39 ?  11  G   B N2    1 
ATOM   557 N  N3    . G   B 1 11 ? 8.591   6.149   0.066   1.00 44.87 ?  11  G   B N3    1 
ATOM   558 C  C4    . G   B 1 11 ? 7.725   7.152   0.324   1.00 44.34 ?  11  G   B C4    1 
ATOM   559 P  P     . U   B 1 12 ? 11.567  11.339  -1.233  1.00 51.93 ?  12  U   B P     1 
ATOM   560 O  OP1   . U   B 1 12 ? 12.809  12.129  -1.413  1.00 57.42 ?  12  U   B OP1   1 
ATOM   561 O  OP2   . U   B 1 12 ? 10.269  11.866  -1.732  1.00 43.26 -1 12  U   B OP2   1 
ATOM   562 O  "O5'" . U   B 1 12 ? 11.908  9.918   -1.851  1.00 50.29 ?  12  U   B "O5'" 1 
ATOM   563 C  "C5'" . U   B 1 12 ? 13.154  9.254   -1.622  1.00 46.20 ?  12  U   B "C5'" 1 
ATOM   564 C  "C4'" . U   B 1 12 ? 13.157  7.943   -2.371  1.00 46.82 ?  12  U   B "C4'" 1 
ATOM   565 O  "O4'" . U   B 1 12 ? 12.057  7.103   -1.909  1.00 51.98 ?  12  U   B "O4'" 1 
ATOM   566 C  "C3'" . U   B 1 12 ? 12.910  8.031   -3.862  1.00 45.36 ?  12  U   B "C3'" 1 
ATOM   567 O  "O3'" . U   B 1 12 ? 14.064  8.375   -4.611  1.00 47.72 ?  12  U   B "O3'" 1 
ATOM   568 C  "C2'" . U   B 1 12 ? 12.478  6.611   -4.162  1.00 44.43 ?  12  U   B "C2'" 1 
ATOM   569 O  "O2'" . U   B 1 12 ? 13.522  5.662   -4.114  1.00 41.13 ?  12  U   B "O2'" 1 
ATOM   570 C  "C1'" . U   B 1 12 ? 11.541  6.352   -2.998  1.00 44.99 ?  12  U   B "C1'" 1 
ATOM   571 N  N1    . U   B 1 12 ? 10.138  6.734   -3.264  1.00 48.63 ?  12  U   B N1    1 
ATOM   572 C  C2    . U   B 1 12 ? 9.384   5.867   -4.044  1.00 43.00 ?  12  U   B C2    1 
ATOM   573 O  O2    . U   B 1 12 ? 9.840   4.849   -4.530  1.00 47.17 ?  12  U   B O2    1 
ATOM   574 N  N3    . U   B 1 12 ? 8.089   6.260   -4.259  1.00 40.50 ?  12  U   B N3    1 
ATOM   575 C  C4    . U   B 1 12 ? 7.471   7.399   -3.784  1.00 45.28 ?  12  U   B C4    1 
ATOM   576 O  O4    . U   B 1 12 ? 6.297   7.612   -4.075  1.00 41.87 ?  12  U   B O4    1 
ATOM   577 C  C5    . U   B 1 12 ? 8.309   8.247   -2.992  1.00 42.44 ?  12  U   B C5    1 
ATOM   578 C  C6    . U   B 1 12 ? 9.586   7.901   -2.775  1.00 45.95 ?  12  U   B C6    1 
ATOM   579 P  P     . C   B 1 13 ? 13.907  9.142   -6.011  1.00 49.30 ?  13  C   B P     1 
ATOM   580 O  OP1   . C   B 1 13 ? 15.258  9.528   -6.498  1.00 43.47 ?  13  C   B OP1   1 
ATOM   581 O  OP2   . C   B 1 13 ? 12.801  10.132  -5.891  1.00 49.31 -1 13  C   B OP2   1 
ATOM   582 O  "O5'" . C   B 1 13 ? 13.314  8.053   -7.010  1.00 48.35 ?  13  C   B "O5'" 1 
ATOM   583 C  "C5'" . C   B 1 13 ? 14.069  6.923   -7.405  1.00 45.83 ?  13  C   B "C5'" 1 
ATOM   584 C  "C4'" . C   B 1 13 ? 13.175  5.947   -8.133  1.00 43.31 ?  13  C   B "C4'" 1 
ATOM   585 O  "O4'" . C   B 1 13 ? 12.069  5.503   -7.304  1.00 37.54 ?  13  C   B "O4'" 1 
ATOM   586 C  "C3'" . C   B 1 13 ? 12.481  6.463   -9.374  1.00 42.18 ?  13  C   B "C3'" 1 
ATOM   587 O  "O3'" . C   B 1 13 ? 13.420  6.539   -10.427 1.00 39.63 ?  13  C   B "O3'" 1 
ATOM   588 C  "C2'" . C   B 1 13 ? 11.408  5.397   -9.567  1.00 36.76 ?  13  C   B "C2'" 1 
ATOM   589 O  "O2'" . C   B 1 13 ? 11.942  4.158   -10.003 1.00 34.47 ?  13  C   B "O2'" 1 
ATOM   590 C  "C1'" . C   B 1 13 ? 10.940  5.235   -8.129  1.00 37.89 ?  13  C   B "C1'" 1 
ATOM   591 N  N1    . C   B 1 13 ? 9.852   6.172   -7.788  1.00 40.55 ?  13  C   B N1    1 
ATOM   592 C  C2    . C   B 1 13 ? 8.558   5.892   -8.248  1.00 40.53 ?  13  C   B C2    1 
ATOM   593 O  O2    . C   B 1 13 ? 8.367   4.865   -8.916  1.00 39.81 ?  13  C   B O2    1 
ATOM   594 N  N3    . C   B 1 13 ? 7.547   6.742   -7.937  1.00 38.66 ?  13  C   B N3    1 
ATOM   595 C  C4    . C   B 1 13 ? 7.806   7.868   -7.268  1.00 34.38 ?  13  C   B C4    1 
ATOM   596 N  N4    . C   B 1 13 ? 6.790   8.688   -7.011  1.00 34.51 ?  13  C   B N4    1 
ATOM   597 C  C5    . C   B 1 13 ? 9.114   8.184   -6.798  1.00 38.39 ?  13  C   B C5    1 
ATOM   598 C  C6    . C   B 1 13 ? 10.099  7.322   -7.087  1.00 40.35 ?  13  C   B C6    1 
ATOM   599 P  P     . G   B 1 14 ? 13.195  7.588   -11.585 1.00 41.73 ?  14  G   B P     1 
ATOM   600 O  OP1   . G   B 1 14 ? 14.288  7.386   -12.530 1.00 40.79 ?  14  G   B OP1   1 
ATOM   601 O  OP2   . G   B 1 14 ? 12.893  8.895   -10.955 1.00 40.65 -1 14  G   B OP2   1 
ATOM   602 O  "O5'" . G   B 1 14 ? 11.820  7.152   -12.267 1.00 38.83 ?  14  G   B "O5'" 1 
ATOM   603 C  "C5'" . G   B 1 14 ? 11.793  5.993   -13.104 1.00 35.65 ?  14  G   B "C5'" 1 
ATOM   604 C  "C4'" . G   B 1 14 ? 10.382  5.712   -13.513 1.00 32.63 ?  14  G   B "C4'" 1 
ATOM   605 O  "O4'" . G   B 1 14 ? 9.518   5.614   -12.357 1.00 32.87 ?  14  G   B "O4'" 1 
ATOM   606 C  "C3'" . G   B 1 14 ? 9.688   6.814   -14.285 1.00 34.77 ?  14  G   B "C3'" 1 
ATOM   607 O  "O3'" . G   B 1 14 ? 10.171  7.073   -15.593 1.00 40.14 ?  14  G   B "O3'" 1 
ATOM   608 C  "C2'" . G   B 1 14 ? 8.258   6.330   -14.219 1.00 33.10 ?  14  G   B "C2'" 1 
ATOM   609 O  "O2'" . G   B 1 14 ? 7.957   5.211   -15.021 1.00 34.65 ?  14  G   B "O2'" 1 
ATOM   610 C  "C1'" . G   B 1 14 ? 8.184   5.934   -12.755 1.00 33.72 ?  14  G   B "C1'" 1 
ATOM   611 N  N9    . G   B 1 14 ? 7.669   7.020   -11.928 1.00 33.57 ?  14  G   B N9    1 
ATOM   612 C  C8    . G   B 1 14 ? 8.376   7.871   -11.115 1.00 35.87 ?  14  G   B C8    1 
ATOM   613 N  N7    . G   B 1 14 ? 7.614   8.723   -10.481 1.00 38.13 ?  14  G   B N7    1 
ATOM   614 C  C5    . G   B 1 14 ? 6.330   8.425   -10.916 1.00 34.73 ?  14  G   B C5    1 
ATOM   615 C  C6    . G   B 1 14 ? 5.087   9.025   -10.587 1.00 34.26 ?  14  G   B C6    1 
ATOM   616 O  O6    . G   B 1 14 ? 4.864   9.965   -9.821  1.00 35.21 ?  14  G   B O6    1 
ATOM   617 N  N1    . G   B 1 14 ? 4.032   8.413   -11.253 1.00 31.60 ?  14  G   B N1    1 
ATOM   618 C  C2    . G   B 1 14 ? 4.157   7.372   -12.140 1.00 30.56 ?  14  G   B C2    1 
ATOM   619 N  N2    . G   B 1 14 ? 3.024   6.926   -12.694 1.00 29.94 ?  14  G   B N2    1 
ATOM   620 N  N3    . G   B 1 14 ? 5.308   6.810   -12.459 1.00 34.10 ?  14  G   B N3    1 
ATOM   621 C  C4    . G   B 1 14 ? 6.347   7.388   -11.819 1.00 33.93 ?  14  G   B C4    1 
ATOM   622 P  P     A G   B 1 15 ? 10.212  8.608   -16.152 0.60 46.61 ?  15  G   B P     1 
ATOM   623 O  OP1   A G   B 1 15 ? 10.940  8.594   -17.454 0.60 46.78 ?  15  G   B OP1   1 
ATOM   624 O  OP2   A G   B 1 15 ? 10.707  9.513   -15.071 0.60 43.78 -1 15  G   B OP2   1 
ATOM   625 O  "O5'" A G   B 1 15 ? 8.662   8.954   -16.338 0.60 41.80 ?  15  G   B "O5'" 1 
ATOM   626 C  "C5'" A G   B 1 15 ? 7.878   8.209   -17.274 0.60 39.23 ?  15  G   B "C5'" 1 
ATOM   627 C  "C4'" A G   B 1 15 ? 6.394   8.392   -17.054 0.60 37.80 ?  15  G   B "C4'" 1 
ATOM   628 O  "O4'" A G   B 1 15 ? 6.036   8.422   -15.649 0.60 34.88 ?  15  G   B "O4'" 1 
ATOM   629 C  "C3'" A G   B 1 15 ? 5.784   9.682   -17.559 0.60 37.08 ?  15  G   B "C3'" 1 
ATOM   630 O  "O3'" A G   B 1 15 ? 5.751   9.742   -18.979 0.60 40.70 ?  15  G   B "O3'" 1 
ATOM   631 C  "C2'" A G   B 1 15 ? 4.412   9.635   -16.894 0.60 34.97 ?  15  G   B "C2'" 1 
ATOM   632 O  "O2'" A G   B 1 15 ? 3.485   8.806   -17.565 0.60 36.21 ?  15  G   B "O2'" 1 
ATOM   633 C  "C1'" A G   B 1 15 ? 4.754   9.022   -15.531 0.60 34.27 ?  15  G   B "C1'" 1 
ATOM   634 N  N9    A G   B 1 15 ? 4.780   10.012  -14.461 0.60 30.83 ?  15  G   B N9    1 
ATOM   635 C  C8    A G   B 1 15 ? 5.866   10.524  -13.794 0.60 29.97 ?  15  G   B C8    1 
ATOM   636 N  N7    A G   B 1 15 ? 5.540   11.392  -12.877 0.60 30.01 ?  15  G   B N7    1 
ATOM   637 C  C5    A G   B 1 15 ? 4.156   11.464  -12.947 0.60 29.61 ?  15  G   B C5    1 
ATOM   638 C  C6    A G   B 1 15 ? 3.233   12.254  -12.206 0.60 30.83 ?  15  G   B C6    1 
ATOM   639 O  O6    A G   B 1 15 ? 3.463   13.066  -11.298 0.60 29.99 ?  15  G   B O6    1 
ATOM   640 N  N1    A G   B 1 15 ? 1.923   12.040  -12.631 0.60 32.15 ?  15  G   B N1    1 
ATOM   641 C  C2    A G   B 1 15 ? 1.545   11.162  -13.621 0.60 30.62 ?  15  G   B C2    1 
ATOM   642 N  N2    A G   B 1 15 ? 0.230   11.088  -13.886 0.60 30.76 ?  15  G   B N2    1 
ATOM   643 N  N3    A G   B 1 15 ? 2.395   10.427  -14.318 0.60 29.66 ?  15  G   B N3    1 
ATOM   644 C  C4    A G   B 1 15 ? 3.672   10.618  -13.924 0.60 30.69 ?  15  G   B C4    1 
HETATM 645 P  P1    A EQ4 C 2 .  ? 8.025   15.107  -18.544 0.60 97.57 ?  101 EQ4 A P1    1 
HETATM 646 O  O1    A EQ4 C 2 .  ? 8.292   14.372  -19.939 0.60 92.67 ?  101 EQ4 A O1    1 
HETATM 647 O  O2    A EQ4 C 2 .  ? 9.275   15.008  -17.743 0.60 98.55 ?  101 EQ4 A O2    1 
HETATM 648 C  C1    A EQ4 C 2 .  ? 5.852   13.532  -18.594 0.60 67.37 ?  101 EQ4 A C1    1 
HETATM 649 O  O3    A EQ4 C 2 .  ? 6.892   14.157  -17.834 0.60 81.52 ?  101 EQ4 A O3    1 
HETATM 650 C  C2    A EQ4 C 2 .  ? 4.522   13.536  -17.827 0.60 61.36 ?  101 EQ4 A C2    1 
HETATM 651 O  O4    A EQ4 C 2 .  ? 4.658   13.249  -16.381 0.60 53.87 ?  101 EQ4 A O4    1 
HETATM 652 C  C3    A EQ4 C 2 .  ? 3.811   14.918  -17.806 0.60 57.88 ?  101 EQ4 A C3    1 
HETATM 653 O  O5    A EQ4 C 2 .  ? 3.215   15.346  -19.087 0.60 58.63 ?  101 EQ4 A O5    1 
HETATM 654 C  C4    A EQ4 C 2 .  ? 2.725   14.588  -16.814 0.60 52.60 ?  101 EQ4 A C4    1 
HETATM 655 O  O6    A EQ4 C 2 .  ? 1.735   13.761  -17.441 0.60 51.38 ?  101 EQ4 A O6    1 
HETATM 656 C  C5    A EQ4 C 2 .  ? 3.443   13.779  -15.738 0.60 46.13 ?  101 EQ4 A C5    1 
HETATM 657 N  N1    A EQ4 C 2 .  ? 1.328   16.565  -11.917 0.60 38.64 ?  101 EQ4 A N1    1 
HETATM 658 C  C6    A EQ4 C 2 .  ? 0.705   16.019  -13.046 0.60 36.59 ?  101 EQ4 A C6    1 
HETATM 659 N  N2    A EQ4 C 2 .  ? -0.592  16.179  -13.244 0.60 35.02 ?  101 EQ4 A N2    1 
HETATM 660 N  N3    A EQ4 C 2 .  ? 1.462   15.331  -13.910 0.60 37.81 ?  101 EQ4 A N3    1 
HETATM 661 C  C7    A EQ4 C 2 .  ? 2.803   15.173  -13.706 0.60 39.87 ?  101 EQ4 A C7    1 
HETATM 662 C  C8    A EQ4 C 2 .  ? 3.427   15.701  -12.627 0.60 39.37 ?  101 EQ4 A C8    1 
HETATM 663 C  C9    A EQ4 C 2 .  ? 2.718   16.398  -11.714 0.60 39.68 ?  101 EQ4 A C9    1 
HETATM 664 O  O7    A EQ4 C 2 .  ? 3.229   16.887  -10.703 0.60 37.51 ?  101 EQ4 A O7    1 
HETATM 665 N  N4    A EQ4 C 2 .  ? 4.718   15.377  -12.718 0.60 38.27 ?  101 EQ4 A N4    1 
HETATM 666 C  C10   A EQ4 C 2 .  ? 4.888   14.666  -13.827 0.60 38.87 ?  101 EQ4 A C10   1 
HETATM 667 N  N5    A EQ4 C 2 .  ? 3.717   14.543  -14.451 0.60 40.59 ?  101 EQ4 A N5    1 
HETATM 668 N  N6    A EQ4 C 2 .  ? 7.309   16.690  -18.816 0.60 96.27 ?  101 EQ4 A N6    1 
HETATM 669 C  C11   A EQ4 C 2 .  ? 6.093   16.945  -19.316 0.60 93.95 ?  101 EQ4 A C11   1 
HETATM 670 C  C12   A EQ4 C 2 .  ? 5.912   18.263  -19.353 0.60 94.35 ?  101 EQ4 A C12   1 
HETATM 671 N  N7    A EQ4 C 2 .  ? 7.013   18.855  -18.877 0.60 93.63 ?  101 EQ4 A N7    1 
HETATM 672 C  C13   A EQ4 C 2 .  ? 7.854   17.883  -18.552 0.60 96.97 ?  101 EQ4 A C13   1 
HETATM 673 N  N8    A EQ4 C 2 .  ? 9.069   18.092  -18.039 0.60 97.22 ?  101 EQ4 A N8    1 
HETATM 674 P  PA    B EQ1 D 3 .  ? -11.354 -15.405 9.096   0.40 47.97 ?  102 EQ1 A PA    1 
HETATM 675 P  PG    B EQ1 D 3 .  ? -9.184  -17.620 12.966  0.40 55.69 ?  102 EQ1 A PG    1 
HETATM 676 C  C1C   B EQ1 D 3 .  ? -10.136 -16.407 10.975  0.40 51.48 ?  102 EQ1 A C1C   1 
HETATM 677 C  C1D   B EQ1 D 3 .  ? -8.154  -15.963 5.710   0.40 45.07 ?  102 EQ1 A C1D   1 
HETATM 678 C  C1E   B EQ1 D 3 .  ? -5.880  -18.086 9.284   0.40 43.31 ?  102 EQ1 A C1E   1 
HETATM 679 N  N1A   B EQ1 D 3 .  ? -3.789  -14.805 8.165   0.40 45.57 ?  102 EQ1 A N1A   1 
HETATM 680 N  N1B   B EQ1 D 3 .  ? -1.483  -16.596 11.754  0.40 42.18 ?  102 EQ1 A N1B   1 
HETATM 681 N  N1C   B EQ1 D 3 .  ? -11.229 -16.294 10.243  0.40 51.40 ?  102 EQ1 A N1C   1 
HETATM 682 O  O1A   B EQ1 D 3 .  ? -10.563 -14.173 9.047   0.40 47.43 ?  102 EQ1 A O1A   1 
HETATM 683 O  O1G   B EQ1 D 3 .  ? -8.683  -16.576 13.896  0.40 57.92 ?  102 EQ1 A O1G   1 
HETATM 684 C  C2A   B EQ1 D 3 .  ? -3.956  -15.589 7.014   0.40 45.26 ?  102 EQ1 A C2A   1 
HETATM 685 C  C2B   B EQ1 D 3 .  ? -1.607  -17.536 10.752  0.40 39.22 ?  102 EQ1 A C2B   1 
HETATM 686 C  C2C   B EQ1 D 3 .  ? -11.615 -17.722 11.816  0.40 56.84 ?  102 EQ1 A C2C   1 
HETATM 687 C  C2D   B EQ1 D 3 .  ? -7.796  -17.436 5.682   0.40 43.64 ?  102 EQ1 A C2D   1 
HETATM 688 C  C2E   B EQ1 D 3 .  ? -5.612  -19.589 9.314   0.40 45.10 ?  102 EQ1 A C2E   1 
HETATM 689 N  N2A   B EQ1 D 3 .  ? -2.902  -16.143 6.412   0.40 43.84 ?  102 EQ1 A N2A   1 
HETATM 690 N  N2B   B EQ1 D 3 .  ? -0.532  -18.177 10.307  0.40 39.43 ?  102 EQ1 A N2B   1 
HETATM 691 N  N2C   B EQ1 D 3 .  ? -10.353 -17.274 11.943  0.40 55.93 ?  102 EQ1 A N2C   1 
HETATM 692 O  O2A   B EQ1 D 3 .  ? -12.637 -15.427 8.368   0.40 45.60 ?  102 EQ1 A O2A   1 
HETATM 693 O  O2D   B EQ1 D 3 .  ? -7.941  -17.905 4.354   0.40 43.49 ?  102 EQ1 A O2D   1 
HETATM 694 O  O2E   B EQ1 D 3 .  ? -4.934  -20.005 8.102   0.40 41.94 ?  102 EQ1 A O2E   1 
HETATM 695 O  O2G   B EQ1 D 3 .  ? -9.624  -18.957 13.745  0.40 57.17 ?  102 EQ1 A O2G   1 
HETATM 696 C  C3C   B EQ1 D 3 .  ? -12.161 -17.106 10.758  0.40 54.61 ?  102 EQ1 A C3C   1 
HETATM 697 C  C3D   B EQ1 D 3 .  ? -8.869  -18.048 6.518   0.40 44.12 ?  102 EQ1 A C3D   1 
HETATM 698 C  C3E   B EQ1 D 3 .  ? -7.009  -20.233 9.320   0.40 47.41 ?  102 EQ1 A C3E   1 
HETATM 699 N  N3A   B EQ1 D 3 .  ? -5.189  -15.773 6.524   0.40 43.50 ?  102 EQ1 A N3A   1 
HETATM 700 N  N3B   B EQ1 D 3 .  ? -2.820  -17.783 10.248  0.40 41.13 ?  102 EQ1 A N3B   1 
HETATM 701 N  N3C   B EQ1 D 3 .  ? -9.001  -15.758 10.788  0.40 46.59 ?  102 EQ1 A N3C   1 
HETATM 702 O  O3D   B EQ1 D 3 .  ? -9.048  -19.408 6.118   0.40 43.15 ?  102 EQ1 A O3D   1 
HETATM 703 O  O3E   B EQ1 D 3 .  ? -7.449  -20.509 7.969   0.40 45.29 ?  102 EQ1 A O3E   1 
HETATM 704 C  C4A   B EQ1 D 3 .  ? -6.245  -15.218 7.136   0.40 44.36 ?  102 EQ1 A C4A   1 
HETATM 705 C  C4B   B EQ1 D 3 .  ? -3.910  -17.136 10.704  0.40 41.95 ?  102 EQ1 A C4B   1 
HETATM 706 C  C4D   B EQ1 D 3 .  ? -10.075 -17.235 6.119   0.40 44.32 ?  102 EQ1 A C4D   1 
HETATM 707 C  C4E   B EQ1 D 3 .  ? -7.911  -19.186 9.930   0.40 48.36 ?  102 EQ1 A C4E   1 
HETATM 708 O  O4D   B EQ1 D 3 .  ? -9.581  -15.903 5.899   0.40 45.37 ?  102 EQ1 A O4D   1 
HETATM 709 O  O4E   B EQ1 D 3 .  ? -7.334  -17.928 9.437   0.40 47.44 ?  102 EQ1 A O4E   1 
HETATM 710 C  C5A   B EQ1 D 3 .  ? -6.109  -14.473 8.233   0.40 43.31 ?  102 EQ1 A C5A   1 
HETATM 711 C  C5B   B EQ1 D 3 .  ? -3.809  -16.217 11.681  0.40 41.91 ?  102 EQ1 A C5B   1 
HETATM 712 C  C5D   B EQ1 D 3 .  ? -11.052 -17.178 7.273   0.40 45.39 ?  102 EQ1 A C5D   1 
HETATM 713 C  C5E   B EQ1 D 3 .  ? -7.949  -19.404 11.441  0.40 52.80 ?  102 EQ1 A C5E   1 
HETATM 714 O  O5D   B EQ1 D 3 .  ? -10.433 -16.272 8.143   0.40 44.88 ?  102 EQ1 A O5D   1 
HETATM 715 O  O5E   B EQ1 D 3 .  ? -7.939  -18.106 12.058  0.40 57.20 ?  102 EQ1 A O5E   1 
HETATM 716 C  C6A   B EQ1 D 3 .  ? -4.922  -14.245 8.759   0.40 43.14 ?  102 EQ1 A C6A   1 
HETATM 717 C  C6B   B EQ1 D 3 .  ? -2.621  -15.928 12.219  0.40 42.23 ?  102 EQ1 A C6B   1 
HETATM 718 O  O6A   B EQ1 D 3 .  ? -4.825  -13.554 9.765   0.40 40.49 ?  102 EQ1 A O6A   1 
HETATM 719 O  O6B   B EQ1 D 3 .  ? -2.497  -15.090 13.111  0.40 41.64 ?  102 EQ1 A O6B   1 
HETATM 720 N  N7A   B EQ1 D 3 .  ? -7.307  -14.055 8.612   0.40 44.78 ?  102 EQ1 A N7A   1 
HETATM 721 N  N7B   B EQ1 D 3 .  ? -5.028  -15.744 11.925  0.40 42.28 ?  102 EQ1 A N7B   1 
HETATM 722 C  C8A   B EQ1 D 3 .  ? -8.198  -14.538 7.751   0.40 45.57 ?  102 EQ1 A C8A   1 
HETATM 723 C  C8B   B EQ1 D 3 .  ? -5.875  -16.368 11.105  0.40 41.15 ?  102 EQ1 A C8B   1 
HETATM 724 N  N9A   B EQ1 D 3 .  ? -7.538  -15.261 6.848   0.40 44.96 ?  102 EQ1 A N9A   1 
HETATM 725 N  N9B   B EQ1 D 3 .  ? -5.196  -17.236 10.352  0.40 41.56 ?  102 EQ1 A N9B   1 
HETATM 726 MG MG    . MG  E 4 .  ? 6.091   -5.827  -8.595  1.00 41.58 ?  103 MG  A MG    1 
HETATM 727 MG MG    . MG  F 4 .  ? 2.805   -6.743  -1.547  1.00 38.91 ?  104 MG  A MG    1 
HETATM 728 MG MG    . MG  G 4 .  ? -8.952  -19.937 3.406   0.33 49.21 ?  105 MG  A MG    1 
HETATM 729 P  P1    A EQ4 H 2 .  ? -9.791  -18.969 10.653  0.60 84.16 ?  101 EQ4 B P1    1 
HETATM 730 O  O1    A EQ4 H 2 .  ? -9.655  -17.532 11.019  0.60 83.59 ?  101 EQ4 B O1    1 
HETATM 731 O  O2    A EQ4 H 2 .  ? -11.271 -19.199 10.020  0.60 77.84 ?  101 EQ4 B O2    1 
HETATM 732 C  C1    A EQ4 H 2 .  ? -8.375  -20.474 8.952   0.60 55.36 ?  101 EQ4 B C1    1 
HETATM 733 O  O3    A EQ4 H 2 .  ? -8.820  -19.199 9.406   0.60 65.39 ?  101 EQ4 B O3    1 
HETATM 734 C  C2    A EQ4 H 2 .  ? -6.930  -20.364 8.427   0.60 50.97 ?  101 EQ4 B C2    1 
HETATM 735 O  O4    A EQ4 H 2 .  ? -6.405  -18.985 8.278   0.60 45.16 ?  101 EQ4 B O4    1 
HETATM 736 C  C3    A EQ4 H 2 .  ? -5.957  -21.023 9.426   0.60 46.70 ?  101 EQ4 B C3    1 
HETATM 737 O  O5    A EQ4 H 2 .  ? -5.945  -22.442 9.280   0.60 47.48 ?  101 EQ4 B O5    1 
HETATM 738 C  C4    A EQ4 H 2 .  ? -4.671  -20.478 8.928   0.60 43.99 ?  101 EQ4 B C4    1 
HETATM 739 O  O6    A EQ4 H 2 .  ? -4.312  -21.207 7.761   0.60 42.33 ?  101 EQ4 B O6    1 
HETATM 740 C  C5    A EQ4 H 2 .  ? -5.003  -19.010 8.603   0.60 39.82 ?  101 EQ4 B C5    1 
HETATM 741 N  N1    A EQ4 H 2 .  ? -1.450  -16.920 11.612  0.60 32.29 ?  101 EQ4 B N1    1 
HETATM 742 C  C6    A EQ4 H 2 .  ? -1.279  -17.796 10.561  0.60 29.93 ?  101 EQ4 B C6    1 
HETATM 743 N  N2    A EQ4 H 2 .  ? -0.059  -18.197 10.240  0.60 30.76 ?  101 EQ4 B N2    1 
HETATM 744 N  N3    A EQ4 H 2 .  ? -2.357  -18.230 9.890   0.60 31.36 ?  101 EQ4 B N3    1 
HETATM 745 C  C7    A EQ4 H 2 .  ? -3.602  -17.813 10.245  0.60 33.90 ?  101 EQ4 B C7    1 
HETATM 746 C  C8    A EQ4 H 2 .  ? -3.794  -16.969 11.276  0.60 33.44 ?  101 EQ4 B C8    1 
HETATM 747 C  C9    A EQ4 H 2 .  ? -2.751  -16.499 11.967  0.60 32.75 ?  101 EQ4 B C9    1 
HETATM 748 O  O7    A EQ4 H 2 .  ? -2.907  -15.711 12.899  0.60 33.33 ?  101 EQ4 B O7    1 
HETATM 749 N  N4    A EQ4 H 2 .  ? -5.096  -16.744 11.390  0.60 33.15 ?  101 EQ4 B N4    1 
HETATM 750 C  C10   A EQ4 H 2 .  ? -5.699  -17.434 10.449  0.60 34.32 ?  101 EQ4 B C10   1 
HETATM 751 N  N5    A EQ4 H 2 .  ? -4.797  -18.109 9.743   0.60 32.97 ?  101 EQ4 B N5    1 
HETATM 752 N  N6    A EQ4 H 2 .  ? -9.443  -20.206 11.829  0.60 77.97 ?  101 EQ4 B N6    1 
HETATM 753 C  C11   A EQ4 H 2 .  ? -8.283  -20.462 12.448  0.60 83.86 ?  101 EQ4 B C11   1 
HETATM 754 C  C12   A EQ4 H 2 .  ? -8.438  -21.511 13.263  0.60 80.44 ?  101 EQ4 B C12   1 
HETATM 755 N  N7    A EQ4 H 2 .  ? -9.700  -21.919 13.154  0.60 81.94 ?  101 EQ4 B N7    1 
HETATM 756 C  C13   A EQ4 H 2 .  ? -10.291 -21.112 12.270  0.60 78.32 ?  101 EQ4 B C13   1 
HETATM 757 N  N8    A EQ4 H 2 .  ? -11.552 -21.183 11.881  0.60 74.55 ?  101 EQ4 B N8    1 
HETATM 758 P  PA    B EQ1 I 3 .  ? 9.653   11.039  -15.121 0.40 49.17 ?  102 EQ1 B PA    1 
HETATM 759 P  PG    B EQ1 I 3 .  ? 7.504   15.430  -16.417 0.40 56.96 ?  102 EQ1 B PG    1 
HETATM 760 C  C1C   B EQ1 I 3 .  ? 8.548   13.243  -15.484 0.40 46.81 ?  102 EQ1 B C1C   1 
HETATM 761 C  C1D   B EQ1 I 3 .  ? 5.025   8.846   -15.557 0.40 40.89 ?  102 EQ1 B C1D   1 
HETATM 762 C  C1E   B EQ1 I 3 .  ? 2.670   13.562  -16.690 0.40 34.68 ?  102 EQ1 B C1E   1 
HETATM 763 N  N1A   B EQ1 I 3 .  ? 2.220   12.026  -12.554 0.40 40.62 ?  102 EQ1 B N1A   1 
HETATM 764 N  N1B   B EQ1 I 3 .  ? 1.310   16.269  -12.512 0.40 28.95 ?  102 EQ1 B N1B   1 
HETATM 765 N  N1C   B EQ1 I 3 .  ? 9.193   12.170  -15.907 0.40 47.23 ?  102 EQ1 B N1C   1 
HETATM 766 O  O1A   B EQ1 I 3 .  ? 9.399   11.002  -13.669 0.40 47.60 ?  102 EQ1 B O1A   1 
HETATM 767 O  O1G   B EQ1 I 3 .  ? 7.509   16.198  -15.147 0.40 55.60 ?  102 EQ1 B O1G   1 
HETATM 768 C  C2A   B EQ1 I 3 .  ? 1.735   11.157  -13.546 0.40 39.54 ?  102 EQ1 B C2A   1 
HETATM 769 C  C2B   B EQ1 I 3 .  ? 0.484   15.752  -13.514 0.40 26.87 ?  102 EQ1 B C2B   1 
HETATM 770 C  C2C   B EQ1 I 3 .  ? 8.795   13.402  -17.603 0.40 51.29 ?  102 EQ1 B C2C   1 
HETATM 771 C  C2D   B EQ1 I 3 .  ? 4.425   9.296   -16.862 0.40 41.04 ?  102 EQ1 B C2D   1 
HETATM 772 C  C2E   B EQ1 I 3 .  ? 2.255   14.534  -17.806 0.40 38.02 ?  102 EQ1 B C2E   1 
HETATM 773 N  N2A   B EQ1 I 3 .  ? 0.428   11.088  -13.803 0.40 39.24 ?  102 EQ1 B N2A   1 
HETATM 774 N  N2B   B EQ1 I 3 .  ? -0.826  15.941  -13.446 0.40 27.20 ?  102 EQ1 B N2B   1 
HETATM 775 N  N2C   B EQ1 I 3 .  ? 8.306   14.016  -16.513 0.40 51.55 ?  102 EQ1 B N2C   1 
HETATM 776 O  O2A   B EQ1 I 3 .  ? 10.781  10.247  -15.644 0.40 43.78 ?  102 EQ1 B O2A   1 
HETATM 777 O  O2D   B EQ1 I 3 .  ? 4.197   8.143   -17.695 0.40 38.90 ?  102 EQ1 B O2D   1 
HETATM 778 O  O2E   B EQ1 I 3 .  ? 1.096   14.055  -18.516 0.40 37.05 ?  102 EQ1 B O2E   1 
HETATM 779 O  O2G   B EQ1 I 3 .  ? 8.031   16.431  -17.566 0.40 50.13 ?  102 EQ1 B O2G   1 
HETATM 780 C  C3C   B EQ1 I 3 .  ? 9.352   12.256  -17.222 0.40 47.93 ?  102 EQ1 B C3C   1 
HETATM 781 C  C3D   B EQ1 I 3 .  ? 5.526   10.151  -17.428 0.40 42.34 ?  102 EQ1 B C3D   1 
HETATM 782 C  C3E   B EQ1 I 3 .  ? 3.412   14.602  -18.786 0.40 41.35 ?  102 EQ1 B C3E   1 
HETATM 783 N  N3A   B EQ1 I 3 .  ? 2.610   10.403  -14.232 0.40 38.85 ?  102 EQ1 B N3A   1 
HETATM 784 N  N3B   B EQ1 I 3 .  ? 1.024   15.061  -14.532 0.40 27.90 ?  102 EQ1 B N3B   1 
HETATM 785 N  N3C   B EQ1 I 3 .  ? 8.205   13.529  -14.248 0.40 40.94 ?  102 EQ1 B N3C   1 
HETATM 786 O  O3D   B EQ1 I 3 .  ? 5.439   10.224  -18.857 0.40 43.35 ?  102 EQ1 B O3D   1 
HETATM 787 O  O3E   B EQ1 I 3 .  ? 2.857   14.326  -20.109 0.40 40.25 ?  102 EQ1 B O3E   1 
HETATM 788 C  C4A   B EQ1 I 3 .  ? 3.926   10.479  -13.967 0.40 39.08 ?  102 EQ1 B C4A   1 
HETATM 789 C  C4B   B EQ1 I 3 .  ? 2.365   14.881  -14.581 0.40 29.70 ?  102 EQ1 B C4B   1 
HETATM 790 C  C4D   B EQ1 I 3 .  ? 6.779   9.418   -17.020 0.40 41.55 ?  102 EQ1 B C4D   1 
HETATM 791 C  C4E   B EQ1 I 3 .  ? 4.419   13.497  -18.324 0.40 41.15 ?  102 EQ1 B C4E   1 
HETATM 792 O  O4D   B EQ1 I 3 .  ? 6.439   8.721   -15.791 0.40 41.75 ?  102 EQ1 B O4D   1 
HETATM 793 O  O4E   B EQ1 I 3 .  ? 3.810   12.841  -17.145 0.40 39.70 ?  102 EQ1 B O4E   1 
HETATM 794 C  C5A   B EQ1 I 3 .  ? 4.406   11.303  -13.028 0.40 38.50 ?  102 EQ1 B C5A   1 
HETATM 795 C  C5B   B EQ1 I 3 .  ? 3.180   15.372  -13.632 0.40 29.73 ?  102 EQ1 B C5B   1 
HETATM 796 C  C5D   B EQ1 I 3 .  ? 7.862   10.459  -16.800 0.40 42.95 ?  102 EQ1 B C5D   1 
HETATM 797 C  C5E   B EQ1 I 3 .  ? 5.872   13.983  -18.051 0.40 43.47 ?  102 EQ1 B C5E   1 
HETATM 798 O  O5D   B EQ1 I 3 .  ? 8.415   10.151  -15.562 0.40 44.09 ?  102 EQ1 B O5D   1 
HETATM 799 O  O5E   B EQ1 I 3 .  ? 5.974   14.957  -16.964 0.40 49.49 ?  102 EQ1 B O5E   1 
HETATM 800 C  C6A   B EQ1 I 3 .  ? 3.602   12.071  -12.309 0.40 39.51 ?  102 EQ1 B C6A   1 
HETATM 801 C  C6B   B EQ1 I 3 .  ? 2.696   16.056  -12.598 0.40 28.77 ?  102 EQ1 B C6B   1 
HETATM 802 O  O6A   B EQ1 I 3 .  ? 4.071   12.819  -11.447 0.40 39.45 ?  102 EQ1 B O6A   1 
HETATM 803 O  O6B   B EQ1 I 3 .  ? 3.452   16.499  -11.732 0.40 28.54 ?  102 EQ1 B O6B   1 
HETATM 804 N  N7A   B EQ1 I 3 .  ? 5.725   11.178  -12.991 0.40 38.67 ?  102 EQ1 B N7A   1 
HETATM 805 N  N7B   B EQ1 I 3 .  ? 4.432   15.057  -13.938 0.40 28.80 ?  102 EQ1 B N7B   1 
HETATM 806 C  C8A   B EQ1 I 3 .  ? 6.071   10.282  -13.902 0.40 39.51 ?  102 EQ1 B C8A   1 
HETATM 807 C  C8B   B EQ1 I 3 .  ? 4.387   14.358  -15.061 0.40 31.08 ?  102 EQ1 B C8B   1 
HETATM 808 N  N9A   B EQ1 I 3 .  ? 4.966   9.859   -14.506 0.40 39.30 ?  102 EQ1 B N9A   1 
HETATM 809 N  N9B   B EQ1 I 3 .  ? 3.127   14.254  -15.466 0.40 30.54 ?  102 EQ1 B N9B   1 
HETATM 810 MG MG    . MG  J 4 .  ? 4.141   8.409   -20.035 0.33 46.30 ?  103 MG  B MG    1 
HETATM 811 O  O     . HOH K 5 .  ? 3.658   -6.205  -5.441  1.00 28.89 ?  201 HOH A O     1 
HETATM 812 O  O     . HOH K 5 .  ? -2.858  2.562   -5.695  1.00 39.12 ?  202 HOH A O     1 
HETATM 813 O  O     . HOH K 5 .  ? 0.717   0.796   -5.226  1.00 31.99 ?  203 HOH A O     1 
HETATM 814 O  O     . HOH K 5 .  ? 7.085   -6.843  -2.529  1.00 36.60 ?  204 HOH A O     1 
HETATM 815 O  O     . HOH K 5 .  ? 5.405   -2.417  2.197   1.00 33.75 ?  205 HOH A O     1 
HETATM 816 O  O     . HOH K 5 .  ? -5.593  3.635   -6.269  1.00 37.33 ?  206 HOH A O     1 
HETATM 817 O  O     . HOH K 5 .  ? 4.626   -4.441  -8.458  1.00 34.39 ?  207 HOH A O     1 
HETATM 818 O  O     . HOH K 5 .  ? 3.788   -5.579  -0.266  1.00 34.86 ?  208 HOH A O     1 
HETATM 819 O  O     . HOH K 5 .  ? 1.781   -5.250  -2.538  1.00 40.02 ?  209 HOH A O     1 
HETATM 820 O  O     . HOH K 5 .  ? -8.223  -10.006 10.466  1.00 42.70 ?  210 HOH A O     1 
HETATM 821 O  O     . HOH K 5 .  ? -0.374  -4.330  -6.250  1.00 45.72 ?  211 HOH A O     1 
HETATM 822 O  O     . HOH K 5 .  ? -0.915  -2.527  -10.910 0.33 33.81 ?  212 HOH A O     1 
HETATM 823 O  O     . HOH K 5 .  ? -7.177  -11.886 11.942  1.00 53.76 ?  213 HOH A O     1 
HETATM 824 O  O     . HOH K 5 .  ? 0.394   0.901   1.296   1.00 40.95 ?  214 HOH A O     1 
HETATM 825 O  O     . HOH K 5 .  ? 4.486   -6.591  -2.744  1.00 36.02 ?  215 HOH A O     1 
HETATM 826 O  O     . HOH K 5 .  ? 0.414   -3.848  8.800   1.00 52.64 ?  216 HOH A O     1 
HETATM 827 O  O     . HOH K 5 .  ? -0.382  0.275   20.804  0.33 50.53 ?  217 HOH A O     1 
HETATM 828 O  O     . HOH L 5 .  ? 1.100   -6.648  -0.260  1.00 36.20 ?  201 HOH B O     1 
HETATM 829 O  O     . HOH L 5 .  ? -2.371  -4.759  -0.518  1.00 34.25 ?  202 HOH B O     1 
HETATM 830 O  O     . HOH L 5 .  ? -9.028  2.103   -4.172  1.00 35.06 ?  203 HOH B O     1 
HETATM 831 O  O     . HOH L 5 .  ? -8.467  -4.594  -4.541  1.00 33.01 ?  204 HOH B O     1 
HETATM 832 O  O     . HOH L 5 .  ? 3.570   -8.293  -0.595  1.00 38.43 ?  205 HOH B O     1 
HETATM 833 O  O     . HOH L 5 .  ? -3.865  0.231   -4.641  1.00 39.34 ?  206 HOH B O     1 
HETATM 834 O  O     . HOH L 5 .  ? 7.602   11.162  -5.632  1.00 42.21 ?  207 HOH B O     1 
HETATM 835 O  O     . HOH L 5 .  ? -4.884  2.819   -3.734  1.00 37.38 ?  208 HOH B O     1 
HETATM 836 O  O     . HOH L 5 .  ? 8.613   11.171  -8.999  1.00 44.13 ?  209 HOH B O     1 
HETATM 837 O  O     . HOH L 5 .  ? -3.885  -8.873  -5.605  0.33 34.60 ?  210 HOH B O     1 
HETATM 838 O  O     . HOH L 5 .  ? -2.752  -3.988  -5.680  1.00 49.73 ?  211 HOH B O     1 
HETATM 839 O  O     . HOH L 5 .  ? -6.713  1.185   -5.015  1.00 33.15 ?  212 HOH B O     1 
HETATM 840 O  O     . HOH L 5 .  ? 7.947   13.460  -10.072 1.00 54.99 ?  213 HOH B O     1 
# 
